data_5TXC
#
_entry.id   5TXC
#
_cell.length_a   150.492
_cell.length_b   201.742
_cell.length_c   109.131
_cell.angle_alpha   90.00
_cell.angle_beta   90.00
_cell.angle_gamma   90.00
#
_symmetry.space_group_name_H-M   'C 2 2 2'
#
loop_
_entity.id
_entity.type
_entity.pdbx_description
1 polymer AtxE2
2 water water
#
_entity_poly.entity_id   1
_entity_poly.type   'polypeptide(L)'
_entity_poly.pdbx_seq_one_letter_code
;MRSSKIRCPGAIRVGTLVTAFGCLPHVAFAAAREAPPVTPEVLVRLADIGTMSASETTPLLSLSPDGRYVAFQVRQADPV
TNLNVFRMVVKATDGATDAIDVDVGGEYLFWTIPSWGYARNAPSGANLTIQPRWSPSGTHLAYLRQDQGRVRVWRASVKG
EGASPVIEDAYDIEDVQWLDDNTLIYSGRPGFVEAEAEIEREGRRGWVYDERFHPLTGARPRVLEPISIVYQVLDLKTGT
RRAATPTEVARLREKPDPLRAMVGRTTFSVSRTDPQNINAPTTLVARRGEGEPVRCDEEACQNITRMWGDETANVLYFLR
REGWASNEMALYRMPADALKPVRIWHATGLLQGCERQAKRLICAQESALQPRRLVTLNLTSGQMSPLYDPNPDLSRYRLP
KVERLTLRNRNGIEVFSDLVLPPDYQLGTRLPLVIVQYSSRGFLRGGTGDENPILPLATAGFAVLSFHSPRSEASYQRFT
SPIAQSKAEYSNWRNRWNILHTLEDLIDDLDRRGVIDPARVGLTGLSDGATTVHFGLINSHRFAAAVTSSCCTDSFTASV
MNGPRISGALKAYGIETDQADDGPFWAATSFVVNASRLDTPLLIQSADEEYLGALPGFTALQQARKPVELIIYPNEHHVK
WQPAHRLAVYNRTIDWFRFWLMDQSDPAPDKAAQYDRWRALRALRQKSPSPTPAPGSRSHHHHHH
;
_entity_poly.pdbx_strand_id   A,B
#
# COMPACT_ATOMS: atom_id res chain seq x y z
N GLU A 34 9.59 -39.69 29.84
CA GLU A 34 10.29 -39.46 28.58
C GLU A 34 9.31 -39.22 27.43
N ALA A 35 9.84 -39.34 26.21
CA ALA A 35 9.14 -39.05 24.96
C ALA A 35 8.99 -37.55 24.79
N PRO A 36 9.45 -36.99 23.67
CA PRO A 36 9.49 -35.54 23.53
C PRO A 36 8.10 -34.96 23.31
N PRO A 37 7.89 -33.69 23.67
CA PRO A 37 6.58 -33.06 23.47
C PRO A 37 6.46 -32.44 22.07
N VAL A 38 5.22 -32.26 21.64
CA VAL A 38 4.93 -31.54 20.40
C VAL A 38 4.96 -30.05 20.70
N THR A 39 5.91 -29.35 20.12
CA THR A 39 6.16 -27.93 20.30
C THR A 39 5.87 -27.19 19.01
N PRO A 40 5.82 -25.86 19.05
CA PRO A 40 5.70 -25.12 17.78
C PRO A 40 6.80 -25.49 16.79
N GLU A 41 8.03 -25.71 17.27
CA GLU A 41 9.13 -26.10 16.40
C GLU A 41 8.83 -27.43 15.70
N VAL A 42 8.25 -28.39 16.43
CA VAL A 42 7.82 -29.64 15.79
C VAL A 42 6.71 -29.36 14.79
N LEU A 43 5.62 -28.71 15.25
CA LEU A 43 4.43 -28.54 14.43
C LEU A 43 4.72 -27.90 13.07
N VAL A 44 5.45 -26.78 13.05
CA VAL A 44 5.62 -26.07 11.78
C VAL A 44 6.42 -26.91 10.79
N ARG A 45 7.13 -27.93 11.28
CA ARG A 45 7.97 -28.75 10.42
C ARG A 45 7.29 -30.02 9.93
N LEU A 46 6.08 -30.32 10.41
CA LEU A 46 5.40 -31.51 9.92
C LEU A 46 5.11 -31.40 8.42
N ALA A 47 5.65 -32.34 7.64
CA ALA A 47 5.47 -32.33 6.20
C ALA A 47 4.00 -32.53 5.86
N ASP A 48 3.63 -32.14 4.63
CA ASP A 48 2.25 -32.14 4.16
C ASP A 48 2.23 -32.50 2.68
N ILE A 49 1.04 -32.87 2.19
CA ILE A 49 0.85 -33.28 0.80
C ILE A 49 -0.35 -32.52 0.22
N GLY A 50 -0.10 -31.71 -0.82
CA GLY A 50 -1.14 -30.97 -1.49
C GLY A 50 -1.54 -29.70 -0.77
N THR A 51 -2.56 -29.03 -1.32
CA THR A 51 -3.01 -27.76 -0.75
C THR A 51 -3.50 -27.97 0.68
N MET A 52 -3.31 -26.95 1.53
CA MET A 52 -3.60 -27.10 2.96
C MET A 52 -5.00 -27.66 3.19
N SER A 53 -5.99 -27.15 2.49
CA SER A 53 -7.40 -27.52 2.67
C SER A 53 -7.85 -28.54 1.64
N ALA A 54 -7.14 -29.64 1.55
CA ALA A 54 -7.48 -30.68 0.59
C ALA A 54 -8.68 -31.47 1.11
N SER A 55 -9.58 -31.83 0.19
CA SER A 55 -10.72 -32.65 0.52
C SER A 55 -10.82 -33.82 -0.46
N GLU A 56 -11.98 -34.50 -0.48
CA GLU A 56 -12.12 -35.79 -1.17
C GLU A 56 -11.67 -35.75 -2.63
N THR A 57 -11.98 -34.69 -3.36
CA THR A 57 -11.65 -34.67 -4.78
C THR A 57 -10.37 -33.91 -5.11
N THR A 58 -9.60 -33.49 -4.11
CA THR A 58 -8.33 -32.80 -4.36
C THR A 58 -7.35 -33.74 -5.04
N PRO A 59 -6.89 -33.46 -6.39
CA PRO A 59 -6.03 -34.40 -7.14
C PRO A 59 -4.57 -34.31 -6.75
N LEU A 60 -4.28 -34.70 -5.52
CA LEU A 60 -2.96 -34.52 -4.93
C LEU A 60 -2.02 -35.67 -5.24
N LEU A 61 -2.52 -36.77 -5.80
CA LEU A 61 -1.67 -37.90 -6.11
C LEU A 61 -2.06 -38.40 -7.50
N SER A 62 -1.14 -39.15 -8.12
CA SER A 62 -1.39 -39.81 -9.40
C SER A 62 -0.86 -41.24 -9.41
N LEU A 63 -1.71 -42.17 -9.85
CA LEU A 63 -1.27 -43.51 -10.18
C LEU A 63 -0.61 -43.53 -11.55
N SER A 64 0.48 -44.30 -11.67
CA SER A 64 1.03 -44.57 -13.00
C SER A 64 -0.01 -45.33 -13.82
N PRO A 65 0.11 -45.30 -15.15
CA PRO A 65 -0.87 -46.02 -15.98
C PRO A 65 -1.09 -47.49 -15.59
N ASP A 66 -0.04 -48.20 -15.17
CA ASP A 66 -0.14 -49.60 -14.78
C ASP A 66 -0.38 -49.79 -13.28
N GLY A 67 -0.59 -48.71 -12.54
CA GLY A 67 -0.94 -48.79 -11.14
C GLY A 67 0.15 -49.22 -10.19
N ARG A 68 1.39 -49.36 -10.66
CA ARG A 68 2.44 -49.85 -9.78
C ARG A 68 3.11 -48.76 -8.97
N TYR A 69 2.97 -47.49 -9.39
CA TYR A 69 3.58 -46.36 -8.69
C TYR A 69 2.56 -45.25 -8.47
N VAL A 70 2.73 -44.52 -7.37
CA VAL A 70 1.97 -43.32 -7.07
C VAL A 70 2.95 -42.16 -6.94
N ALA A 71 2.63 -41.05 -7.58
CA ALA A 71 3.41 -39.82 -7.56
C ALA A 71 2.66 -38.71 -6.81
N PHE A 72 3.40 -37.94 -5.99
CA PHE A 72 2.82 -36.93 -5.11
C PHE A 72 3.91 -35.98 -4.62
N GLN A 73 3.57 -34.71 -4.45
CA GLN A 73 4.52 -33.72 -3.94
C GLN A 73 4.48 -33.64 -2.41
N VAL A 74 5.64 -33.66 -1.78
CA VAL A 74 5.74 -33.46 -0.34
C VAL A 74 6.28 -32.05 -0.10
N ARG A 75 5.71 -31.36 0.87
CA ARG A 75 6.13 -30.02 1.26
C ARG A 75 6.56 -30.05 2.72
N GLN A 76 7.72 -29.46 3.01
CA GLN A 76 8.19 -29.38 4.38
C GLN A 76 8.78 -28.00 4.65
N ALA A 77 8.31 -27.38 5.71
CA ALA A 77 8.62 -26.00 6.02
C ALA A 77 9.81 -25.94 6.96
N ASP A 78 10.72 -25.04 6.66
CA ASP A 78 11.89 -24.81 7.51
C ASP A 78 11.85 -23.38 8.04
N PRO A 79 11.56 -23.20 9.33
CA PRO A 79 11.48 -21.84 9.88
C PRO A 79 12.83 -21.15 10.00
N VAL A 80 13.95 -21.88 9.97
CA VAL A 80 15.25 -21.22 10.07
C VAL A 80 15.66 -20.59 8.74
N THR A 81 15.64 -21.36 7.64
CA THR A 81 15.86 -20.77 6.31
C THR A 81 14.67 -19.94 5.81
N ASN A 82 13.52 -20.02 6.49
CA ASN A 82 12.27 -19.38 6.01
C ASN A 82 11.88 -19.83 4.61
N LEU A 83 12.11 -21.10 4.31
CA LEU A 83 11.71 -21.64 3.02
C LEU A 83 11.04 -22.98 3.20
N ASN A 84 10.18 -23.29 2.23
CA ASN A 84 9.59 -24.60 2.11
C ASN A 84 10.47 -25.40 1.16
N VAL A 85 10.64 -26.68 1.45
CA VAL A 85 11.35 -27.61 0.58
C VAL A 85 10.30 -28.50 -0.09
N PHE A 86 10.15 -28.40 -1.40
CA PHE A 86 9.22 -29.23 -2.15
C PHE A 86 9.98 -30.38 -2.81
N ARG A 87 9.43 -31.59 -2.72
CA ARG A 87 9.98 -32.72 -3.44
C ARG A 87 8.88 -33.49 -4.15
N MET A 88 9.17 -33.91 -5.38
CA MET A 88 8.28 -34.80 -6.12
C MET A 88 8.66 -36.23 -5.78
N VAL A 89 7.69 -37.02 -5.33
CA VAL A 89 7.98 -38.33 -4.80
C VAL A 89 7.25 -39.39 -5.63
N VAL A 90 7.87 -40.57 -5.73
CA VAL A 90 7.31 -41.74 -6.40
C VAL A 90 7.50 -42.91 -5.46
N LYS A 91 6.39 -43.55 -5.08
CA LYS A 91 6.48 -44.77 -4.29
C LYS A 91 5.71 -45.87 -5.00
N ALA A 92 6.21 -47.09 -4.84
CA ALA A 92 5.59 -48.25 -5.44
C ALA A 92 4.40 -48.69 -4.61
N THR A 93 3.27 -48.92 -5.26
CA THR A 93 2.06 -49.22 -4.49
C THR A 93 2.14 -50.56 -3.77
N ASP A 94 3.08 -51.45 -4.12
CA ASP A 94 3.13 -52.68 -3.34
C ASP A 94 3.86 -52.48 -2.01
N GLY A 95 4.46 -51.31 -1.79
CA GLY A 95 5.11 -50.98 -0.54
C GLY A 95 6.40 -51.71 -0.28
N ALA A 96 7.00 -52.27 -1.32
CA ALA A 96 8.17 -53.11 -1.20
C ALA A 96 9.46 -52.32 -1.27
N THR A 97 9.50 -51.27 -2.09
CA THR A 97 10.64 -50.37 -2.21
C THR A 97 10.42 -49.05 -1.47
N ASP A 98 11.53 -48.37 -1.17
CA ASP A 98 11.44 -47.05 -0.57
C ASP A 98 11.01 -46.02 -1.60
N ALA A 99 10.45 -44.92 -1.11
CA ALA A 99 10.08 -43.84 -2.00
C ALA A 99 11.33 -43.20 -2.59
N ILE A 100 11.17 -42.52 -3.72
CA ILE A 100 12.30 -41.93 -4.42
C ILE A 100 11.98 -40.48 -4.75
N ASP A 101 12.86 -39.58 -4.35
CA ASP A 101 12.70 -38.18 -4.71
C ASP A 101 13.17 -38.01 -6.15
N VAL A 102 12.21 -37.83 -7.07
CA VAL A 102 12.55 -37.63 -8.48
C VAL A 102 12.76 -36.17 -8.80
N ASP A 103 12.51 -35.29 -7.86
CA ASP A 103 12.87 -33.89 -7.99
C ASP A 103 12.83 -33.28 -6.61
N VAL A 104 13.68 -32.28 -6.39
CA VAL A 104 13.70 -31.50 -5.15
C VAL A 104 13.91 -30.04 -5.54
N GLY A 105 13.18 -29.15 -4.89
CA GLY A 105 13.24 -27.73 -5.16
C GLY A 105 11.95 -27.17 -5.73
N GLY A 106 11.96 -25.87 -5.94
CA GLY A 106 10.83 -25.04 -6.34
C GLY A 106 10.42 -24.08 -5.24
N GLU A 107 9.81 -22.97 -5.65
CA GLU A 107 9.24 -21.98 -4.74
C GLU A 107 7.78 -22.27 -4.49
N TYR A 108 7.26 -21.67 -3.43
CA TYR A 108 5.87 -21.80 -3.06
C TYR A 108 4.98 -21.25 -4.16
N LEU A 109 4.15 -22.12 -4.74
CA LEU A 109 3.32 -21.75 -5.87
C LEU A 109 1.91 -21.44 -5.39
N PHE A 110 1.47 -20.21 -5.60
CA PHE A 110 0.19 -19.77 -5.04
C PHE A 110 -0.95 -20.23 -5.90
N TRP A 111 -1.95 -20.82 -5.25
CA TRP A 111 -3.17 -21.21 -5.94
C TRP A 111 -4.04 -19.99 -6.22
N THR A 112 -4.39 -19.78 -7.49
CA THR A 112 -5.08 -18.57 -7.89
C THR A 112 -6.29 -18.88 -8.78
N ILE A 113 -7.36 -18.11 -8.60
CA ILE A 113 -8.55 -18.21 -9.45
C ILE A 113 -9.12 -16.82 -9.67
N PRO A 114 -9.75 -16.62 -10.83
CA PRO A 114 -10.62 -15.45 -11.01
C PRO A 114 -11.76 -15.48 -10.01
N SER A 115 -12.15 -14.31 -9.50
CA SER A 115 -13.10 -14.39 -8.39
C SER A 115 -14.13 -13.26 -8.25
N TRP A 116 -13.81 -12.03 -8.61
CA TRP A 116 -14.87 -11.03 -8.57
C TRP A 116 -15.10 -10.37 -9.91
N GLY A 117 -14.82 -11.10 -10.99
CA GLY A 117 -14.75 -10.47 -12.28
C GLY A 117 -13.38 -9.92 -12.52
N TYR A 118 -12.48 -10.14 -11.55
CA TYR A 118 -11.05 -9.94 -11.71
C TYR A 118 -10.47 -11.22 -12.29
N ALA A 119 -9.47 -11.06 -13.16
CA ALA A 119 -8.89 -12.22 -13.83
C ALA A 119 -7.99 -13.00 -12.90
N ARG A 120 -7.27 -12.33 -12.01
CA ARG A 120 -6.35 -13.03 -11.12
C ARG A 120 -6.26 -12.22 -9.83
N ASN A 121 -7.01 -12.64 -8.81
CA ASN A 121 -6.98 -11.94 -7.54
C ASN A 121 -5.62 -12.08 -6.88
N ALA A 122 -5.41 -11.25 -5.86
CA ALA A 122 -4.26 -11.44 -5.01
C ALA A 122 -4.32 -12.84 -4.39
N PRO A 123 -3.19 -13.54 -4.28
CA PRO A 123 -3.22 -14.90 -3.74
C PRO A 123 -3.88 -14.95 -2.37
N SER A 124 -4.72 -15.97 -2.18
CA SER A 124 -5.24 -16.24 -0.84
C SER A 124 -4.13 -16.64 0.11
N GLY A 125 -3.04 -17.21 -0.42
CA GLY A 125 -1.93 -17.74 0.33
C GLY A 125 -1.81 -19.25 0.32
N ALA A 126 -2.83 -19.96 -0.14
CA ALA A 126 -2.75 -21.42 -0.22
C ALA A 126 -1.84 -21.85 -1.36
N ASN A 127 -1.10 -22.93 -1.16
CA ASN A 127 -0.25 -23.50 -2.20
C ASN A 127 -1.07 -24.29 -3.21
N LEU A 128 -0.69 -24.20 -4.49
CA LEU A 128 -1.35 -24.99 -5.53
C LEU A 128 -1.08 -26.47 -5.31
N THR A 129 -2.12 -27.30 -5.47
CA THR A 129 -1.91 -28.73 -5.45
C THR A 129 -1.25 -29.14 -6.75
N ILE A 130 -0.15 -29.87 -6.65
CA ILE A 130 0.63 -30.26 -7.81
C ILE A 130 0.21 -31.66 -8.21
N GLN A 131 -0.44 -31.81 -9.37
CA GLN A 131 -0.88 -33.13 -9.81
C GLN A 131 0.11 -33.66 -10.81
N PRO A 132 0.97 -34.61 -10.46
CA PRO A 132 1.94 -35.14 -11.43
C PRO A 132 1.25 -35.92 -12.53
N ARG A 133 1.72 -35.72 -13.76
CA ARG A 133 1.16 -36.39 -14.93
C ARG A 133 2.17 -37.40 -15.47
N TRP A 134 1.79 -38.68 -15.41
CA TRP A 134 2.62 -39.75 -15.93
C TRP A 134 2.62 -39.77 -17.46
N SER A 135 3.79 -40.01 -18.05
CA SER A 135 3.85 -40.26 -19.48
C SER A 135 3.22 -41.60 -19.81
N PRO A 136 2.65 -41.74 -21.01
CA PRO A 136 2.04 -43.04 -21.38
C PRO A 136 2.92 -44.23 -21.08
N SER A 137 4.23 -44.08 -21.22
CA SER A 137 5.17 -45.16 -20.95
C SER A 137 5.33 -45.47 -19.47
N GLY A 138 4.89 -44.57 -18.58
CA GLY A 138 5.20 -44.73 -17.16
C GLY A 138 6.63 -44.39 -16.83
N THR A 139 7.27 -43.59 -17.67
CA THR A 139 8.70 -43.29 -17.66
C THR A 139 9.03 -41.92 -17.07
N HIS A 140 8.23 -40.92 -17.38
CA HIS A 140 8.47 -39.57 -16.91
C HIS A 140 7.22 -39.00 -16.25
N LEU A 141 7.45 -38.01 -15.39
CA LEU A 141 6.38 -37.18 -14.86
C LEU A 141 6.48 -35.81 -15.47
N ALA A 142 5.34 -35.16 -15.69
CA ALA A 142 5.29 -33.73 -16.00
C ALA A 142 4.47 -33.00 -14.94
N TYR A 143 4.92 -31.82 -14.54
CA TYR A 143 4.27 -31.12 -13.45
C TYR A 143 4.71 -29.66 -13.45
N LEU A 144 3.85 -28.82 -12.91
CA LEU A 144 4.14 -27.40 -12.74
C LEU A 144 5.11 -27.19 -11.58
N ARG A 145 6.07 -26.29 -11.79
CA ARG A 145 7.02 -25.91 -10.76
C ARG A 145 7.39 -24.44 -10.96
N GLN A 146 7.60 -23.75 -9.84
CA GLN A 146 7.93 -22.31 -9.87
C GLN A 146 9.37 -22.08 -9.43
N ASP A 147 10.08 -21.28 -10.23
CA ASP A 147 11.40 -20.75 -9.90
C ASP A 147 11.46 -19.33 -10.42
N GLN A 148 12.13 -18.45 -9.65
CA GLN A 148 12.28 -17.04 -10.03
C GLN A 148 10.92 -16.43 -10.39
N GLY A 149 9.89 -16.82 -9.64
CA GLY A 149 8.59 -16.22 -9.79
C GLY A 149 7.85 -16.55 -11.08
N ARG A 150 8.31 -17.55 -11.85
CA ARG A 150 7.61 -17.96 -13.06
C ARG A 150 7.34 -19.46 -13.02
N VAL A 151 6.12 -19.84 -13.37
CA VAL A 151 5.67 -21.23 -13.29
C VAL A 151 5.97 -21.91 -14.63
N ARG A 152 6.72 -23.00 -14.57
CA ARG A 152 7.17 -23.77 -15.72
C ARG A 152 6.60 -25.19 -15.65
N VAL A 153 6.70 -25.92 -16.78
CA VAL A 153 6.57 -27.37 -16.76
C VAL A 153 7.96 -28.00 -16.65
N TRP A 154 8.08 -29.00 -15.79
CA TRP A 154 9.31 -29.76 -15.60
C TRP A 154 9.02 -31.23 -15.92
N ARG A 155 10.04 -31.98 -16.33
CA ARG A 155 9.92 -33.43 -16.49
C ARG A 155 10.98 -34.12 -15.66
N ALA A 156 10.66 -35.32 -15.18
CA ALA A 156 11.52 -36.02 -14.25
C ALA A 156 11.53 -37.51 -14.55
N SER A 157 12.71 -38.11 -14.48
CA SER A 157 12.80 -39.55 -14.51
C SER A 157 12.15 -40.08 -13.26
N VAL A 158 11.35 -41.13 -13.41
CA VAL A 158 10.68 -41.68 -12.24
C VAL A 158 11.65 -42.49 -11.41
N LYS A 159 12.70 -43.00 -12.06
CA LYS A 159 13.94 -43.41 -11.39
C LYS A 159 14.97 -43.48 -12.51
N GLY A 160 16.05 -42.68 -12.40
CA GLY A 160 17.16 -42.57 -13.35
C GLY A 160 17.51 -41.09 -13.37
N GLU A 161 17.64 -40.55 -12.17
CA GLU A 161 17.00 -39.28 -11.83
C GLU A 161 17.49 -38.10 -12.65
N GLY A 162 16.58 -37.15 -12.88
CA GLY A 162 16.76 -36.06 -13.81
C GLY A 162 15.87 -34.88 -13.51
N ALA A 163 16.45 -33.68 -13.44
CA ALA A 163 15.76 -32.43 -13.11
C ALA A 163 15.14 -31.81 -14.34
N SER A 164 15.61 -30.63 -14.72
CA SER A 164 15.36 -30.02 -16.03
C SER A 164 13.94 -29.49 -16.25
N PRO A 165 13.79 -28.16 -16.35
CA PRO A 165 12.56 -27.58 -16.91
C PRO A 165 12.44 -27.88 -18.39
N VAL A 166 11.22 -27.70 -18.91
CA VAL A 166 10.92 -28.21 -20.25
C VAL A 166 10.06 -27.22 -21.04
N ILE A 167 9.01 -26.65 -20.42
CA ILE A 167 8.19 -25.64 -21.07
C ILE A 167 8.25 -24.36 -20.24
N GLU A 168 8.48 -23.25 -20.92
CA GLU A 168 8.57 -21.93 -20.31
C GLU A 168 7.99 -20.92 -21.30
N ASP A 169 7.24 -19.94 -20.79
CA ASP A 169 6.59 -18.97 -21.66
C ASP A 169 6.52 -17.63 -20.94
N ALA A 170 5.99 -16.61 -21.63
CA ALA A 170 5.85 -15.27 -21.05
C ALA A 170 4.90 -15.26 -19.87
N TYR A 171 4.01 -16.24 -19.81
CA TYR A 171 3.02 -16.40 -18.78
C TYR A 171 3.32 -17.65 -17.97
N ASP A 172 2.66 -17.76 -16.81
CA ASP A 172 2.74 -18.98 -16.03
C ASP A 172 1.96 -20.09 -16.72
N ILE A 173 2.51 -21.29 -16.70
CA ILE A 173 1.78 -22.45 -17.20
C ILE A 173 0.75 -22.85 -16.16
N GLU A 174 -0.53 -22.93 -16.57
CA GLU A 174 -1.60 -23.27 -15.64
C GLU A 174 -1.94 -24.77 -15.61
N ASP A 175 -1.57 -25.54 -16.64
CA ASP A 175 -1.92 -26.95 -16.75
C ASP A 175 -1.07 -27.57 -17.85
N VAL A 176 -0.92 -28.89 -17.79
CA VAL A 176 -0.09 -29.64 -18.73
C VAL A 176 -0.61 -31.08 -18.78
N GLN A 177 -0.61 -31.68 -19.98
CA GLN A 177 -0.86 -33.11 -20.16
C GLN A 177 0.11 -33.65 -21.21
N TRP A 178 0.29 -34.97 -21.21
CA TRP A 178 1.01 -35.62 -22.29
C TRP A 178 0.02 -35.97 -23.39
N LEU A 179 0.36 -35.56 -24.62
CA LEU A 179 -0.38 -36.10 -25.76
C LEU A 179 0.19 -37.45 -26.17
N ASP A 180 1.51 -37.62 -26.05
CA ASP A 180 2.22 -38.90 -26.18
C ASP A 180 3.53 -38.81 -25.40
N ASP A 181 4.45 -39.74 -25.64
CA ASP A 181 5.65 -39.76 -24.81
C ASP A 181 6.61 -38.63 -25.14
N ASN A 182 6.38 -37.89 -26.22
CA ASN A 182 7.27 -36.81 -26.63
C ASN A 182 6.54 -35.50 -26.84
N THR A 183 5.24 -35.44 -26.60
CA THR A 183 4.47 -34.25 -26.90
C THR A 183 3.73 -33.85 -25.64
N LEU A 184 3.72 -32.55 -25.35
CA LEU A 184 3.07 -31.99 -24.19
C LEU A 184 2.16 -30.87 -24.65
N ILE A 185 0.95 -30.83 -24.13
CA ILE A 185 0.07 -29.69 -24.32
C ILE A 185 0.01 -28.97 -22.98
N TYR A 186 -0.07 -27.63 -23.03
CA TYR A 186 -0.09 -26.82 -21.82
C TYR A 186 -0.99 -25.61 -22.04
N SER A 187 -1.49 -25.06 -20.94
CA SER A 187 -2.39 -23.91 -20.98
C SER A 187 -1.80 -22.74 -20.21
N GLY A 188 -2.31 -21.55 -20.52
CA GLY A 188 -1.90 -20.35 -19.83
C GLY A 188 -2.65 -19.18 -20.41
N ARG A 189 -2.42 -18.00 -19.83
CA ARG A 189 -3.11 -16.78 -20.28
C ARG A 189 -2.12 -15.68 -20.61
N PRO A 190 -1.64 -15.59 -21.86
CA PRO A 190 -0.80 -14.44 -22.23
C PRO A 190 -1.59 -13.14 -22.34
N GLY A 191 -2.89 -13.21 -22.64
CA GLY A 191 -3.70 -12.01 -22.65
C GLY A 191 -3.79 -11.32 -21.30
N PHE A 192 -3.52 -12.05 -20.22
CA PHE A 192 -3.40 -11.45 -18.90
C PHE A 192 -2.16 -10.58 -18.82
N VAL A 193 -1.04 -11.06 -19.39
CA VAL A 193 0.21 -10.31 -19.41
C VAL A 193 0.11 -9.08 -20.34
N GLU A 194 -0.62 -9.18 -21.45
CA GLU A 194 -0.84 -8.01 -22.29
C GLU A 194 -1.69 -6.96 -21.57
N ALA A 195 -2.69 -7.42 -20.81
CA ALA A 195 -3.54 -6.48 -20.10
C ALA A 195 -2.75 -5.73 -19.02
N GLU A 196 -1.80 -6.40 -18.37
CA GLU A 196 -0.94 -5.70 -17.42
C GLU A 196 -0.09 -4.65 -18.12
N ALA A 197 0.43 -4.99 -19.30
CA ALA A 197 1.21 -4.04 -20.06
C ALA A 197 0.37 -2.85 -20.46
N GLU A 198 -0.92 -3.08 -20.70
CA GLU A 198 -1.83 -2.00 -21.07
C GLU A 198 -2.15 -1.09 -19.88
N ILE A 199 -2.27 -1.69 -18.69
CA ILE A 199 -2.48 -0.94 -17.46
C ILE A 199 -1.29 -0.03 -17.20
N GLU A 200 -0.08 -0.57 -17.41
CA GLU A 200 1.16 0.21 -17.26
C GLU A 200 1.17 1.42 -18.19
N ARG A 201 0.67 1.25 -19.42
CA ARG A 201 0.63 2.36 -20.37
C ARG A 201 -0.39 3.40 -19.94
N GLU A 202 -1.54 2.93 -19.44
CA GLU A 202 -2.61 3.85 -19.06
C GLU A 202 -2.20 4.71 -17.88
N GLY A 203 -1.36 4.17 -16.98
CA GLY A 203 -0.86 4.93 -15.86
C GLY A 203 -0.10 6.19 -16.25
N ARG A 204 0.41 6.26 -17.48
CA ARG A 204 1.16 7.45 -17.84
C ARG A 204 0.30 8.69 -17.71
N ARG A 205 -1.01 8.53 -17.84
CA ARG A 205 -1.96 9.61 -17.61
C ARG A 205 -2.79 9.42 -16.34
N GLY A 206 -2.44 8.48 -15.47
CA GLY A 206 -3.20 8.22 -14.25
C GLY A 206 -4.43 7.37 -14.47
N TRP A 207 -4.79 6.56 -13.49
CA TRP A 207 -5.94 5.68 -13.61
C TRP A 207 -7.17 6.26 -12.93
N VAL A 208 -8.34 6.10 -13.57
CA VAL A 208 -9.59 6.36 -12.89
C VAL A 208 -9.82 5.31 -11.80
N TYR A 209 -10.05 5.76 -10.57
CA TYR A 209 -10.38 4.84 -9.49
C TYR A 209 -11.77 4.31 -9.77
N ASP A 210 -11.87 3.01 -10.06
CA ASP A 210 -13.17 2.47 -10.43
C ASP A 210 -13.25 0.98 -10.09
N GLU A 211 -14.08 0.27 -10.85
CA GLU A 211 -14.31 -1.16 -10.65
C GLU A 211 -13.03 -1.97 -10.62
N ARG A 212 -11.96 -1.49 -11.28
CA ARG A 212 -10.73 -2.26 -11.32
C ARG A 212 -9.94 -2.25 -10.02
N PHE A 213 -10.28 -1.43 -9.05
CA PHE A 213 -9.41 -1.23 -7.89
C PHE A 213 -9.88 -2.03 -6.68
N HIS A 214 -8.91 -2.63 -5.99
CA HIS A 214 -9.16 -3.31 -4.73
C HIS A 214 -8.09 -2.78 -3.79
N PRO A 215 -8.36 -1.67 -3.09
CA PRO A 215 -7.28 -0.94 -2.39
C PRO A 215 -6.53 -1.75 -1.34
N LEU A 216 -7.21 -2.60 -0.59
CA LEU A 216 -6.59 -3.37 0.49
C LEU A 216 -5.30 -4.05 0.03
N THR A 217 -5.31 -4.58 -1.20
CA THR A 217 -4.22 -5.40 -1.69
C THR A 217 -3.33 -4.69 -2.71
N GLY A 218 -3.45 -3.38 -2.88
CA GLY A 218 -2.51 -2.71 -3.76
C GLY A 218 -3.11 -1.52 -4.47
N ALA A 219 -2.22 -0.68 -5.00
CA ALA A 219 -2.59 0.64 -5.53
C ALA A 219 -2.70 0.70 -7.05
N ARG A 220 -2.82 -0.45 -7.74
CA ARG A 220 -2.89 -0.51 -9.19
C ARG A 220 -4.22 -1.11 -9.66
N PRO A 221 -4.69 -0.77 -10.87
CA PRO A 221 -5.85 -1.47 -11.40
C PRO A 221 -5.57 -2.97 -11.55
N ARG A 222 -6.61 -3.76 -11.35
CA ARG A 222 -6.52 -5.20 -11.57
C ARG A 222 -7.08 -5.52 -12.95
N VAL A 223 -6.59 -6.62 -13.52
CA VAL A 223 -7.10 -7.07 -14.81
C VAL A 223 -8.51 -7.59 -14.61
N LEU A 224 -9.44 -7.10 -15.45
CA LEU A 224 -10.80 -7.62 -15.43
C LEU A 224 -10.97 -8.80 -16.38
N GLU A 225 -11.82 -9.75 -15.97
CA GLU A 225 -12.33 -10.76 -16.90
C GLU A 225 -13.11 -10.03 -17.98
N PRO A 226 -13.19 -10.58 -19.21
CA PRO A 226 -12.72 -11.91 -19.68
C PRO A 226 -11.28 -11.92 -20.19
N ILE A 227 -10.53 -12.93 -19.79
CA ILE A 227 -9.18 -13.17 -20.30
C ILE A 227 -9.12 -14.62 -20.80
N SER A 228 -8.77 -14.82 -22.06
CA SER A 228 -8.84 -16.13 -22.68
C SER A 228 -7.69 -17.03 -22.27
N ILE A 229 -7.98 -18.35 -22.26
CA ILE A 229 -6.99 -19.40 -22.05
C ILE A 229 -6.50 -19.87 -23.41
N VAL A 230 -5.20 -20.11 -23.51
CA VAL A 230 -4.56 -20.47 -24.76
C VAL A 230 -3.85 -21.81 -24.59
N TYR A 231 -4.00 -22.68 -25.59
CA TYR A 231 -3.44 -24.03 -25.53
C TYR A 231 -2.42 -24.20 -26.64
N GLN A 232 -1.20 -24.56 -26.25
CA GLN A 232 -0.08 -24.78 -27.16
C GLN A 232 0.49 -26.15 -26.87
N VAL A 233 1.15 -26.75 -27.87
CA VAL A 233 1.79 -28.06 -27.67
C VAL A 233 3.24 -27.96 -28.06
N LEU A 234 4.08 -28.60 -27.25
CA LEU A 234 5.53 -28.61 -27.42
C LEU A 234 5.95 -30.01 -27.86
N ASP A 235 6.72 -30.07 -28.93
CA ASP A 235 7.40 -31.30 -29.33
C ASP A 235 8.73 -31.36 -28.60
N LEU A 236 8.90 -32.38 -27.77
CA LEU A 236 10.13 -32.46 -26.99
C LEU A 236 11.31 -32.95 -27.81
N LYS A 237 11.10 -33.40 -29.04
CA LYS A 237 12.20 -33.79 -29.93
C LYS A 237 12.74 -32.58 -30.71
N THR A 238 11.86 -31.71 -31.19
CA THR A 238 12.29 -30.55 -31.96
C THR A 238 12.48 -29.30 -31.12
N GLY A 239 11.66 -29.11 -30.09
CA GLY A 239 11.60 -27.84 -29.41
C GLY A 239 10.57 -26.90 -30.00
N THR A 240 9.78 -27.37 -30.97
CA THR A 240 8.77 -26.56 -31.63
C THR A 240 7.50 -26.46 -30.79
N ARG A 241 6.91 -25.28 -30.79
CA ARG A 241 5.57 -25.04 -30.28
C ARG A 241 4.63 -24.90 -31.46
N ARG A 242 3.41 -25.41 -31.30
CA ARG A 242 2.35 -25.14 -32.26
C ARG A 242 1.09 -24.85 -31.47
N ALA A 243 0.07 -24.38 -32.15
CA ALA A 243 -1.21 -24.28 -31.49
C ALA A 243 -1.74 -25.69 -31.25
N ALA A 244 -2.69 -25.80 -30.33
CA ALA A 244 -3.35 -27.06 -30.08
C ALA A 244 -4.58 -27.12 -30.95
N THR A 245 -4.86 -28.31 -31.48
CA THR A 245 -6.08 -28.49 -32.27
C THR A 245 -7.29 -28.46 -31.33
N PRO A 246 -8.45 -28.05 -31.84
CA PRO A 246 -9.66 -28.09 -30.99
C PRO A 246 -9.89 -29.43 -30.30
N THR A 247 -9.58 -30.55 -30.95
CA THR A 247 -9.71 -31.85 -30.31
C THR A 247 -8.81 -31.95 -29.09
N GLU A 248 -7.55 -31.52 -29.23
CA GLU A 248 -6.62 -31.54 -28.10
C GLU A 248 -7.08 -30.60 -26.98
N VAL A 249 -7.60 -29.43 -27.32
CA VAL A 249 -8.13 -28.52 -26.31
C VAL A 249 -9.19 -29.23 -25.48
N ALA A 250 -10.19 -29.80 -26.15
CA ALA A 250 -11.27 -30.48 -25.45
C ALA A 250 -10.78 -31.63 -24.57
N ARG A 251 -9.62 -32.23 -24.87
CA ARG A 251 -9.13 -33.27 -23.97
C ARG A 251 -8.48 -32.69 -22.72
N LEU A 252 -7.88 -31.49 -22.82
CA LEU A 252 -7.32 -30.87 -21.63
C LEU A 252 -8.39 -30.14 -20.84
N ARG A 253 -9.34 -29.52 -21.55
CA ARG A 253 -10.36 -28.69 -20.93
C ARG A 253 -11.42 -29.53 -20.23
N GLU A 254 -11.60 -30.79 -20.65
CA GLU A 254 -12.56 -31.67 -20.00
C GLU A 254 -11.91 -32.31 -18.78
N LYS A 255 -12.68 -32.41 -17.71
CA LYS A 255 -12.19 -32.99 -16.47
C LYS A 255 -13.15 -34.10 -16.02
N PRO A 256 -12.62 -35.15 -15.38
CA PRO A 256 -13.48 -36.28 -15.00
C PRO A 256 -14.48 -35.90 -13.93
N ASP A 257 -15.66 -36.50 -14.01
CA ASP A 257 -16.74 -36.22 -13.06
C ASP A 257 -16.68 -37.24 -11.94
N PRO A 258 -16.44 -36.83 -10.69
CA PRO A 258 -16.37 -37.82 -9.60
C PRO A 258 -17.72 -38.30 -9.14
N LEU A 259 -18.81 -37.71 -9.62
CA LEU A 259 -20.16 -38.14 -9.27
C LEU A 259 -20.87 -38.83 -10.44
N ARG A 260 -20.10 -39.35 -11.39
CA ARG A 260 -20.59 -40.19 -12.47
C ARG A 260 -19.69 -41.41 -12.62
N ALA A 261 -20.28 -42.57 -12.88
CA ALA A 261 -19.50 -43.76 -13.18
C ALA A 261 -20.30 -44.72 -14.06
N MET A 262 -19.59 -45.46 -14.90
CA MET A 262 -20.19 -46.48 -15.74
C MET A 262 -19.70 -47.85 -15.32
N VAL A 263 -20.62 -48.80 -15.24
CA VAL A 263 -20.30 -50.20 -14.97
C VAL A 263 -21.09 -50.99 -16.00
N GLY A 264 -20.43 -51.42 -17.07
CA GLY A 264 -21.10 -52.09 -18.16
C GLY A 264 -22.01 -51.12 -18.86
N ARG A 265 -23.30 -51.47 -18.91
CA ARG A 265 -24.28 -50.60 -19.53
C ARG A 265 -25.06 -49.75 -18.52
N THR A 266 -24.74 -49.86 -17.23
CA THR A 266 -25.37 -49.03 -16.21
C THR A 266 -24.56 -47.76 -16.00
N THR A 267 -25.17 -46.60 -16.23
CA THR A 267 -24.58 -45.32 -15.89
C THR A 267 -25.05 -44.92 -14.50
N PHE A 268 -24.10 -44.66 -13.60
CA PHE A 268 -24.43 -44.22 -12.25
C PHE A 268 -24.19 -42.73 -12.11
N SER A 269 -25.14 -42.07 -11.46
CA SER A 269 -25.05 -40.63 -11.23
C SER A 269 -25.87 -40.28 -10.00
N VAL A 270 -26.05 -39.00 -9.77
CA VAL A 270 -26.57 -38.50 -8.51
C VAL A 270 -27.51 -37.35 -8.83
N SER A 271 -28.67 -37.33 -8.17
CA SER A 271 -29.59 -36.25 -8.47
C SER A 271 -30.51 -36.04 -7.29
N ARG A 272 -31.22 -34.92 -7.34
CA ARG A 272 -32.19 -34.49 -6.34
C ARG A 272 -33.60 -34.58 -6.92
N THR A 273 -34.59 -34.79 -6.05
CA THR A 273 -35.97 -34.69 -6.49
C THR A 273 -36.42 -33.25 -6.70
N ASP A 274 -35.60 -32.29 -6.30
CA ASP A 274 -35.82 -30.85 -6.52
C ASP A 274 -34.50 -30.26 -7.01
N PRO A 275 -34.18 -30.39 -8.30
CA PRO A 275 -32.80 -30.15 -8.75
C PRO A 275 -32.29 -28.74 -8.56
N GLN A 276 -33.15 -27.76 -8.27
CA GLN A 276 -32.72 -26.38 -8.14
C GLN A 276 -32.52 -25.98 -6.70
N ASN A 277 -32.87 -26.85 -5.77
CA ASN A 277 -32.71 -26.55 -4.36
C ASN A 277 -31.29 -26.98 -4.00
N ILE A 278 -30.40 -26.00 -3.80
CA ILE A 278 -28.99 -26.30 -3.64
C ILE A 278 -28.72 -27.04 -2.34
N ASN A 279 -29.68 -27.05 -1.43
CA ASN A 279 -29.52 -27.79 -0.18
C ASN A 279 -30.33 -29.06 -0.14
N ALA A 280 -31.05 -29.40 -1.20
CA ALA A 280 -31.72 -30.69 -1.19
C ALA A 280 -30.68 -31.79 -1.26
N PRO A 281 -30.88 -32.88 -0.54
CA PRO A 281 -29.90 -33.98 -0.58
C PRO A 281 -30.00 -34.75 -1.88
N THR A 282 -28.85 -35.17 -2.38
CA THR A 282 -28.76 -35.97 -3.59
C THR A 282 -28.90 -37.46 -3.25
N THR A 283 -29.37 -38.22 -4.25
CA THR A 283 -29.53 -39.68 -4.16
C THR A 283 -28.82 -40.31 -5.34
N LEU A 284 -28.17 -41.45 -5.10
CA LEU A 284 -27.60 -42.25 -6.18
C LEU A 284 -28.69 -42.69 -7.15
N VAL A 285 -28.39 -42.62 -8.43
CA VAL A 285 -29.34 -43.01 -9.47
C VAL A 285 -28.62 -43.91 -10.46
N ALA A 286 -29.32 -44.94 -10.92
CA ALA A 286 -28.79 -45.93 -11.85
C ALA A 286 -29.59 -45.90 -13.14
N ARG A 287 -28.92 -45.70 -14.25
CA ARG A 287 -29.55 -45.70 -15.56
C ARG A 287 -29.12 -47.01 -16.21
N ARG A 288 -30.04 -47.96 -16.24
CA ARG A 288 -29.78 -49.30 -16.79
C ARG A 288 -30.04 -49.27 -18.28
N GLY A 289 -28.98 -49.39 -19.08
CA GLY A 289 -29.11 -49.34 -20.52
C GLY A 289 -29.94 -48.18 -21.03
N GLU A 290 -31.05 -48.52 -21.68
CA GLU A 290 -31.93 -47.54 -22.29
C GLU A 290 -33.02 -47.05 -21.36
N GLY A 291 -33.26 -47.76 -20.26
CA GLY A 291 -34.43 -47.54 -19.44
C GLY A 291 -34.36 -46.26 -18.62
N GLU A 292 -35.43 -46.04 -17.88
CA GLU A 292 -35.53 -44.85 -17.05
C GLU A 292 -34.60 -44.94 -15.84
N PRO A 293 -34.09 -43.80 -15.38
CA PRO A 293 -33.25 -43.82 -14.18
C PRO A 293 -34.01 -44.33 -12.97
N VAL A 294 -33.33 -45.14 -12.18
CA VAL A 294 -33.86 -45.72 -10.96
C VAL A 294 -33.12 -45.12 -9.78
N ARG A 295 -33.87 -44.59 -8.82
CA ARG A 295 -33.30 -43.99 -7.64
C ARG A 295 -33.09 -45.04 -6.57
N CYS A 296 -31.95 -44.95 -5.88
CA CYS A 296 -31.66 -45.84 -4.77
C CYS A 296 -32.40 -45.40 -3.52
N ASP A 297 -32.87 -46.38 -2.73
CA ASP A 297 -33.75 -46.17 -1.57
C ASP A 297 -33.00 -46.11 -0.24
N GLU A 298 -31.82 -46.69 -0.17
CA GLU A 298 -31.07 -46.72 1.08
C GLU A 298 -30.69 -45.31 1.49
N GLU A 299 -30.58 -45.11 2.79
CA GLU A 299 -30.10 -43.82 3.27
C GLU A 299 -28.61 -43.66 2.96
N ALA A 300 -27.87 -44.77 2.88
CA ALA A 300 -26.46 -44.72 2.52
C ALA A 300 -26.21 -44.12 1.15
N CYS A 301 -27.21 -44.09 0.26
CA CYS A 301 -27.05 -43.56 -1.08
C CYS A 301 -27.09 -42.04 -1.13
N GLN A 302 -27.34 -41.37 -0.02
CA GLN A 302 -27.54 -39.93 -0.04
C GLN A 302 -26.23 -39.15 0.16
N ASN A 303 -26.06 -38.09 -0.63
CA ASN A 303 -24.95 -37.13 -0.50
C ASN A 303 -23.60 -37.80 -0.69
N ILE A 304 -23.48 -38.59 -1.76
CA ILE A 304 -22.18 -39.12 -2.12
C ILE A 304 -21.24 -37.97 -2.51
N THR A 305 -19.96 -38.12 -2.17
CA THR A 305 -18.98 -37.13 -2.61
C THR A 305 -18.06 -37.61 -3.72
N ARG A 306 -17.91 -38.92 -3.90
CA ARG A 306 -17.08 -39.45 -4.97
C ARG A 306 -17.48 -40.90 -5.20
N MET A 307 -17.48 -41.33 -6.46
CA MET A 307 -17.82 -42.71 -6.77
C MET A 307 -16.86 -43.28 -7.81
N TRP A 308 -16.66 -44.60 -7.76
CA TRP A 308 -15.77 -45.34 -8.67
C TRP A 308 -16.48 -46.57 -9.20
N GLY A 309 -16.42 -46.75 -10.52
CA GLY A 309 -16.97 -47.94 -11.16
C GLY A 309 -15.87 -48.95 -11.42
N ASP A 310 -16.16 -50.20 -11.15
CA ASP A 310 -15.22 -51.29 -11.33
C ASP A 310 -15.95 -52.35 -12.14
N GLU A 311 -15.49 -52.62 -13.36
CA GLU A 311 -16.22 -53.60 -14.17
C GLU A 311 -15.73 -55.02 -13.96
N THR A 312 -14.52 -55.18 -13.44
CA THR A 312 -13.97 -56.50 -13.14
C THR A 312 -14.79 -57.17 -12.05
N ALA A 313 -14.72 -56.66 -10.83
CA ALA A 313 -15.77 -56.91 -9.87
C ALA A 313 -17.00 -56.16 -10.36
N ASN A 314 -18.19 -56.72 -10.15
CA ASN A 314 -19.34 -56.06 -10.77
C ASN A 314 -19.90 -55.05 -9.78
N VAL A 315 -19.15 -53.97 -9.58
CA VAL A 315 -19.26 -53.21 -8.34
C VAL A 315 -19.10 -51.71 -8.59
N LEU A 316 -19.90 -50.91 -7.88
CA LEU A 316 -19.66 -49.48 -7.71
C LEU A 316 -19.20 -49.23 -6.28
N TYR A 317 -18.17 -48.40 -6.12
CA TYR A 317 -17.71 -47.94 -4.81
C TYR A 317 -18.01 -46.46 -4.67
N PHE A 318 -18.39 -46.00 -3.47
CA PHE A 318 -18.53 -44.57 -3.28
C PHE A 318 -18.19 -44.12 -1.87
N LEU A 319 -17.83 -42.85 -1.81
CA LEU A 319 -17.38 -42.16 -0.61
C LEU A 319 -18.43 -41.13 -0.22
N ARG A 320 -18.60 -40.94 1.09
CA ARG A 320 -19.47 -39.89 1.58
C ARG A 320 -19.12 -39.56 3.02
N ARG A 321 -19.78 -38.51 3.52
CA ARG A 321 -19.72 -38.08 4.91
C ARG A 321 -21.02 -38.50 5.58
N GLU A 322 -20.91 -39.02 6.80
CA GLU A 322 -22.09 -39.51 7.49
C GLU A 322 -21.88 -39.38 8.99
N GLY A 323 -22.88 -39.80 9.76
CA GLY A 323 -22.80 -39.77 11.19
C GLY A 323 -23.32 -38.48 11.78
N TRP A 324 -23.10 -38.34 13.09
CA TRP A 324 -23.56 -37.14 13.78
C TRP A 324 -22.84 -35.92 13.18
N ALA A 325 -23.63 -34.97 12.67
CA ALA A 325 -23.10 -33.76 12.03
C ALA A 325 -22.10 -34.08 10.91
N SER A 326 -22.34 -35.16 10.18
CA SER A 326 -21.45 -35.60 9.10
C SER A 326 -19.98 -35.69 9.53
N ASN A 327 -19.74 -36.13 10.77
CA ASN A 327 -18.39 -36.10 11.32
C ASN A 327 -17.47 -37.19 10.79
N GLU A 328 -17.99 -38.21 10.11
CA GLU A 328 -17.13 -39.32 9.67
C GLU A 328 -17.10 -39.44 8.15
N MET A 329 -16.05 -40.10 7.66
CA MET A 329 -15.95 -40.56 6.27
C MET A 329 -16.38 -42.01 6.23
N ALA A 330 -17.04 -42.42 5.14
CA ALA A 330 -17.44 -43.81 4.97
C ALA A 330 -17.33 -44.23 3.52
N LEU A 331 -16.87 -45.46 3.30
CA LEU A 331 -16.71 -46.05 1.97
C LEU A 331 -17.71 -47.18 1.79
N TYR A 332 -18.44 -47.17 0.67
CA TYR A 332 -19.46 -48.18 0.40
C TYR A 332 -19.10 -49.00 -0.84
N ARG A 333 -19.46 -50.28 -0.79
CA ARG A 333 -19.30 -51.25 -1.88
C ARG A 333 -20.69 -51.73 -2.30
N MET A 334 -21.04 -51.57 -3.57
CA MET A 334 -22.40 -51.87 -4.02
C MET A 334 -22.36 -52.76 -5.26
N PRO A 335 -22.74 -54.03 -5.14
CA PRO A 335 -22.86 -54.88 -6.34
C PRO A 335 -23.65 -54.16 -7.42
N ALA A 336 -23.07 -54.10 -8.62
CA ALA A 336 -23.55 -53.15 -9.61
C ALA A 336 -24.92 -53.51 -10.19
N ASP A 337 -25.37 -54.76 -10.06
CA ASP A 337 -26.65 -55.17 -10.60
C ASP A 337 -27.83 -54.85 -9.67
N ALA A 338 -27.58 -54.32 -8.48
CA ALA A 338 -28.69 -53.89 -7.63
C ALA A 338 -28.34 -52.53 -7.01
N LEU A 339 -29.16 -52.12 -6.05
CA LEU A 339 -29.00 -50.85 -5.34
C LEU A 339 -29.03 -51.11 -3.83
N LYS A 340 -28.08 -51.93 -3.37
CA LYS A 340 -27.95 -52.28 -1.95
C LYS A 340 -26.49 -52.08 -1.50
N PRO A 341 -26.07 -50.84 -1.30
CA PRO A 341 -24.71 -50.59 -0.83
C PRO A 341 -24.51 -51.08 0.59
N VAL A 342 -23.31 -51.62 0.84
CA VAL A 342 -22.90 -52.08 2.17
C VAL A 342 -21.63 -51.33 2.55
N ARG A 343 -21.59 -50.82 3.78
CA ARG A 343 -20.44 -50.03 4.20
C ARG A 343 -19.26 -50.95 4.48
N ILE A 344 -18.10 -50.64 3.89
CA ILE A 344 -16.92 -51.44 4.16
C ILE A 344 -15.88 -50.72 5.01
N TRP A 345 -15.93 -49.39 5.09
CA TRP A 345 -14.95 -48.67 5.91
C TRP A 345 -15.58 -47.37 6.38
N HIS A 346 -15.25 -46.97 7.61
CA HIS A 346 -15.63 -45.64 8.09
C HIS A 346 -14.66 -45.21 9.17
N ALA A 347 -14.44 -43.91 9.26
CA ALA A 347 -13.59 -43.36 10.30
C ALA A 347 -13.81 -41.86 10.36
N THR A 348 -13.34 -41.25 11.46
CA THR A 348 -13.24 -39.81 11.51
C THR A 348 -12.05 -39.40 10.67
N GLY A 349 -11.97 -38.12 10.33
CA GLY A 349 -10.88 -37.64 9.48
C GLY A 349 -11.26 -37.42 8.03
N LEU A 350 -10.30 -37.50 7.13
CA LEU A 350 -10.55 -37.24 5.72
C LEU A 350 -9.79 -38.26 4.92
N LEU A 351 -10.34 -38.58 3.76
CA LEU A 351 -9.64 -39.30 2.71
C LEU A 351 -9.55 -38.36 1.51
N GLN A 352 -8.37 -38.21 0.92
CA GLN A 352 -8.23 -37.25 -0.17
C GLN A 352 -7.60 -37.86 -1.43
N GLY A 353 -8.12 -37.47 -2.59
CA GLY A 353 -7.53 -37.80 -3.88
C GLY A 353 -7.45 -39.27 -4.23
N CYS A 354 -8.28 -40.11 -3.65
CA CYS A 354 -8.27 -41.55 -3.89
C CYS A 354 -8.33 -41.92 -5.36
N GLU A 355 -7.49 -42.89 -5.75
CA GLU A 355 -7.56 -43.49 -7.09
C GLU A 355 -7.49 -45.01 -6.95
N ARG A 356 -8.19 -45.69 -7.85
CA ARG A 356 -8.34 -47.14 -7.77
C ARG A 356 -7.26 -47.86 -8.57
N GLN A 357 -6.62 -48.83 -7.93
CA GLN A 357 -5.79 -49.83 -8.59
C GLN A 357 -6.41 -51.19 -8.28
N ALA A 358 -7.17 -51.74 -9.22
CA ALA A 358 -7.76 -53.07 -9.09
C ALA A 358 -8.63 -53.12 -7.83
N LYS A 359 -8.31 -53.96 -6.83
CA LYS A 359 -9.09 -54.03 -5.61
C LYS A 359 -8.59 -53.09 -4.51
N ARG A 360 -7.91 -52.03 -4.86
CA ARG A 360 -7.36 -51.13 -3.87
C ARG A 360 -7.65 -49.69 -4.21
N LEU A 361 -7.92 -48.92 -3.17
CA LEU A 361 -7.94 -47.48 -3.28
C LEU A 361 -6.64 -46.96 -2.68
N ILE A 362 -5.92 -46.13 -3.42
CA ILE A 362 -4.75 -45.42 -2.87
C ILE A 362 -5.17 -43.99 -2.55
N CYS A 363 -5.05 -43.60 -1.29
CA CYS A 363 -5.59 -42.33 -0.80
C CYS A 363 -4.56 -41.58 0.03
N ALA A 364 -4.68 -40.27 0.04
CA ALA A 364 -4.17 -39.50 1.16
C ALA A 364 -5.19 -39.58 2.31
N GLN A 365 -4.68 -39.73 3.52
CA GLN A 365 -5.54 -39.88 4.70
C GLN A 365 -4.99 -39.07 5.86
N GLU A 366 -5.91 -38.57 6.67
CA GLU A 366 -5.64 -37.56 7.67
C GLU A 366 -6.58 -37.79 8.83
N SER A 367 -6.11 -37.56 10.04
CA SER A 367 -6.90 -37.86 11.23
C SER A 367 -6.36 -37.02 12.39
N ALA A 368 -7.14 -36.93 13.49
CA ALA A 368 -6.86 -35.94 14.54
C ALA A 368 -5.40 -35.95 14.98
N LEU A 369 -4.85 -37.13 15.20
CA LEU A 369 -3.45 -37.27 15.59
C LEU A 369 -2.58 -37.83 14.47
N GLN A 370 -3.06 -37.81 13.24
CA GLN A 370 -2.34 -38.40 12.10
C GLN A 370 -2.25 -37.33 11.02
N PRO A 371 -1.10 -36.78 10.75
CA PRO A 371 -1.00 -35.83 9.64
C PRO A 371 -1.20 -36.55 8.31
N ARG A 372 -1.44 -35.77 7.27
CA ARG A 372 -1.76 -36.33 5.95
C ARG A 372 -0.69 -37.30 5.49
N ARG A 373 -1.10 -38.53 5.20
CA ARG A 373 -0.20 -39.57 4.75
C ARG A 373 -0.85 -40.33 3.60
N LEU A 374 -0.07 -41.16 2.92
CA LEU A 374 -0.59 -42.06 1.90
C LEU A 374 -0.94 -43.42 2.48
N VAL A 375 -2.02 -43.99 1.96
CA VAL A 375 -2.66 -45.14 2.57
C VAL A 375 -3.26 -46.01 1.47
N THR A 376 -3.56 -47.26 1.81
CA THR A 376 -4.28 -48.18 0.93
C THR A 376 -5.55 -48.65 1.62
N LEU A 377 -6.66 -48.68 0.89
CA LEU A 377 -7.90 -49.25 1.39
C LEU A 377 -8.25 -50.47 0.55
N ASN A 378 -8.47 -51.59 1.24
CA ASN A 378 -8.85 -52.84 0.60
C ASN A 378 -10.33 -52.77 0.19
N LEU A 379 -10.60 -52.83 -1.10
CA LEU A 379 -11.96 -52.58 -1.56
C LEU A 379 -12.93 -53.74 -1.32
N THR A 380 -12.52 -54.86 -0.73
CA THR A 380 -13.49 -55.88 -0.33
C THR A 380 -13.64 -55.99 1.18
N SER A 381 -12.55 -56.06 1.93
CA SER A 381 -12.61 -55.92 3.37
C SER A 381 -12.65 -54.45 3.72
N GLY A 382 -12.65 -54.13 4.98
CA GLY A 382 -12.50 -52.71 5.18
C GLY A 382 -11.08 -52.17 5.21
N GLN A 383 -10.08 -53.05 5.20
CA GLN A 383 -8.81 -52.77 5.84
C GLN A 383 -8.02 -51.64 5.19
N MET A 384 -7.69 -50.62 6.01
CA MET A 384 -6.77 -49.56 5.65
C MET A 384 -5.36 -49.89 6.13
N SER A 385 -4.37 -49.63 5.28
CA SER A 385 -2.99 -49.93 5.60
C SER A 385 -2.08 -48.80 5.18
N PRO A 386 -1.08 -48.48 5.98
CA PRO A 386 -0.15 -47.38 5.62
C PRO A 386 0.61 -47.70 4.36
N LEU A 387 0.81 -46.66 3.55
CA LEU A 387 1.66 -46.74 2.36
C LEU A 387 2.86 -45.80 2.48
N TYR A 388 2.65 -44.51 2.73
CA TYR A 388 3.76 -43.58 2.86
C TYR A 388 3.39 -42.51 3.88
N ASP A 389 4.29 -42.27 4.83
CA ASP A 389 4.09 -41.24 5.85
C ASP A 389 5.34 -40.39 5.81
N PRO A 390 5.24 -39.14 5.36
CA PRO A 390 6.44 -38.30 5.29
C PRO A 390 6.85 -37.72 6.63
N ASN A 391 6.09 -37.97 7.70
CA ASN A 391 6.41 -37.58 9.06
C ASN A 391 6.70 -38.82 9.91
N PRO A 392 7.50 -38.70 10.97
CA PRO A 392 7.66 -39.84 11.90
C PRO A 392 6.30 -40.26 12.42
N ASP A 393 6.26 -41.45 13.00
CA ASP A 393 5.05 -41.81 13.72
C ASP A 393 4.89 -40.82 14.86
N LEU A 394 3.78 -40.08 14.84
CA LEU A 394 3.59 -39.03 15.82
C LEU A 394 3.37 -39.59 17.22
N SER A 395 3.05 -40.89 17.33
CA SER A 395 2.89 -41.54 18.63
C SER A 395 4.19 -41.69 19.38
N ARG A 396 5.32 -41.45 18.73
CA ARG A 396 6.58 -41.43 19.45
C ARG A 396 6.73 -40.18 20.32
N TYR A 397 5.89 -39.15 20.10
CA TYR A 397 5.86 -37.98 20.96
C TYR A 397 4.81 -38.17 22.03
N ARG A 398 4.95 -37.39 23.10
CA ARG A 398 3.93 -37.41 24.12
C ARG A 398 2.71 -36.67 23.59
N LEU A 399 1.65 -37.43 23.26
CA LEU A 399 0.63 -36.68 22.57
C LEU A 399 -0.46 -36.24 23.51
N PRO A 400 -1.03 -35.08 23.22
CA PRO A 400 -2.24 -34.66 23.92
C PRO A 400 -3.31 -35.75 23.77
N LYS A 401 -4.30 -35.74 24.65
CA LYS A 401 -5.39 -36.69 24.59
C LYS A 401 -6.54 -36.01 23.84
N VAL A 402 -7.18 -36.73 22.92
CA VAL A 402 -8.22 -36.19 22.05
C VAL A 402 -9.53 -36.92 22.31
N GLU A 403 -10.63 -36.15 22.37
CA GLU A 403 -11.97 -36.68 22.61
C GLU A 403 -12.98 -35.90 21.77
N ARG A 404 -13.87 -36.60 21.06
CA ARG A 404 -14.86 -35.90 20.26
C ARG A 404 -16.08 -35.51 21.09
N LEU A 405 -16.48 -34.23 20.99
CA LEU A 405 -17.67 -33.69 21.64
C LEU A 405 -18.83 -33.66 20.65
N THR A 406 -20.02 -34.00 21.12
CA THR A 406 -21.20 -33.96 20.27
C THR A 406 -22.34 -33.36 21.07
N LEU A 407 -23.15 -32.57 20.42
CA LEU A 407 -24.34 -32.07 21.07
C LEU A 407 -25.26 -31.64 19.97
N ARG A 408 -26.52 -31.40 20.32
CA ARG A 408 -27.46 -30.75 19.42
C ARG A 408 -27.72 -29.35 19.97
N ASN A 409 -27.63 -28.34 19.11
CA ASN A 409 -27.73 -26.96 19.56
C ASN A 409 -29.19 -26.52 19.59
N ARG A 410 -29.44 -25.32 20.13
CA ARG A 410 -30.81 -24.90 20.37
C ARG A 410 -31.63 -24.76 19.09
N ASN A 411 -31.00 -24.68 17.92
CA ASN A 411 -31.78 -24.71 16.69
C ASN A 411 -32.14 -26.12 16.26
N GLY A 412 -31.73 -27.13 17.04
CA GLY A 412 -31.92 -28.52 16.69
C GLY A 412 -30.87 -29.13 15.79
N ILE A 413 -29.78 -28.45 15.55
CA ILE A 413 -28.78 -28.87 14.58
C ILE A 413 -27.66 -29.64 15.28
N GLU A 414 -27.27 -30.77 14.69
CA GLU A 414 -26.18 -31.57 15.25
C GLU A 414 -24.86 -30.84 15.12
N VAL A 415 -24.03 -30.95 16.16
CA VAL A 415 -22.74 -30.30 16.23
C VAL A 415 -21.71 -31.34 16.68
N PHE A 416 -20.50 -31.29 16.11
CA PHE A 416 -19.37 -31.98 16.70
C PHE A 416 -18.18 -31.03 16.80
N SER A 417 -17.22 -31.43 17.64
CA SER A 417 -15.97 -30.73 17.88
C SER A 417 -15.07 -31.70 18.63
N ASP A 418 -13.78 -31.39 18.66
CA ASP A 418 -12.81 -32.21 19.39
C ASP A 418 -12.23 -31.45 20.57
N LEU A 419 -12.10 -32.13 21.70
CA LEU A 419 -11.49 -31.61 22.89
C LEU A 419 -10.09 -32.15 22.97
N VAL A 420 -9.10 -31.27 23.11
CA VAL A 420 -7.70 -31.68 23.17
C VAL A 420 -7.21 -31.32 24.57
N LEU A 421 -6.68 -32.31 25.29
CA LEU A 421 -6.24 -32.09 26.65
C LEU A 421 -4.74 -32.30 26.78
N PRO A 422 -4.09 -31.57 27.69
CA PRO A 422 -2.63 -31.70 27.86
C PRO A 422 -2.24 -33.14 28.14
N PRO A 423 -1.06 -33.56 27.69
CA PRO A 423 -0.64 -34.95 27.90
C PRO A 423 -0.77 -35.53 29.31
N ASP A 424 -0.29 -34.85 30.33
CA ASP A 424 -0.32 -35.44 31.67
C ASP A 424 -1.57 -34.99 32.43
N TYR A 425 -2.73 -35.00 31.80
CA TYR A 425 -3.85 -34.31 32.40
C TYR A 425 -4.57 -35.21 33.39
N GLN A 426 -4.90 -34.64 34.55
CA GLN A 426 -5.65 -35.30 35.58
C GLN A 426 -7.01 -34.63 35.72
N LEU A 427 -8.07 -35.38 35.44
CA LEU A 427 -9.43 -34.89 35.72
C LEU A 427 -9.50 -34.38 37.16
N GLY A 428 -9.98 -33.15 37.32
CA GLY A 428 -9.98 -32.47 38.60
C GLY A 428 -9.25 -31.15 38.57
N THR A 429 -8.35 -30.98 37.63
CA THR A 429 -7.68 -29.71 37.40
C THR A 429 -8.52 -28.90 36.43
N ARG A 430 -8.92 -27.68 36.81
CA ARG A 430 -9.68 -26.83 35.89
C ARG A 430 -8.71 -26.08 35.00
N LEU A 431 -8.86 -26.22 33.75
CA LEU A 431 -7.88 -25.70 32.81
C LEU A 431 -8.39 -24.43 32.15
N PRO A 432 -7.48 -23.57 31.73
CA PRO A 432 -7.85 -22.54 30.76
C PRO A 432 -8.10 -23.20 29.42
N LEU A 433 -8.99 -22.59 28.64
CA LEU A 433 -9.47 -23.14 27.39
C LEU A 433 -9.15 -22.18 26.25
N VAL A 434 -8.61 -22.71 25.14
CA VAL A 434 -8.42 -21.95 23.90
C VAL A 434 -9.26 -22.59 22.80
N ILE A 435 -10.00 -21.77 22.07
CA ILE A 435 -10.88 -22.23 21.01
C ILE A 435 -10.22 -21.93 19.67
N VAL A 436 -9.94 -22.99 18.90
CA VAL A 436 -9.36 -22.90 17.56
C VAL A 436 -10.42 -23.32 16.57
N GLN A 437 -10.67 -22.49 15.55
CA GLN A 437 -11.72 -22.78 14.57
C GLN A 437 -11.13 -23.40 13.32
N TYR A 438 -11.74 -24.49 12.85
CA TYR A 438 -11.32 -25.25 11.68
C TYR A 438 -12.51 -25.43 10.75
N SER A 439 -12.37 -25.03 9.49
CA SER A 439 -13.42 -25.17 8.51
C SER A 439 -13.23 -26.40 7.63
N SER A 440 -12.27 -27.25 7.95
CA SER A 440 -12.07 -28.51 7.26
C SER A 440 -11.94 -29.61 8.33
N ARG A 441 -11.38 -30.77 7.95
CA ARG A 441 -11.29 -31.94 8.81
C ARG A 441 -9.91 -32.54 8.74
N GLY A 442 -9.64 -33.40 9.73
CA GLY A 442 -8.41 -34.18 9.74
C GLY A 442 -7.49 -33.85 10.89
N PHE A 443 -6.25 -33.57 10.55
CA PHE A 443 -5.18 -33.48 11.53
C PHE A 443 -5.31 -32.21 12.38
N LEU A 444 -5.12 -32.36 13.69
CA LEU A 444 -5.09 -31.20 14.56
C LEU A 444 -3.79 -30.40 14.36
N ARG A 445 -3.84 -29.45 13.45
CA ARG A 445 -2.67 -28.69 13.06
C ARG A 445 -2.82 -27.28 13.59
N GLY A 446 -3.36 -26.33 12.82
CA GLY A 446 -3.48 -24.95 13.27
C GLY A 446 -4.84 -24.34 13.01
N GLY A 447 -5.89 -25.15 12.83
CA GLY A 447 -7.16 -24.54 12.43
C GLY A 447 -7.12 -24.01 11.01
N THR A 448 -8.12 -23.16 10.69
CA THR A 448 -8.39 -22.80 9.30
C THR A 448 -7.20 -22.23 8.54
N GLY A 449 -6.36 -21.41 9.15
CA GLY A 449 -5.30 -20.97 8.27
C GLY A 449 -3.94 -21.56 8.60
N ASP A 450 -3.94 -22.67 9.33
CA ASP A 450 -2.77 -23.16 10.04
C ASP A 450 -2.13 -22.00 10.77
N GLU A 451 -2.88 -21.48 11.73
CA GLU A 451 -2.57 -20.22 12.36
C GLU A 451 -2.56 -20.32 13.86
N ASN A 452 -3.22 -21.32 14.44
CA ASN A 452 -3.35 -21.43 15.90
C ASN A 452 -2.95 -22.84 16.34
N PRO A 453 -1.82 -23.00 17.02
CA PRO A 453 -1.19 -24.32 17.13
C PRO A 453 -1.88 -25.28 18.11
N ILE A 454 -2.73 -26.17 17.61
CA ILE A 454 -3.60 -26.92 18.50
C ILE A 454 -2.79 -27.78 19.48
N LEU A 455 -1.87 -28.63 18.94
CA LEU A 455 -1.17 -29.55 19.82
C LEU A 455 -0.15 -28.82 20.69
N PRO A 456 0.65 -27.87 20.16
CA PRO A 456 1.50 -27.09 21.07
C PRO A 456 0.75 -26.40 22.20
N LEU A 457 -0.44 -25.87 21.94
CA LEU A 457 -1.18 -25.22 23.02
C LEU A 457 -1.52 -26.21 24.13
N ALA A 458 -1.99 -27.40 23.76
CA ALA A 458 -2.24 -28.42 24.77
C ALA A 458 -0.94 -28.80 25.49
N THR A 459 0.17 -28.92 24.78
CA THR A 459 1.43 -29.19 25.46
C THR A 459 1.74 -28.12 26.49
N ALA A 460 1.42 -26.86 26.20
CA ALA A 460 1.63 -25.78 27.15
C ALA A 460 0.60 -25.74 28.27
N GLY A 461 -0.35 -26.67 28.33
CA GLY A 461 -1.24 -26.74 29.46
C GLY A 461 -2.63 -26.18 29.29
N PHE A 462 -3.02 -25.81 28.08
CA PHE A 462 -4.37 -25.42 27.78
C PHE A 462 -5.22 -26.62 27.38
N ALA A 463 -6.49 -26.60 27.78
CA ALA A 463 -7.51 -27.34 27.05
C ALA A 463 -7.73 -26.63 25.72
N VAL A 464 -7.94 -27.40 24.66
CA VAL A 464 -8.17 -26.83 23.32
C VAL A 464 -9.46 -27.39 22.74
N LEU A 465 -10.32 -26.50 22.32
CA LEU A 465 -11.52 -26.87 21.60
C LEU A 465 -11.26 -26.63 20.13
N SER A 466 -11.27 -27.72 19.35
CA SER A 466 -11.17 -27.63 17.89
C SER A 466 -12.62 -27.60 17.40
N PHE A 467 -13.08 -26.43 16.99
CA PHE A 467 -14.49 -26.15 16.82
C PHE A 467 -14.86 -26.23 15.35
N HIS A 468 -15.90 -26.99 15.03
CA HIS A 468 -16.39 -27.12 13.66
C HIS A 468 -17.76 -26.50 13.66
N SER A 469 -17.89 -25.35 13.01
CA SER A 469 -19.17 -24.67 13.06
C SER A 469 -20.24 -25.53 12.39
N PRO A 470 -21.41 -25.68 12.99
CA PRO A 470 -22.45 -26.53 12.40
C PRO A 470 -23.15 -25.84 11.23
N ARG A 471 -23.93 -26.63 10.51
CA ARG A 471 -24.77 -26.11 9.46
C ARG A 471 -25.64 -24.97 9.99
N SER A 472 -25.90 -23.99 9.13
CA SER A 472 -26.81 -22.90 9.43
C SER A 472 -28.26 -23.35 9.28
N GLU A 473 -29.15 -22.63 9.97
CA GLU A 473 -30.58 -22.80 9.75
C GLU A 473 -30.93 -22.66 8.28
N ALA A 474 -30.40 -21.61 7.63
CA ALA A 474 -30.74 -21.35 6.24
C ALA A 474 -30.40 -22.54 5.35
N SER A 475 -29.44 -23.36 5.77
CA SER A 475 -29.02 -24.46 4.90
C SER A 475 -30.03 -25.59 4.86
N TYR A 476 -31.01 -25.62 5.76
CA TYR A 476 -32.04 -26.65 5.66
C TYR A 476 -33.24 -26.19 4.85
N GLN A 477 -33.36 -24.89 4.62
CA GLN A 477 -34.43 -24.29 3.85
C GLN A 477 -34.08 -24.26 2.37
N ARG A 478 -35.08 -23.95 1.55
CA ARG A 478 -34.93 -24.02 0.10
C ARG A 478 -34.37 -22.72 -0.45
N PHE A 479 -33.25 -22.83 -1.15
CA PHE A 479 -32.63 -21.70 -1.82
C PHE A 479 -32.15 -22.17 -3.17
N THR A 480 -32.37 -21.35 -4.21
CA THR A 480 -31.85 -21.67 -5.53
C THR A 480 -30.47 -21.06 -5.78
N SER A 481 -29.95 -20.27 -4.85
CA SER A 481 -28.68 -19.56 -5.01
C SER A 481 -27.95 -19.49 -3.68
N PRO A 482 -26.64 -19.76 -3.65
CA PRO A 482 -25.91 -19.58 -2.39
C PRO A 482 -25.84 -18.13 -1.95
N ILE A 483 -25.98 -17.19 -2.88
CA ILE A 483 -25.97 -15.79 -2.52
C ILE A 483 -27.22 -15.45 -1.72
N ALA A 484 -28.38 -15.94 -2.16
CA ALA A 484 -29.59 -15.70 -1.38
C ALA A 484 -29.56 -16.42 -0.04
N GLN A 485 -28.93 -17.60 0.04
CA GLN A 485 -28.78 -18.25 1.33
C GLN A 485 -27.91 -17.42 2.26
N SER A 486 -26.80 -16.91 1.75
CA SER A 486 -25.91 -16.07 2.53
C SER A 486 -26.65 -14.87 3.10
N LYS A 487 -27.49 -14.24 2.27
CA LYS A 487 -28.26 -13.09 2.71
C LYS A 487 -29.19 -13.43 3.87
N ALA A 488 -29.88 -14.58 3.82
CA ALA A 488 -30.71 -14.99 4.95
C ALA A 488 -29.89 -15.35 6.17
N GLU A 489 -28.66 -15.84 5.99
CA GLU A 489 -27.82 -16.14 7.14
C GLU A 489 -27.37 -14.86 7.85
N TYR A 490 -27.11 -13.80 7.07
CA TYR A 490 -26.65 -12.53 7.61
C TYR A 490 -27.76 -11.64 8.13
N SER A 491 -29.03 -11.96 7.86
CA SER A 491 -30.15 -11.18 8.36
C SER A 491 -30.21 -11.15 9.88
N ASN A 492 -29.96 -9.97 10.48
CA ASN A 492 -29.89 -9.86 11.93
C ASN A 492 -28.79 -10.75 12.49
N TRP A 493 -27.77 -11.06 11.69
CA TRP A 493 -26.68 -11.95 12.09
C TRP A 493 -27.20 -13.28 12.66
N ARG A 494 -28.25 -13.83 12.05
CA ARG A 494 -28.88 -15.00 12.64
C ARG A 494 -27.90 -16.17 12.75
N ASN A 495 -27.20 -16.50 11.66
CA ASN A 495 -26.25 -17.61 11.74
C ASN A 495 -25.12 -17.31 12.72
N ARG A 496 -24.66 -16.06 12.76
CA ARG A 496 -23.62 -15.69 13.73
C ARG A 496 -24.08 -15.96 15.15
N TRP A 497 -25.33 -15.63 15.48
CA TRP A 497 -25.85 -15.91 16.81
C TRP A 497 -25.90 -17.40 17.06
N ASN A 498 -26.33 -18.16 16.07
CA ASN A 498 -26.37 -19.61 16.18
C ASN A 498 -24.98 -20.19 16.35
N ILE A 499 -24.00 -19.63 15.65
CA ILE A 499 -22.62 -20.08 15.86
C ILE A 499 -22.17 -19.75 17.28
N LEU A 500 -22.40 -18.51 17.72
CA LEU A 500 -21.99 -18.11 19.07
C LEU A 500 -22.70 -18.94 20.14
N HIS A 501 -24.01 -19.16 19.99
CA HIS A 501 -24.73 -19.97 20.98
C HIS A 501 -24.19 -21.39 21.03
N THR A 502 -23.79 -21.93 19.88
CA THR A 502 -23.19 -23.25 19.83
C THR A 502 -21.88 -23.29 20.60
N LEU A 503 -21.04 -22.27 20.43
CA LEU A 503 -19.81 -22.17 21.19
C LEU A 503 -20.09 -22.16 22.69
N GLU A 504 -21.06 -21.33 23.09
CA GLU A 504 -21.43 -21.28 24.50
C GLU A 504 -21.94 -22.63 25.01
N ASP A 505 -22.74 -23.35 24.20
CA ASP A 505 -23.16 -24.69 24.60
C ASP A 505 -21.97 -25.61 24.84
N LEU A 506 -20.94 -25.50 24.00
CA LEU A 506 -19.77 -26.37 24.12
C LEU A 506 -18.96 -26.02 25.37
N ILE A 507 -18.76 -24.74 25.63
CA ILE A 507 -18.07 -24.30 26.84
C ILE A 507 -18.82 -24.78 28.07
N ASP A 508 -20.13 -24.51 28.15
CA ASP A 508 -20.97 -25.02 29.24
C ASP A 508 -20.79 -26.53 29.47
N ASP A 509 -20.72 -27.30 28.39
CA ASP A 509 -20.55 -28.74 28.50
C ASP A 509 -19.22 -29.09 29.17
N LEU A 510 -18.13 -28.44 28.74
CA LEU A 510 -16.84 -28.71 29.36
C LEU A 510 -16.76 -28.13 30.77
N ASP A 511 -17.55 -27.09 31.05
CA ASP A 511 -17.64 -26.56 32.41
C ASP A 511 -18.35 -27.56 33.34
N ARG A 512 -19.46 -28.16 32.89
CA ARG A 512 -20.12 -29.19 33.70
C ARG A 512 -19.22 -30.37 34.03
N ARG A 513 -18.30 -30.71 33.13
CA ARG A 513 -17.38 -31.80 33.34
C ARG A 513 -16.22 -31.43 34.27
N GLY A 514 -16.17 -30.19 34.75
CA GLY A 514 -15.05 -29.75 35.56
C GLY A 514 -13.71 -29.76 34.85
N VAL A 515 -13.71 -29.60 33.53
CA VAL A 515 -12.50 -29.63 32.74
C VAL A 515 -11.90 -28.25 32.55
N ILE A 516 -12.73 -27.21 32.46
CA ILE A 516 -12.29 -25.88 32.11
C ILE A 516 -12.65 -24.90 33.21
N ASP A 517 -11.91 -23.80 33.25
CA ASP A 517 -12.27 -22.65 34.06
C ASP A 517 -12.99 -21.67 33.16
N PRO A 518 -14.31 -21.49 33.30
CA PRO A 518 -15.04 -20.63 32.34
C PRO A 518 -14.64 -19.15 32.39
N ALA A 519 -13.91 -18.70 33.40
CA ALA A 519 -13.38 -17.32 33.36
C ALA A 519 -12.09 -17.19 32.57
N ARG A 520 -11.54 -18.28 32.02
CA ARG A 520 -10.25 -18.27 31.33
C ARG A 520 -10.35 -18.98 29.97
N VAL A 521 -11.23 -18.44 29.13
CA VAL A 521 -11.52 -18.97 27.82
C VAL A 521 -10.99 -17.98 26.78
N GLY A 522 -10.06 -18.46 25.94
CA GLY A 522 -9.58 -17.70 24.80
C GLY A 522 -10.23 -18.12 23.49
N LEU A 523 -10.31 -17.17 22.56
CA LEU A 523 -10.94 -17.40 21.27
C LEU A 523 -9.99 -16.94 20.18
N THR A 524 -9.85 -17.77 19.14
CA THR A 524 -9.01 -17.46 17.99
C THR A 524 -9.79 -17.69 16.73
N GLY A 525 -9.28 -17.14 15.63
CA GLY A 525 -10.00 -17.27 14.38
C GLY A 525 -9.34 -16.68 13.16
N LEU A 526 -9.58 -17.30 12.00
CA LEU A 526 -9.09 -16.80 10.72
C LEU A 526 -10.19 -17.02 9.68
N SER A 527 -10.26 -16.12 8.70
CA SER A 527 -11.35 -16.13 7.69
C SER A 527 -12.69 -16.01 8.41
N ASP A 528 -13.60 -16.96 8.21
CA ASP A 528 -14.90 -16.94 8.87
C ASP A 528 -14.74 -16.98 10.38
N GLY A 529 -13.74 -17.70 10.86
CA GLY A 529 -13.46 -17.71 12.29
C GLY A 529 -13.11 -16.33 12.81
N ALA A 530 -12.51 -15.49 11.97
CA ALA A 530 -12.15 -14.15 12.43
C ALA A 530 -13.39 -13.30 12.69
N THR A 531 -14.37 -13.38 11.78
CA THR A 531 -15.66 -12.70 11.96
C THR A 531 -16.39 -13.21 13.19
N THR A 532 -16.32 -14.51 13.46
CA THR A 532 -16.89 -15.02 14.69
C THR A 532 -16.16 -14.49 15.91
N VAL A 533 -14.84 -14.30 15.84
CA VAL A 533 -14.14 -13.66 16.95
C VAL A 533 -14.69 -12.26 17.20
N HIS A 534 -14.76 -11.43 16.16
CA HIS A 534 -15.19 -10.05 16.37
C HIS A 534 -16.62 -10.01 16.90
N PHE A 535 -17.51 -10.83 16.33
CA PHE A 535 -18.88 -10.94 16.83
C PHE A 535 -18.92 -11.47 18.26
N GLY A 536 -18.09 -12.47 18.57
CA GLY A 536 -18.12 -13.07 19.90
C GLY A 536 -17.67 -12.13 21.01
N LEU A 537 -16.66 -11.29 20.73
CA LEU A 537 -16.17 -10.32 21.72
C LEU A 537 -17.20 -9.23 22.01
N ILE A 538 -18.02 -8.86 21.01
CA ILE A 538 -19.01 -7.80 21.17
C ILE A 538 -20.26 -8.31 21.87
N ASN A 539 -20.72 -9.52 21.54
CA ASN A 539 -22.06 -9.96 21.91
C ASN A 539 -22.06 -11.01 23.00
N SER A 540 -20.98 -11.13 23.75
CA SER A 540 -20.98 -11.97 24.94
C SER A 540 -19.81 -11.55 25.81
N HIS A 541 -19.84 -12.02 27.05
CA HIS A 541 -18.74 -11.87 28.00
C HIS A 541 -18.07 -13.21 28.27
N ARG A 542 -18.10 -14.12 27.29
CA ARG A 542 -17.58 -15.44 27.52
C ARG A 542 -16.06 -15.51 27.45
N PHE A 543 -15.41 -14.54 26.81
CA PHE A 543 -14.02 -14.68 26.42
C PHE A 543 -13.14 -13.68 27.14
N ALA A 544 -12.05 -14.18 27.71
CA ALA A 544 -11.10 -13.44 28.52
C ALA A 544 -9.86 -13.02 27.75
N ALA A 545 -9.67 -13.53 26.53
CA ALA A 545 -8.59 -13.11 25.64
C ALA A 545 -8.94 -13.64 24.25
N ALA A 546 -8.35 -13.02 23.22
CA ALA A 546 -8.65 -13.34 21.85
C ALA A 546 -7.45 -13.08 20.94
N VAL A 547 -7.35 -13.86 19.86
CA VAL A 547 -6.37 -13.66 18.80
C VAL A 547 -7.10 -13.77 17.47
N THR A 548 -6.74 -12.90 16.52
CA THR A 548 -7.33 -12.95 15.18
C THR A 548 -6.26 -12.58 14.16
N SER A 549 -6.39 -13.15 12.97
CA SER A 549 -5.39 -12.95 11.95
C SER A 549 -5.70 -11.75 11.07
N SER A 550 -6.92 -11.24 11.15
CA SER A 550 -7.32 -10.09 10.35
C SER A 550 -8.28 -9.24 11.16
N CYS A 551 -8.25 -7.94 10.92
CA CYS A 551 -9.29 -7.22 11.55
C CYS A 551 -10.13 -6.34 10.68
N CYS A 552 -11.38 -6.65 10.97
CA CYS A 552 -12.42 -5.75 11.34
C CYS A 552 -13.57 -6.00 10.41
N THR A 553 -14.60 -6.52 11.05
CA THR A 553 -15.92 -6.67 10.46
C THR A 553 -16.61 -5.32 10.67
N ASP A 554 -16.31 -4.40 9.77
CA ASP A 554 -16.89 -3.06 9.84
C ASP A 554 -17.06 -2.55 8.41
N SER A 555 -17.74 -1.41 8.26
CA SER A 555 -17.98 -0.89 6.91
C SER A 555 -16.69 -0.40 6.27
N PHE A 556 -15.76 0.10 7.07
CA PHE A 556 -14.47 0.51 6.50
C PHE A 556 -13.81 -0.61 5.72
N THR A 557 -13.72 -1.80 6.32
CA THR A 557 -13.06 -2.93 5.70
C THR A 557 -13.91 -3.52 4.57
N ALA A 558 -15.21 -3.67 4.79
CA ALA A 558 -16.05 -4.36 3.80
C ALA A 558 -16.37 -3.47 2.60
N SER A 559 -16.38 -2.15 2.79
CA SER A 559 -16.78 -1.24 1.74
C SER A 559 -15.60 -0.41 1.21
N VAL A 560 -14.95 0.38 2.05
CA VAL A 560 -13.89 1.24 1.57
C VAL A 560 -12.71 0.41 1.04
N MET A 561 -12.16 -0.47 1.88
CA MET A 561 -10.93 -1.15 1.49
C MET A 561 -11.14 -2.19 0.41
N ASN A 562 -12.38 -2.62 0.16
CA ASN A 562 -12.62 -3.60 -0.89
C ASN A 562 -12.74 -2.97 -2.27
N GLY A 563 -12.93 -1.66 -2.37
CA GLY A 563 -13.14 -1.03 -3.64
C GLY A 563 -14.57 -1.23 -4.10
N PRO A 564 -15.05 -0.34 -4.97
CA PRO A 564 -16.49 -0.30 -5.27
C PRO A 564 -17.06 -1.55 -5.93
N ARG A 565 -16.25 -2.35 -6.61
CA ARG A 565 -16.81 -3.52 -7.28
C ARG A 565 -17.22 -4.57 -6.26
N ILE A 566 -16.26 -5.07 -5.50
CA ILE A 566 -16.54 -6.04 -4.45
C ILE A 566 -17.51 -5.48 -3.41
N SER A 567 -17.37 -4.19 -3.09
CA SER A 567 -18.28 -3.53 -2.16
C SER A 567 -19.71 -3.57 -2.68
N GLY A 568 -19.91 -3.21 -3.94
CA GLY A 568 -21.23 -3.33 -4.52
C GLY A 568 -21.76 -4.75 -4.53
N ALA A 569 -20.86 -5.73 -4.75
CA ALA A 569 -21.31 -7.12 -4.93
C ALA A 569 -21.61 -7.84 -3.63
N LEU A 570 -20.96 -7.44 -2.52
CA LEU A 570 -21.18 -8.11 -1.23
C LEU A 570 -22.58 -7.86 -0.72
N LYS A 571 -23.20 -6.78 -1.18
CA LYS A 571 -24.53 -6.41 -0.72
C LYS A 571 -25.51 -7.57 -0.86
N ALA A 572 -25.49 -8.25 -2.00
CA ALA A 572 -26.43 -9.35 -2.25
C ALA A 572 -26.20 -10.53 -1.30
N TYR A 573 -25.01 -10.66 -0.72
CA TYR A 573 -24.74 -11.70 0.27
C TYR A 573 -25.25 -11.34 1.66
N GLY A 574 -25.81 -10.15 1.83
CA GLY A 574 -26.27 -9.70 3.13
C GLY A 574 -25.28 -8.84 3.87
N ILE A 575 -24.12 -8.54 3.28
CA ILE A 575 -23.16 -7.62 3.87
C ILE A 575 -23.59 -6.21 3.51
N GLU A 576 -23.99 -5.43 4.51
CA GLU A 576 -24.65 -4.15 4.28
C GLU A 576 -23.59 -3.08 4.05
N THR A 577 -22.95 -3.17 2.88
CA THR A 577 -21.85 -2.25 2.58
C THR A 577 -22.32 -0.84 2.22
N ASP A 578 -23.62 -0.63 2.07
CA ASP A 578 -24.16 0.70 1.92
C ASP A 578 -24.62 1.32 3.24
N GLN A 579 -24.62 0.58 4.35
CA GLN A 579 -25.06 1.11 5.65
C GLN A 579 -23.90 1.70 6.43
N ALA A 580 -24.22 2.66 7.29
CA ALA A 580 -23.19 3.22 8.12
C ALA A 580 -22.80 2.30 9.29
N ASP A 581 -21.57 2.50 9.75
CA ASP A 581 -20.97 1.70 10.82
C ASP A 581 -21.78 1.75 12.10
N ASP A 582 -22.40 2.90 12.40
CA ASP A 582 -23.21 3.05 13.61
C ASP A 582 -24.66 2.60 13.42
N GLY A 583 -24.94 1.83 12.36
CA GLY A 583 -26.24 1.28 12.12
C GLY A 583 -26.44 -0.06 12.82
N PRO A 584 -27.66 -0.61 12.78
CA PRO A 584 -27.90 -1.89 13.48
C PRO A 584 -27.06 -3.06 12.95
N PHE A 585 -26.77 -3.11 11.65
CA PHE A 585 -25.98 -4.22 11.13
C PHE A 585 -24.53 -4.17 11.63
N TRP A 586 -23.82 -3.09 11.35
CA TRP A 586 -22.41 -3.05 11.70
C TRP A 586 -22.16 -2.87 13.19
N ALA A 587 -23.14 -2.40 13.97
CA ALA A 587 -22.91 -2.23 15.41
C ALA A 587 -22.66 -3.56 16.11
N ALA A 588 -23.08 -4.67 15.51
CA ALA A 588 -22.88 -5.98 16.14
C ALA A 588 -21.45 -6.44 16.07
N THR A 589 -20.63 -5.83 15.21
CA THR A 589 -19.27 -6.33 14.95
C THR A 589 -18.20 -5.26 14.87
N SER A 590 -18.55 -3.99 14.70
CA SER A 590 -17.55 -2.96 14.47
C SER A 590 -16.81 -2.65 15.77
N PHE A 591 -15.48 -2.64 15.73
CA PHE A 591 -14.73 -2.21 16.91
C PHE A 591 -14.68 -0.71 17.06
N VAL A 592 -14.85 0.04 15.97
CA VAL A 592 -14.93 1.49 16.07
C VAL A 592 -16.13 1.89 16.92
N VAL A 593 -17.28 1.29 16.63
CA VAL A 593 -18.53 1.57 17.32
C VAL A 593 -18.50 1.04 18.75
N ASN A 594 -17.86 -0.10 18.99
CA ASN A 594 -17.94 -0.79 20.27
C ASN A 594 -16.68 -0.66 21.10
N ALA A 595 -15.73 0.17 20.65
CA ALA A 595 -14.41 0.29 21.27
C ALA A 595 -14.44 0.35 22.80
N SER A 596 -15.31 1.19 23.37
CA SER A 596 -15.25 1.43 24.81
C SER A 596 -15.89 0.32 25.63
N ARG A 597 -16.65 -0.58 25.03
CA ARG A 597 -17.22 -1.69 25.78
C ARG A 597 -16.42 -2.99 25.65
N LEU A 598 -15.34 -2.98 24.89
CA LEU A 598 -14.66 -4.21 24.51
C LEU A 598 -13.49 -4.47 25.45
N ASP A 599 -13.74 -5.22 26.50
CA ASP A 599 -12.69 -5.36 27.48
C ASP A 599 -11.86 -6.65 27.35
N THR A 600 -12.17 -7.51 26.37
CA THR A 600 -11.31 -8.67 26.05
C THR A 600 -10.00 -8.25 25.39
N PRO A 601 -8.84 -8.58 25.97
CA PRO A 601 -7.56 -8.33 25.28
C PRO A 601 -7.51 -8.97 23.90
N LEU A 602 -7.07 -8.20 22.89
CA LEU A 602 -7.11 -8.69 21.51
C LEU A 602 -5.76 -8.53 20.86
N LEU A 603 -5.21 -9.64 20.35
CA LEU A 603 -3.99 -9.65 19.55
C LEU A 603 -4.34 -9.87 18.09
N ILE A 604 -3.82 -9.02 17.22
CA ILE A 604 -4.07 -9.11 15.78
C ILE A 604 -2.74 -9.39 15.09
N GLN A 605 -2.62 -10.58 14.47
CA GLN A 605 -1.40 -11.01 13.79
C GLN A 605 -1.73 -10.99 12.30
N SER A 606 -1.40 -9.88 11.63
CA SER A 606 -1.98 -9.58 10.33
C SER A 606 -0.96 -9.59 9.21
N ALA A 607 -1.34 -10.16 8.07
CA ALA A 607 -0.56 -9.99 6.86
C ALA A 607 -0.51 -8.49 6.55
N ASP A 608 0.64 -8.02 6.03
CA ASP A 608 0.70 -6.63 5.59
C ASP A 608 -0.33 -6.34 4.52
N GLU A 609 -0.68 -7.35 3.72
CA GLU A 609 -1.68 -7.19 2.69
C GLU A 609 -3.09 -6.94 3.24
N GLU A 610 -3.31 -7.15 4.54
CA GLU A 610 -4.63 -6.96 5.14
C GLU A 610 -4.66 -5.96 6.29
N TYR A 611 -3.52 -5.36 6.66
CA TYR A 611 -3.49 -4.58 7.90
C TYR A 611 -4.21 -3.24 7.80
N LEU A 612 -4.34 -2.69 6.59
CA LEU A 612 -5.03 -1.41 6.44
C LEU A 612 -6.44 -1.46 7.00
N GLY A 613 -7.15 -2.56 6.74
CA GLY A 613 -8.49 -2.71 7.30
C GLY A 613 -8.55 -2.67 8.81
N ALA A 614 -7.45 -2.94 9.49
CA ALA A 614 -7.47 -2.97 10.95
C ALA A 614 -7.24 -1.61 11.58
N LEU A 615 -6.67 -0.66 10.85
CA LEU A 615 -6.22 0.58 11.48
C LEU A 615 -7.32 1.35 12.19
N PRO A 616 -8.47 1.66 11.57
CA PRO A 616 -9.50 2.42 12.31
C PRO A 616 -9.94 1.74 13.59
N GLY A 617 -10.35 0.45 13.51
CA GLY A 617 -10.73 -0.28 14.70
C GLY A 617 -9.61 -0.34 15.72
N PHE A 618 -8.39 -0.58 15.26
CA PHE A 618 -7.27 -0.62 16.18
C PHE A 618 -7.04 0.74 16.82
N THR A 619 -7.17 1.82 16.04
CA THR A 619 -6.97 3.14 16.59
C THR A 619 -8.07 3.50 17.59
N ALA A 620 -9.31 3.09 17.31
CA ALA A 620 -10.39 3.36 18.25
C ALA A 620 -10.18 2.65 19.59
N LEU A 621 -9.66 1.41 19.56
CA LEU A 621 -9.41 0.65 20.78
C LEU A 621 -8.27 1.26 21.61
N GLN A 622 -7.20 1.70 20.94
CA GLN A 622 -6.12 2.36 21.67
C GLN A 622 -6.60 3.66 22.28
N GLN A 623 -7.22 4.51 21.46
CA GLN A 623 -7.84 5.74 21.94
C GLN A 623 -8.72 5.50 23.14
N ALA A 624 -9.38 4.35 23.20
CA ALA A 624 -10.24 3.99 24.31
C ALA A 624 -9.51 3.26 25.43
N ARG A 625 -8.19 3.11 25.34
CA ARG A 625 -7.37 2.45 26.37
C ARG A 625 -7.76 0.98 26.58
N LYS A 626 -8.03 0.28 25.51
CA LYS A 626 -8.28 -1.15 25.63
C LYS A 626 -7.01 -1.92 25.26
N PRO A 627 -6.81 -3.09 25.84
CA PRO A 627 -5.59 -3.85 25.52
C PRO A 627 -5.59 -4.47 24.12
N VAL A 628 -5.03 -3.77 23.14
CA VAL A 628 -4.87 -4.27 21.78
C VAL A 628 -3.40 -4.25 21.42
N GLU A 629 -3.04 -5.15 20.51
CA GLU A 629 -1.74 -5.16 19.85
C GLU A 629 -1.93 -5.66 18.43
N LEU A 630 -1.29 -4.97 17.48
CA LEU A 630 -1.33 -5.32 16.07
C LEU A 630 0.08 -5.68 15.63
N ILE A 631 0.23 -6.86 15.02
CA ILE A 631 1.49 -7.35 14.47
C ILE A 631 1.30 -7.42 12.96
N ILE A 632 2.32 -6.98 12.22
CA ILE A 632 2.30 -6.91 10.76
C ILE A 632 3.41 -7.81 10.21
N TYR A 633 3.03 -8.74 9.33
CA TYR A 633 4.02 -9.61 8.69
C TYR A 633 4.20 -9.22 7.24
N PRO A 634 5.41 -9.00 6.78
CA PRO A 634 5.61 -8.51 5.41
C PRO A 634 5.46 -9.60 4.36
N ASN A 635 4.98 -9.18 3.19
CA ASN A 635 4.88 -10.01 2.02
C ASN A 635 4.06 -11.28 2.32
N GLU A 636 2.93 -11.08 2.97
CA GLU A 636 2.09 -12.17 3.39
C GLU A 636 0.72 -12.05 2.74
N HIS A 637 -0.11 -13.07 2.95
CA HIS A 637 -1.44 -13.09 2.36
C HIS A 637 -2.46 -13.50 3.41
N HIS A 638 -3.72 -13.50 2.98
CA HIS A 638 -4.84 -13.93 3.83
C HIS A 638 -4.49 -15.16 4.64
N VAL A 639 -3.93 -16.17 3.97
CA VAL A 639 -3.27 -17.30 4.62
C VAL A 639 -1.77 -17.10 4.50
N LYS A 640 -1.08 -17.26 5.61
CA LYS A 640 0.35 -17.02 5.65
C LYS A 640 1.14 -18.21 5.12
N TRP A 641 2.22 -17.91 4.37
CA TRP A 641 2.99 -18.92 3.69
C TRP A 641 4.46 -19.04 4.10
N GLN A 642 5.04 -18.06 4.78
CA GLN A 642 6.47 -18.11 5.07
C GLN A 642 6.68 -18.83 6.40
N PRO A 643 7.45 -19.92 6.44
CA PRO A 643 7.50 -20.72 7.67
C PRO A 643 7.95 -19.92 8.89
N ALA A 644 8.87 -18.97 8.72
CA ALA A 644 9.33 -18.22 9.90
C ALA A 644 8.20 -17.37 10.47
N HIS A 645 7.39 -16.78 9.59
CA HIS A 645 6.19 -16.07 10.03
C HIS A 645 5.26 -16.99 10.79
N ARG A 646 4.95 -18.15 10.20
CA ARG A 646 4.10 -19.14 10.87
C ARG A 646 4.63 -19.49 12.25
N LEU A 647 5.93 -19.72 12.39
CA LEU A 647 6.45 -20.10 13.69
C LEU A 647 6.32 -18.96 14.70
N ALA A 648 6.51 -17.72 14.25
CA ALA A 648 6.39 -16.60 15.17
C ALA A 648 4.93 -16.35 15.55
N VAL A 649 4.00 -16.55 14.61
CA VAL A 649 2.59 -16.51 14.97
C VAL A 649 2.29 -17.53 16.06
N TYR A 650 2.65 -18.80 15.82
CA TYR A 650 2.43 -19.85 16.81
C TYR A 650 2.91 -19.42 18.20
N ASN A 651 4.14 -18.89 18.25
CA ASN A 651 4.78 -18.58 19.54
C ASN A 651 4.13 -17.38 20.23
N ARG A 652 3.88 -16.31 19.47
CA ARG A 652 3.26 -15.14 20.06
C ARG A 652 1.88 -15.48 20.62
N THR A 653 1.14 -16.35 19.91
CA THR A 653 -0.20 -16.71 20.33
C THR A 653 -0.16 -17.55 21.60
N ILE A 654 0.81 -18.46 21.70
CA ILE A 654 0.99 -19.20 22.95
C ILE A 654 1.39 -18.24 24.06
N ASP A 655 2.36 -17.36 23.81
CA ASP A 655 2.74 -16.38 24.83
C ASP A 655 1.54 -15.53 25.25
N TRP A 656 0.74 -15.09 24.28
CA TRP A 656 -0.41 -14.23 24.56
C TRP A 656 -1.37 -14.89 25.54
N PHE A 657 -1.80 -16.12 25.24
CA PHE A 657 -2.75 -16.81 26.12
C PHE A 657 -2.10 -17.25 27.42
N ARG A 658 -0.83 -17.59 27.43
CA ARG A 658 -0.21 -17.91 28.71
C ARG A 658 -0.27 -16.70 29.63
N PHE A 659 -0.01 -15.52 29.07
CA PHE A 659 -0.03 -14.27 29.83
C PHE A 659 -1.43 -13.91 30.33
N TRP A 660 -2.44 -13.89 29.44
CA TRP A 660 -3.76 -13.44 29.89
C TRP A 660 -4.56 -14.52 30.61
N LEU A 661 -4.36 -15.80 30.27
CA LEU A 661 -5.19 -16.87 30.83
C LEU A 661 -4.49 -17.69 31.89
N MET A 662 -3.17 -17.59 31.98
CA MET A 662 -2.45 -18.26 33.06
C MET A 662 -1.68 -17.28 33.92
N ASP A 663 -1.65 -16.01 33.56
CA ASP A 663 -0.83 -15.01 34.24
C ASP A 663 0.62 -15.44 34.32
N GLN A 664 1.09 -16.10 33.28
CA GLN A 664 2.45 -16.59 33.19
C GLN A 664 3.20 -15.87 32.08
N SER A 665 4.50 -15.69 32.30
CA SER A 665 5.38 -15.13 31.28
C SER A 665 6.62 -16.01 31.14
N ASP A 666 7.19 -16.01 29.95
CA ASP A 666 8.42 -16.73 29.67
C ASP A 666 9.61 -15.81 29.95
N PRO A 667 10.55 -16.21 30.81
CA PRO A 667 11.62 -15.27 31.22
C PRO A 667 12.66 -14.97 30.15
N ALA A 668 12.63 -15.65 28.99
CA ALA A 668 13.58 -15.47 27.88
C ALA A 668 13.87 -14.01 27.58
N PRO A 669 15.14 -13.61 27.53
CA PRO A 669 15.47 -12.18 27.33
C PRO A 669 14.92 -11.60 26.04
N ASP A 670 14.90 -12.37 24.95
CA ASP A 670 14.44 -11.78 23.70
C ASP A 670 12.93 -11.56 23.69
N LYS A 671 12.26 -11.82 24.82
CA LYS A 671 10.84 -11.58 25.02
C LYS A 671 10.57 -10.46 26.00
N ALA A 672 11.64 -9.86 26.56
CA ALA A 672 11.48 -8.87 27.61
C ALA A 672 10.71 -7.64 27.15
N ALA A 673 11.04 -7.12 25.96
CA ALA A 673 10.26 -6.01 25.42
C ALA A 673 8.79 -6.38 25.26
N GLN A 674 8.52 -7.59 24.81
CA GLN A 674 7.14 -8.04 24.62
C GLN A 674 6.36 -8.00 25.93
N TYR A 675 6.94 -8.51 27.01
CA TYR A 675 6.15 -8.57 28.23
C TYR A 675 6.02 -7.21 28.92
N ASP A 676 6.97 -6.28 28.70
CA ASP A 676 6.76 -4.90 29.12
C ASP A 676 5.59 -4.29 28.38
N ARG A 677 5.53 -4.50 27.06
CA ARG A 677 4.39 -4.03 26.28
C ARG A 677 3.08 -4.53 26.86
N TRP A 678 3.01 -5.84 27.15
CA TRP A 678 1.76 -6.44 27.58
C TRP A 678 1.42 -6.07 29.02
N ARG A 679 2.43 -5.92 29.87
CA ARG A 679 2.18 -5.48 31.24
C ARG A 679 1.58 -4.08 31.27
N ALA A 680 2.03 -3.21 30.36
CA ALA A 680 1.41 -1.90 30.24
C ALA A 680 -0.02 -2.00 29.74
N LEU A 681 -0.29 -2.92 28.79
CA LEU A 681 -1.67 -3.09 28.35
C LEU A 681 -2.54 -3.57 29.50
N ARG A 682 -2.01 -4.48 30.33
CA ARG A 682 -2.79 -4.93 31.49
C ARG A 682 -3.00 -3.81 32.50
N ALA A 683 -2.06 -2.88 32.60
CA ALA A 683 -2.21 -1.79 33.56
C ALA A 683 -3.30 -0.80 33.13
N LEU A 684 -3.65 -0.73 31.84
CA LEU A 684 -4.73 0.16 31.42
C LEU A 684 -6.06 -0.16 32.09
N ARG A 685 -6.22 -1.37 32.63
CA ARG A 685 -7.48 -1.87 33.18
C ARG A 685 -7.83 -1.23 34.52
N GLN A 686 -7.00 -0.29 35.00
CA GLN A 686 -7.28 0.45 36.24
C GLN A 686 -7.78 1.86 35.94
N GLU B 34 -1.26 33.93 -35.89
CA GLU B 34 -0.12 34.79 -35.60
C GLU B 34 0.19 34.76 -34.11
N ALA B 35 1.36 34.18 -33.78
CA ALA B 35 1.89 33.97 -32.42
C ALA B 35 1.17 32.82 -31.72
N PRO B 36 1.79 31.63 -31.66
CA PRO B 36 1.08 30.48 -31.12
C PRO B 36 0.95 30.59 -29.61
N PRO B 37 -0.09 30.00 -29.02
CA PRO B 37 -0.33 30.20 -27.59
C PRO B 37 0.48 29.25 -26.72
N VAL B 38 0.55 29.59 -25.43
CA VAL B 38 1.21 28.72 -24.48
C VAL B 38 0.26 27.58 -24.16
N THR B 39 0.69 26.36 -24.45
CA THR B 39 -0.09 25.16 -24.30
C THR B 39 0.50 24.30 -23.20
N PRO B 40 -0.27 23.35 -22.67
CA PRO B 40 0.29 22.42 -21.68
C PRO B 40 1.57 21.75 -22.14
N GLU B 41 1.63 21.34 -23.42
CA GLU B 41 2.86 20.76 -23.96
C GLU B 41 4.03 21.75 -23.88
N VAL B 42 3.78 23.02 -24.21
CA VAL B 42 4.79 24.06 -24.05
C VAL B 42 5.17 24.20 -22.59
N LEU B 43 4.17 24.47 -21.74
CA LEU B 43 4.39 24.79 -20.33
C LEU B 43 5.23 23.73 -19.65
N VAL B 44 4.84 22.46 -19.83
CA VAL B 44 5.50 21.35 -19.17
C VAL B 44 6.95 21.21 -19.61
N ARG B 45 7.30 21.83 -20.74
CA ARG B 45 8.64 21.72 -21.28
C ARG B 45 9.57 22.88 -20.92
N LEU B 46 9.03 23.96 -20.35
CA LEU B 46 9.85 25.09 -19.97
C LEU B 46 10.88 24.66 -18.93
N ALA B 47 12.16 24.84 -19.26
CA ALA B 47 13.27 24.42 -18.41
C ALA B 47 13.28 25.20 -17.09
N ASP B 48 14.04 24.69 -16.14
CA ASP B 48 14.05 25.21 -14.79
C ASP B 48 15.47 25.16 -14.26
N ILE B 49 15.74 25.94 -13.21
CA ILE B 49 17.05 25.96 -12.54
C ILE B 49 16.81 25.77 -11.06
N GLY B 50 17.31 24.67 -10.49
CA GLY B 50 17.11 24.39 -9.09
C GLY B 50 15.70 23.91 -8.74
N THR B 51 15.48 23.70 -7.44
CA THR B 51 14.22 23.16 -6.93
C THR B 51 13.05 24.10 -7.25
N MET B 52 11.86 23.51 -7.43
CA MET B 52 10.70 24.27 -7.88
C MET B 52 10.43 25.49 -7.03
N SER B 53 10.52 25.35 -5.71
CA SER B 53 10.09 26.41 -4.81
C SER B 53 11.28 27.25 -4.35
N ALA B 54 12.05 27.78 -5.30
CA ALA B 54 13.29 28.47 -4.95
C ALA B 54 13.04 29.84 -4.34
N SER B 55 13.83 30.18 -3.33
CA SER B 55 13.73 31.50 -2.72
C SER B 55 15.08 32.20 -2.60
N GLU B 56 15.10 33.34 -1.91
CA GLU B 56 16.26 34.24 -1.89
C GLU B 56 17.53 33.53 -1.48
N THR B 57 17.45 32.60 -0.55
CA THR B 57 18.61 31.88 -0.05
C THR B 57 18.78 30.50 -0.66
N THR B 58 18.02 30.15 -1.68
CA THR B 58 18.21 28.83 -2.29
C THR B 58 19.56 28.78 -2.99
N PRO B 59 20.52 27.91 -2.55
CA PRO B 59 21.89 27.94 -3.11
C PRO B 59 21.94 27.28 -4.49
N LEU B 60 21.31 27.98 -5.44
CA LEU B 60 21.01 27.50 -6.78
C LEU B 60 22.18 27.54 -7.74
N LEU B 61 23.19 28.36 -7.45
CA LEU B 61 24.33 28.59 -8.33
C LEU B 61 25.59 28.73 -7.50
N SER B 62 26.74 28.65 -8.18
CA SER B 62 28.04 28.95 -7.58
C SER B 62 28.85 29.83 -8.53
N LEU B 63 29.42 30.91 -8.00
CA LEU B 63 30.47 31.62 -8.68
C LEU B 63 31.79 30.90 -8.48
N SER B 64 32.61 30.87 -9.53
CA SER B 64 33.98 30.38 -9.42
C SER B 64 34.75 31.24 -8.42
N PRO B 65 35.85 30.72 -7.86
CA PRO B 65 36.66 31.54 -6.94
C PRO B 65 37.06 32.89 -7.52
N ASP B 66 37.30 33.00 -8.83
CA ASP B 66 37.68 34.26 -9.44
C ASP B 66 36.50 35.06 -9.98
N GLY B 67 35.27 34.59 -9.77
CA GLY B 67 34.08 35.36 -10.10
C GLY B 67 33.75 35.53 -11.57
N ARG B 68 34.46 34.88 -12.49
CA ARG B 68 34.14 35.09 -13.89
C ARG B 68 33.13 34.08 -14.42
N TYR B 69 32.89 32.98 -13.70
CA TYR B 69 31.96 31.96 -14.15
C TYR B 69 30.95 31.60 -13.05
N VAL B 70 29.76 31.22 -13.50
CA VAL B 70 28.70 30.71 -12.64
C VAL B 70 28.33 29.30 -13.11
N ALA B 71 28.22 28.38 -12.15
CA ALA B 71 27.81 27.01 -12.42
C ALA B 71 26.41 26.77 -11.86
N PHE B 72 25.57 26.09 -12.65
CA PHE B 72 24.18 25.91 -12.25
C PHE B 72 23.54 24.78 -13.06
N GLN B 73 22.73 23.96 -12.38
CA GLN B 73 22.04 22.84 -13.02
C GLN B 73 20.74 23.27 -13.68
N VAL B 74 20.56 22.82 -14.93
CA VAL B 74 19.32 23.01 -15.65
C VAL B 74 18.59 21.68 -15.73
N ARG B 75 17.28 21.73 -15.55
CA ARG B 75 16.40 20.57 -15.69
C ARG B 75 15.37 20.93 -16.74
N GLN B 76 15.07 19.98 -17.64
CA GLN B 76 14.02 20.17 -18.63
C GLN B 76 13.21 18.89 -18.79
N ALA B 77 11.89 19.04 -18.81
CA ALA B 77 10.97 17.91 -18.80
C ALA B 77 10.59 17.49 -20.21
N ASP B 78 10.58 16.19 -20.45
CA ASP B 78 10.09 15.64 -21.72
C ASP B 78 8.90 14.74 -21.42
N PRO B 79 7.67 15.12 -21.78
CA PRO B 79 6.53 14.25 -21.47
C PRO B 79 6.44 12.97 -22.30
N VAL B 80 7.11 12.90 -23.47
CA VAL B 80 7.02 11.72 -24.32
C VAL B 80 7.86 10.58 -23.74
N THR B 81 9.15 10.84 -23.54
CA THR B 81 9.97 9.82 -22.87
C THR B 81 9.65 9.71 -21.40
N ASN B 82 8.78 10.57 -20.88
CA ASN B 82 8.66 10.78 -19.42
C ASN B 82 10.08 11.26 -19.05
N LEU B 83 10.68 10.89 -17.93
CA LEU B 83 12.06 11.29 -17.65
C LEU B 83 12.40 12.80 -17.71
N ASN B 84 13.28 13.24 -16.85
CA ASN B 84 13.84 14.59 -16.89
C ASN B 84 15.24 14.61 -17.48
N VAL B 85 15.56 15.73 -18.15
CA VAL B 85 16.87 15.98 -18.74
C VAL B 85 17.62 16.94 -17.83
N PHE B 86 18.64 16.43 -17.12
CA PHE B 86 19.51 17.23 -16.27
C PHE B 86 20.84 17.50 -16.97
N ARG B 87 21.26 18.78 -16.98
CA ARG B 87 22.61 19.13 -17.44
C ARG B 87 23.25 20.13 -16.49
N MET B 88 24.55 19.94 -16.22
CA MET B 88 25.35 20.91 -15.48
C MET B 88 25.97 21.91 -16.47
N VAL B 89 25.75 23.20 -16.22
CA VAL B 89 26.03 24.28 -17.18
C VAL B 89 27.05 25.25 -16.58
N VAL B 90 27.82 25.90 -17.47
CA VAL B 90 28.77 26.94 -17.08
C VAL B 90 28.68 28.10 -18.08
N LYS B 91 28.42 29.31 -17.57
CA LYS B 91 28.46 30.51 -18.41
C LYS B 91 29.37 31.55 -17.78
N ALA B 92 30.00 32.35 -18.64
CA ALA B 92 30.86 33.42 -18.16
C ALA B 92 30.02 34.62 -17.76
N THR B 93 30.33 35.19 -16.59
CA THR B 93 29.50 36.25 -16.02
C THR B 93 29.53 37.54 -16.82
N ASP B 94 30.50 37.68 -17.73
CA ASP B 94 30.57 38.87 -18.58
C ASP B 94 29.63 38.83 -19.77
N GLY B 95 28.97 37.71 -20.03
CA GLY B 95 28.05 37.61 -21.16
C GLY B 95 28.71 37.55 -22.52
N ALA B 96 30.01 37.22 -22.57
CA ALA B 96 30.71 37.23 -23.85
C ALA B 96 30.77 35.85 -24.54
N THR B 97 31.02 34.76 -23.80
CA THR B 97 30.96 33.44 -24.40
C THR B 97 29.60 32.82 -24.08
N ASP B 98 29.16 31.92 -24.96
CA ASP B 98 27.94 31.19 -24.71
C ASP B 98 28.21 30.06 -23.72
N ALA B 99 27.14 29.61 -23.06
CA ALA B 99 27.27 28.60 -22.01
C ALA B 99 27.71 27.25 -22.57
N ILE B 100 28.29 26.45 -21.70
CA ILE B 100 28.88 25.16 -22.05
C ILE B 100 28.45 24.12 -21.01
N ASP B 101 27.81 23.05 -21.47
CA ASP B 101 27.36 21.97 -20.59
C ASP B 101 28.55 21.08 -20.23
N VAL B 102 28.99 21.17 -18.98
CA VAL B 102 30.14 20.40 -18.52
C VAL B 102 29.77 19.01 -18.01
N ASP B 103 28.48 18.66 -17.98
CA ASP B 103 27.94 17.33 -17.69
C ASP B 103 26.48 17.28 -18.09
N VAL B 104 26.05 16.11 -18.55
CA VAL B 104 24.66 15.87 -18.94
C VAL B 104 24.25 14.50 -18.42
N GLY B 105 23.00 14.39 -17.98
CA GLY B 105 22.46 13.15 -17.47
C GLY B 105 22.23 13.23 -15.96
N GLY B 106 21.76 12.11 -15.44
CA GLY B 106 21.38 11.94 -14.05
C GLY B 106 19.86 11.78 -13.92
N GLU B 107 19.45 11.08 -12.88
CA GLU B 107 18.03 10.98 -12.62
C GLU B 107 17.56 12.03 -11.60
N TYR B 108 16.25 12.19 -11.53
CA TYR B 108 15.60 13.11 -10.62
C TYR B 108 15.97 12.76 -9.19
N LEU B 109 16.69 13.65 -8.51
CA LEU B 109 17.18 13.40 -7.17
C LEU B 109 16.23 14.06 -6.16
N PHE B 110 15.65 13.25 -5.28
CA PHE B 110 14.63 13.73 -4.36
C PHE B 110 15.27 14.40 -3.16
N TRP B 111 14.82 15.62 -2.88
CA TRP B 111 15.23 16.31 -1.68
C TRP B 111 14.52 15.67 -0.49
N THR B 112 15.30 15.22 0.48
CA THR B 112 14.79 14.48 1.61
C THR B 112 15.45 15.03 2.87
N ILE B 113 14.70 15.05 3.97
CA ILE B 113 15.21 15.52 5.27
C ILE B 113 14.64 14.66 6.38
N PRO B 114 15.37 14.58 7.49
CA PRO B 114 14.77 14.07 8.73
C PRO B 114 13.61 14.94 9.18
N SER B 115 12.55 14.29 9.68
CA SER B 115 11.33 14.95 10.11
C SER B 115 10.63 14.07 11.13
N TRP B 116 9.97 14.73 12.08
CA TRP B 116 9.12 14.10 13.09
C TRP B 116 9.86 13.06 13.93
N GLY B 117 11.18 13.12 14.00
CA GLY B 117 11.92 12.04 14.64
C GLY B 117 12.23 10.84 13.76
N TYR B 118 11.86 10.87 12.48
CA TYR B 118 12.30 9.87 11.51
C TYR B 118 13.65 10.28 10.93
N ALA B 119 14.46 9.27 10.64
CA ALA B 119 15.80 9.54 10.12
C ALA B 119 15.75 10.03 8.68
N ARG B 120 14.78 9.56 7.89
CA ARG B 120 14.65 9.99 6.50
C ARG B 120 13.20 9.80 6.08
N ASN B 121 12.45 10.90 6.09
CA ASN B 121 11.04 10.87 5.72
C ASN B 121 10.86 10.57 4.22
N ALA B 122 9.62 10.23 3.88
CA ALA B 122 9.24 10.02 2.50
C ALA B 122 9.48 11.29 1.68
N PRO B 123 9.99 11.17 0.45
CA PRO B 123 10.24 12.37 -0.35
C PRO B 123 8.95 13.16 -0.60
N SER B 124 9.03 14.47 -0.40
CA SER B 124 7.94 15.34 -0.79
C SER B 124 7.71 15.31 -2.30
N GLY B 125 8.71 14.93 -3.08
CA GLY B 125 8.62 14.94 -4.53
C GLY B 125 9.44 16.04 -5.19
N ALA B 126 9.94 16.98 -4.40
CA ALA B 126 10.78 18.06 -4.92
C ALA B 126 12.18 17.55 -5.28
N ASN B 127 12.72 18.09 -6.37
CA ASN B 127 14.11 17.82 -6.74
C ASN B 127 15.06 18.58 -5.83
N LEU B 128 16.15 17.92 -5.45
CA LEU B 128 17.18 18.57 -4.66
C LEU B 128 17.83 19.68 -5.45
N THR B 129 18.07 20.82 -4.78
CA THR B 129 18.87 21.86 -5.42
C THR B 129 20.33 21.43 -5.43
N ILE B 130 20.94 21.44 -6.62
CA ILE B 130 22.32 20.99 -6.79
C ILE B 130 23.23 22.21 -6.75
N GLN B 131 24.06 22.27 -5.71
CA GLN B 131 24.99 23.36 -5.50
C GLN B 131 26.35 22.92 -6.03
N PRO B 132 26.74 23.36 -7.23
CA PRO B 132 28.06 22.97 -7.74
C PRO B 132 29.15 23.60 -6.88
N ARG B 133 30.14 22.79 -6.56
CA ARG B 133 31.27 23.21 -5.74
C ARG B 133 32.50 23.31 -6.62
N TRP B 134 33.04 24.52 -6.76
CA TRP B 134 34.26 24.73 -7.54
C TRP B 134 35.47 24.22 -6.78
N SER B 135 36.42 23.63 -7.51
CA SER B 135 37.73 23.38 -6.96
C SER B 135 38.48 24.71 -6.81
N PRO B 136 39.37 24.83 -5.83
CA PRO B 136 40.13 26.10 -5.66
C PRO B 136 40.73 26.61 -6.95
N SER B 137 41.14 25.72 -7.85
CA SER B 137 41.72 26.12 -9.13
C SER B 137 40.70 26.71 -10.09
N GLY B 138 39.42 26.46 -9.90
CA GLY B 138 38.48 26.77 -10.96
C GLY B 138 38.54 25.78 -12.09
N THR B 139 38.98 24.54 -11.80
CA THR B 139 39.22 23.50 -12.80
C THR B 139 38.07 22.50 -12.87
N HIS B 140 37.62 22.05 -11.72
CA HIS B 140 36.60 21.02 -11.63
C HIS B 140 35.47 21.52 -10.74
N LEU B 141 34.30 20.90 -10.95
CA LEU B 141 33.14 21.03 -10.08
C LEU B 141 32.96 19.72 -9.35
N ALA B 142 32.52 19.78 -8.10
CA ALA B 142 32.04 18.60 -7.40
C ALA B 142 30.58 18.81 -7.04
N TYR B 143 29.76 17.78 -7.21
CA TYR B 143 28.34 17.93 -7.01
C TYR B 143 27.72 16.55 -6.87
N LEU B 144 26.60 16.47 -6.18
CA LEU B 144 25.89 15.21 -6.05
C LEU B 144 25.14 14.90 -7.35
N ARG B 145 25.16 13.62 -7.74
CA ARG B 145 24.39 13.16 -8.88
C ARG B 145 23.93 11.74 -8.59
N GLN B 146 22.72 11.42 -9.02
CA GLN B 146 22.13 10.12 -8.75
C GLN B 146 22.03 9.31 -10.03
N ASP B 147 22.44 8.03 -9.96
CA ASP B 147 22.23 7.05 -11.00
C ASP B 147 21.85 5.71 -10.39
N GLN B 148 20.86 5.05 -11.00
CA GLN B 148 20.39 3.72 -10.56
C GLN B 148 20.15 3.70 -9.06
N GLY B 149 19.49 4.75 -8.56
CA GLY B 149 19.02 4.84 -7.19
C GLY B 149 20.06 5.07 -6.12
N ARG B 150 21.29 5.46 -6.47
CA ARG B 150 22.32 5.81 -5.50
C ARG B 150 22.90 7.18 -5.84
N VAL B 151 23.14 7.97 -4.80
CA VAL B 151 23.66 9.33 -4.94
C VAL B 151 25.18 9.31 -4.83
N ARG B 152 25.86 9.78 -5.88
CA ARG B 152 27.30 9.81 -5.98
C ARG B 152 27.80 11.25 -6.04
N VAL B 153 29.11 11.41 -5.81
CA VAL B 153 29.83 12.64 -6.13
C VAL B 153 30.41 12.53 -7.54
N TRP B 154 30.28 13.59 -8.32
CA TRP B 154 30.81 13.68 -9.69
C TRP B 154 31.74 14.88 -9.81
N ARG B 155 32.69 14.82 -10.76
CA ARG B 155 33.61 15.91 -11.06
C ARG B 155 33.53 16.29 -12.54
N ALA B 156 33.79 17.56 -12.86
CA ALA B 156 33.64 18.01 -14.24
C ALA B 156 34.65 19.11 -14.60
N SER B 157 35.31 18.95 -15.73
CA SER B 157 36.16 20.02 -16.28
C SER B 157 35.32 21.16 -16.83
N VAL B 158 35.86 22.37 -16.72
CA VAL B 158 35.15 23.57 -17.16
C VAL B 158 35.13 23.69 -18.68
N LYS B 159 36.11 23.12 -19.38
CA LYS B 159 36.01 22.99 -20.83
C LYS B 159 36.78 21.76 -21.28
N GLY B 160 37.56 21.18 -20.39
CA GLY B 160 38.26 19.98 -20.76
C GLY B 160 37.38 18.76 -20.88
N GLU B 161 36.06 18.92 -20.67
CA GLU B 161 35.05 17.90 -20.93
C GLU B 161 35.35 16.59 -20.20
N GLY B 162 34.95 16.49 -18.94
CA GLY B 162 35.11 15.24 -18.21
C GLY B 162 33.96 14.97 -17.26
N ALA B 163 33.30 13.81 -17.39
CA ALA B 163 32.20 13.44 -16.51
C ALA B 163 32.69 12.65 -15.31
N SER B 164 32.22 11.40 -15.17
CA SER B 164 32.77 10.41 -14.24
C SER B 164 32.40 10.63 -12.78
N PRO B 165 31.70 9.67 -12.17
CA PRO B 165 31.55 9.67 -10.71
C PRO B 165 32.89 9.48 -10.00
N VAL B 166 32.88 9.78 -8.70
CA VAL B 166 34.11 9.92 -7.94
C VAL B 166 34.04 9.25 -6.58
N ILE B 167 32.97 9.51 -5.82
CA ILE B 167 32.78 8.87 -4.52
C ILE B 167 31.47 8.08 -4.56
N GLU B 168 31.52 6.83 -4.13
CA GLU B 168 30.34 5.99 -4.01
C GLU B 168 30.54 5.18 -2.75
N ASP B 169 29.45 4.94 -2.03
CA ASP B 169 29.54 4.22 -0.77
C ASP B 169 28.27 3.43 -0.58
N ALA B 170 28.20 2.65 0.51
CA ALA B 170 27.03 1.86 0.82
C ALA B 170 25.78 2.71 1.06
N TYR B 171 25.98 3.98 1.40
CA TYR B 171 24.93 4.95 1.63
C TYR B 171 25.02 6.06 0.57
N ASP B 172 23.98 6.88 0.49
CA ASP B 172 24.01 8.05 -0.37
C ASP B 172 24.89 9.13 0.23
N ILE B 173 25.64 9.83 -0.62
CA ILE B 173 26.43 10.97 -0.18
C ILE B 173 25.52 12.18 -0.06
N GLU B 174 25.47 12.75 1.14
CA GLU B 174 24.59 13.87 1.40
C GLU B 174 25.25 15.23 1.18
N ASP B 175 26.59 15.30 1.16
CA ASP B 175 27.30 16.58 0.99
C ASP B 175 28.77 16.32 0.66
N VAL B 176 29.41 17.34 0.10
CA VAL B 176 30.83 17.29 -0.28
C VAL B 176 31.38 18.71 -0.33
N GLN B 177 32.64 18.87 0.07
CA GLN B 177 33.43 20.09 -0.14
C GLN B 177 34.85 19.69 -0.59
N TRP B 178 35.58 20.66 -1.17
CA TRP B 178 37.01 20.47 -1.42
C TRP B 178 37.81 20.89 -0.19
N LEU B 179 38.71 20.01 0.26
CA LEU B 179 39.70 20.41 1.25
C LEU B 179 40.87 21.13 0.60
N ASP B 180 41.25 20.70 -0.60
CA ASP B 180 42.15 21.43 -1.48
C ASP B 180 41.80 21.02 -2.90
N ASP B 181 42.68 21.30 -3.85
CA ASP B 181 42.34 21.04 -5.24
C ASP B 181 42.40 19.57 -5.63
N ASN B 182 42.86 18.69 -4.74
CA ASN B 182 42.98 17.28 -5.03
C ASN B 182 42.29 16.41 -3.99
N THR B 183 41.67 16.99 -2.98
CA THR B 183 41.05 16.25 -1.89
C THR B 183 39.60 16.71 -1.70
N LEU B 184 38.72 15.74 -1.47
CA LEU B 184 37.28 15.96 -1.26
C LEU B 184 36.87 15.38 0.08
N ILE B 185 36.05 16.11 0.82
CA ILE B 185 35.46 15.62 2.06
C ILE B 185 33.99 15.38 1.81
N TYR B 186 33.44 14.33 2.41
CA TYR B 186 32.05 14.00 2.16
C TYR B 186 31.43 13.39 3.40
N SER B 187 30.11 13.54 3.49
CA SER B 187 29.31 13.04 4.60
C SER B 187 28.24 12.08 4.11
N GLY B 188 27.73 11.28 5.04
CA GLY B 188 26.65 10.36 4.78
C GLY B 188 26.29 9.67 6.08
N ARG B 189 25.25 8.85 6.02
CA ARG B 189 24.80 8.14 7.22
C ARG B 189 24.79 6.64 6.96
N PRO B 190 25.86 5.94 7.33
CA PRO B 190 25.88 4.48 7.16
C PRO B 190 24.99 3.75 8.15
N GLY B 191 24.83 4.27 9.37
CA GLY B 191 23.98 3.63 10.35
C GLY B 191 22.54 3.51 9.92
N PHE B 192 22.13 4.30 8.92
CA PHE B 192 20.77 4.23 8.41
C PHE B 192 20.51 2.93 7.64
N VAL B 193 21.44 2.54 6.76
CA VAL B 193 21.25 1.30 5.99
C VAL B 193 21.35 0.06 6.89
N GLU B 194 22.18 0.10 7.94
CA GLU B 194 22.20 -1.02 8.89
C GLU B 194 20.88 -1.14 9.61
N ALA B 195 20.27 0.00 9.96
CA ALA B 195 18.99 -0.01 10.65
C ALA B 195 17.92 -0.64 9.76
N GLU B 196 18.00 -0.37 8.45
CA GLU B 196 17.09 -1.00 7.53
C GLU B 196 17.28 -2.51 7.51
N ALA B 197 18.54 -2.95 7.57
CA ALA B 197 18.82 -4.39 7.59
C ALA B 197 18.27 -5.03 8.86
N GLU B 198 18.33 -4.32 9.97
CA GLU B 198 17.81 -4.83 11.22
C GLU B 198 16.28 -4.88 11.19
N ILE B 199 15.63 -3.92 10.54
CA ILE B 199 14.18 -3.97 10.41
C ILE B 199 13.79 -5.20 9.61
N GLU B 200 14.49 -5.46 8.51
CA GLU B 200 14.26 -6.64 7.68
C GLU B 200 14.45 -7.93 8.47
N ARG B 201 15.43 -7.95 9.35
CA ARG B 201 15.67 -9.16 10.13
C ARG B 201 14.52 -9.38 11.10
N GLU B 202 14.04 -8.31 11.74
CA GLU B 202 12.94 -8.45 12.68
C GLU B 202 11.63 -8.83 11.99
N GLY B 203 11.45 -8.44 10.72
CA GLY B 203 10.23 -8.79 10.00
C GLY B 203 9.94 -10.27 9.96
N ARG B 204 10.97 -11.09 10.18
CA ARG B 204 10.77 -12.54 10.24
C ARG B 204 9.87 -12.95 11.39
N ARG B 205 9.81 -12.18 12.46
CA ARG B 205 8.88 -12.51 13.52
C ARG B 205 7.66 -11.59 13.51
N GLY B 206 7.51 -10.76 12.49
CA GLY B 206 6.45 -9.76 12.45
C GLY B 206 6.83 -8.53 13.22
N TRP B 207 6.35 -7.36 12.81
CA TRP B 207 6.62 -6.10 13.51
C TRP B 207 5.44 -5.69 14.36
N VAL B 208 5.69 -5.22 15.58
CA VAL B 208 4.65 -4.58 16.35
C VAL B 208 4.31 -3.25 15.71
N TYR B 209 3.02 -3.03 15.43
CA TYR B 209 2.58 -1.76 14.87
C TYR B 209 2.69 -0.66 15.94
N ASP B 210 3.56 0.31 15.72
CA ASP B 210 3.81 1.35 16.73
C ASP B 210 4.28 2.65 16.06
N GLU B 211 5.00 3.48 16.82
CA GLU B 211 5.45 4.78 16.32
C GLU B 211 6.31 4.71 15.07
N ARG B 212 6.94 3.57 14.77
CA ARG B 212 7.80 3.50 13.60
C ARG B 212 7.03 3.52 12.28
N PHE B 213 5.72 3.34 12.32
CA PHE B 213 4.94 3.14 11.10
C PHE B 213 4.27 4.41 10.62
N HIS B 214 4.29 4.61 9.30
CA HIS B 214 3.59 5.70 8.65
C HIS B 214 2.80 5.09 7.52
N PRO B 215 1.58 4.61 7.81
CA PRO B 215 0.86 3.72 6.85
C PRO B 215 0.63 4.34 5.48
N LEU B 216 0.35 5.64 5.42
CA LEU B 216 0.08 6.28 4.13
C LEU B 216 1.14 5.94 3.10
N THR B 217 2.41 5.85 3.52
CA THR B 217 3.53 5.64 2.59
C THR B 217 4.13 4.24 2.64
N GLY B 218 3.50 3.29 3.32
CA GLY B 218 4.01 1.93 3.25
C GLY B 218 3.78 1.15 4.52
N ALA B 219 3.91 -0.17 4.38
CA ALA B 219 3.55 -1.13 5.41
C ALA B 219 4.76 -1.64 6.20
N ARG B 220 5.90 -0.92 6.18
CA ARG B 220 7.11 -1.29 6.90
C ARG B 220 7.43 -0.24 7.96
N PRO B 221 8.12 -0.63 9.02
CA PRO B 221 8.64 0.37 9.95
C PRO B 221 9.62 1.29 9.25
N ARG B 222 9.69 2.53 9.72
CA ARG B 222 10.71 3.48 9.31
C ARG B 222 11.82 3.55 10.35
N VAL B 223 13.01 3.96 9.88
CA VAL B 223 14.13 4.13 10.80
C VAL B 223 13.90 5.40 11.63
N LEU B 224 13.98 5.27 12.94
CA LEU B 224 13.87 6.42 13.81
C LEU B 224 15.24 7.05 14.07
N GLU B 225 15.23 8.37 14.30
CA GLU B 225 16.39 9.04 14.88
C GLU B 225 16.68 8.38 16.23
N PRO B 226 17.93 8.45 16.70
CA PRO B 226 19.08 9.13 16.12
C PRO B 226 19.89 8.28 15.14
N ILE B 227 20.27 8.90 14.01
CA ILE B 227 21.18 8.31 13.04
C ILE B 227 22.31 9.30 12.84
N SER B 228 23.53 8.85 13.09
CA SER B 228 24.72 9.71 13.07
C SER B 228 25.20 9.98 11.65
N ILE B 229 25.82 11.12 11.48
CA ILE B 229 26.49 11.47 10.23
C ILE B 229 27.96 11.09 10.34
N VAL B 230 28.49 10.56 9.24
CA VAL B 230 29.87 10.11 9.14
C VAL B 230 30.54 10.85 8.00
N TYR B 231 31.75 11.35 8.26
CA TYR B 231 32.50 12.16 7.30
C TYR B 231 33.77 11.43 6.91
N GLN B 232 33.98 11.24 5.60
CA GLN B 232 35.15 10.59 5.05
C GLN B 232 35.81 11.54 4.06
N VAL B 233 37.13 11.38 3.86
CA VAL B 233 37.90 12.22 2.96
C VAL B 233 38.63 11.36 1.93
N LEU B 234 38.48 11.74 0.66
CA LEU B 234 39.07 11.05 -0.47
C LEU B 234 40.07 11.95 -1.15
N ASP B 235 41.26 11.40 -1.32
CA ASP B 235 42.32 12.02 -2.12
C ASP B 235 42.13 11.57 -3.56
N LEU B 236 42.02 12.53 -4.49
CA LEU B 236 41.73 12.26 -5.90
C LEU B 236 42.94 11.72 -6.68
N LYS B 237 44.12 11.71 -6.10
CA LYS B 237 45.25 11.08 -6.75
C LYS B 237 45.34 9.60 -6.43
N THR B 238 45.13 9.22 -5.18
CA THR B 238 45.27 7.83 -4.77
C THR B 238 43.96 7.06 -4.82
N GLY B 239 42.86 7.69 -4.44
CA GLY B 239 41.62 6.99 -4.20
C GLY B 239 41.40 6.49 -2.79
N THR B 240 42.25 6.88 -1.84
CA THR B 240 42.21 6.42 -0.44
C THR B 240 41.07 7.12 0.32
N ARG B 241 40.39 6.41 1.19
CA ARG B 241 39.52 7.04 2.17
C ARG B 241 40.26 7.08 3.50
N ARG B 242 40.05 8.15 4.25
CA ARG B 242 40.54 8.24 5.63
C ARG B 242 39.47 8.88 6.48
N ALA B 243 39.69 8.89 7.79
CA ALA B 243 38.82 9.68 8.67
C ALA B 243 39.05 11.17 8.41
N ALA B 244 38.06 11.98 8.79
CA ALA B 244 38.18 13.44 8.74
C ALA B 244 38.50 13.99 10.11
N THR B 245 39.43 14.94 10.15
CA THR B 245 39.76 15.62 11.40
C THR B 245 38.62 16.56 11.78
N PRO B 246 38.42 16.81 13.08
CA PRO B 246 37.39 17.77 13.49
C PRO B 246 37.46 19.09 12.72
N THR B 247 38.68 19.53 12.38
CA THR B 247 38.85 20.74 11.58
C THR B 247 38.24 20.58 10.19
N GLU B 248 38.51 19.43 9.55
CA GLU B 248 37.92 19.17 8.23
C GLU B 248 36.41 19.00 8.31
N VAL B 249 35.93 18.30 9.34
CA VAL B 249 34.50 18.13 9.56
C VAL B 249 33.79 19.48 9.66
N ALA B 250 34.28 20.33 10.57
CA ALA B 250 33.70 21.66 10.74
C ALA B 250 33.76 22.48 9.47
N ARG B 251 34.67 22.17 8.54
CA ARG B 251 34.71 22.91 7.28
C ARG B 251 33.58 22.49 6.35
N LEU B 252 33.12 21.25 6.44
CA LEU B 252 31.95 20.82 5.69
C LEU B 252 30.65 21.14 6.44
N ARG B 253 30.65 21.01 7.77
CA ARG B 253 29.44 21.08 8.57
C ARG B 253 28.91 22.50 8.74
N GLU B 254 29.78 23.51 8.69
CA GLU B 254 29.35 24.88 8.84
C GLU B 254 28.98 25.48 7.50
N LYS B 255 27.76 26.07 7.43
CA LYS B 255 27.05 26.71 6.35
C LYS B 255 27.27 28.22 6.38
N PRO B 256 27.31 28.87 5.23
CA PRO B 256 27.36 30.33 5.24
C PRO B 256 26.04 30.90 5.71
N ASP B 257 26.11 31.99 6.49
CA ASP B 257 24.93 32.63 7.03
C ASP B 257 24.51 33.77 6.13
N PRO B 258 23.32 33.72 5.51
CA PRO B 258 22.90 34.82 4.62
C PRO B 258 22.43 36.08 5.34
N LEU B 259 22.23 36.04 6.65
CA LEU B 259 21.86 37.24 7.40
C LEU B 259 23.02 37.78 8.24
N ARG B 260 24.26 37.48 7.86
CA ARG B 260 25.45 38.06 8.46
C ARG B 260 26.43 38.44 7.36
N ALA B 261 27.08 39.59 7.53
CA ALA B 261 28.12 40.01 6.60
C ALA B 261 29.13 40.87 7.34
N MET B 262 30.37 40.83 6.88
CA MET B 262 31.44 41.62 7.46
C MET B 262 31.96 42.64 6.45
N VAL B 263 32.16 43.86 6.93
CA VAL B 263 32.79 44.93 6.17
C VAL B 263 33.84 45.53 7.10
N GLY B 264 35.10 45.14 6.92
CA GLY B 264 36.15 45.57 7.81
C GLY B 264 35.99 44.96 9.18
N ARG B 265 35.92 45.80 10.21
CA ARG B 265 35.75 45.31 11.56
C ARG B 265 34.28 45.28 11.96
N THR B 266 33.39 45.70 11.07
CA THR B 266 31.96 45.72 11.37
C THR B 266 31.29 44.41 10.96
N THR B 267 30.69 43.74 11.93
CA THR B 267 29.81 42.62 11.66
C THR B 267 28.38 43.14 11.56
N PHE B 268 27.74 42.87 10.43
CA PHE B 268 26.35 43.20 10.23
C PHE B 268 25.54 41.93 10.42
N SER B 269 24.43 42.07 11.12
CA SER B 269 23.55 40.96 11.39
C SER B 269 22.15 41.51 11.59
N VAL B 270 21.26 40.65 12.06
CA VAL B 270 19.85 40.96 12.09
C VAL B 270 19.31 40.47 13.43
N SER B 271 18.52 41.30 14.09
CA SER B 271 18.00 40.86 15.38
C SER B 271 16.72 41.63 15.67
N ARG B 272 16.00 41.15 16.68
CA ARG B 272 14.73 41.69 17.14
C ARG B 272 14.91 42.40 18.46
N THR B 273 14.04 43.39 18.73
CA THR B 273 13.97 43.97 20.07
C THR B 273 13.27 43.05 21.06
N ASP B 274 12.58 42.01 20.59
CA ASP B 274 11.95 41.00 21.43
C ASP B 274 12.37 39.65 20.86
N PRO B 275 13.59 39.20 21.18
CA PRO B 275 14.16 38.06 20.43
C PRO B 275 13.36 36.77 20.53
N GLN B 276 12.39 36.69 21.44
CA GLN B 276 11.58 35.48 21.60
C GLN B 276 10.20 35.58 20.95
N ASN B 277 9.89 36.72 20.33
CA ASN B 277 8.66 36.92 19.58
C ASN B 277 8.96 36.63 18.11
N ILE B 278 8.46 35.50 17.59
CA ILE B 278 8.85 35.10 16.24
C ILE B 278 8.26 36.01 15.16
N ASN B 279 7.26 36.81 15.51
CA ASN B 279 6.64 37.73 14.55
C ASN B 279 7.06 39.17 14.78
N ALA B 280 7.95 39.40 15.72
CA ALA B 280 8.55 40.71 15.85
C ALA B 280 9.45 40.94 14.64
N PRO B 281 9.45 42.13 14.06
CA PRO B 281 10.29 42.37 12.88
C PRO B 281 11.77 42.50 13.25
N THR B 282 12.62 41.98 12.39
CA THR B 282 14.05 42.08 12.57
C THR B 282 14.54 43.41 12.05
N THR B 283 15.64 43.87 12.62
CA THR B 283 16.29 45.11 12.26
C THR B 283 17.77 44.83 11.99
N LEU B 284 18.32 45.53 11.00
CA LEU B 284 19.76 45.47 10.79
C LEU B 284 20.49 45.97 12.03
N VAL B 285 21.58 45.28 12.38
CA VAL B 285 22.40 45.61 13.55
C VAL B 285 23.87 45.63 13.13
N ALA B 286 24.61 46.62 13.63
CA ALA B 286 26.00 46.83 13.27
C ALA B 286 26.86 46.78 14.53
N ARG B 287 27.84 45.87 14.54
CA ARG B 287 28.77 45.67 15.64
C ARG B 287 30.20 45.95 15.18
N ARG B 288 30.82 47.00 15.69
CA ARG B 288 32.22 47.26 15.35
C ARG B 288 33.08 46.42 16.28
N GLY B 289 33.81 45.45 15.72
CA GLY B 289 34.58 44.53 16.53
C GLY B 289 33.73 43.89 17.60
N GLU B 290 34.25 43.89 18.84
CA GLU B 290 33.50 43.37 19.99
C GLU B 290 32.61 44.42 20.62
N GLY B 291 32.40 45.53 19.94
CA GLY B 291 31.69 46.66 20.49
C GLY B 291 30.21 46.43 20.67
N GLU B 292 29.55 47.48 21.14
CA GLU B 292 28.13 47.41 21.40
C GLU B 292 27.37 47.39 20.08
N PRO B 293 26.25 46.66 20.00
CA PRO B 293 25.44 46.69 18.78
C PRO B 293 24.74 48.03 18.60
N VAL B 294 24.73 48.50 17.35
CA VAL B 294 24.01 49.71 16.98
C VAL B 294 22.87 49.29 16.06
N ARG B 295 21.65 49.68 16.39
CA ARG B 295 20.48 49.33 15.59
C ARG B 295 20.22 50.40 14.53
N CYS B 296 19.86 49.96 13.35
CA CYS B 296 19.43 50.89 12.31
C CYS B 296 17.99 51.30 12.58
N ASP B 297 17.69 52.58 12.36
CA ASP B 297 16.37 53.10 12.65
C ASP B 297 15.47 53.15 11.43
N GLU B 298 16.05 53.16 10.24
CA GLU B 298 15.25 53.27 9.03
C GLU B 298 14.33 52.07 8.89
N GLU B 299 13.21 52.29 8.21
CA GLU B 299 12.28 51.20 7.94
C GLU B 299 12.84 50.23 6.92
N ALA B 300 13.70 50.73 6.02
CA ALA B 300 14.32 49.88 5.02
C ALA B 300 15.14 48.74 5.63
N CYS B 301 15.54 48.87 6.89
CA CYS B 301 16.39 47.87 7.55
C CYS B 301 15.61 46.65 8.04
N GLN B 302 14.29 46.67 7.90
CA GLN B 302 13.42 45.66 8.51
C GLN B 302 13.25 44.44 7.61
N ASN B 303 13.37 43.26 8.20
CA ASN B 303 13.08 41.98 7.53
C ASN B 303 13.96 41.74 6.30
N ILE B 304 15.26 41.96 6.47
CA ILE B 304 16.20 41.59 5.42
C ILE B 304 16.13 40.10 5.22
N THR B 305 16.26 39.66 3.97
CA THR B 305 16.30 38.24 3.63
C THR B 305 17.68 37.80 3.19
N ARG B 306 18.55 38.71 2.80
CA ARG B 306 19.89 38.33 2.40
C ARG B 306 20.75 39.59 2.40
N MET B 307 22.01 39.46 2.81
CA MET B 307 22.90 40.61 2.80
C MET B 307 24.27 40.20 2.29
N TRP B 308 24.99 41.18 1.71
CA TRP B 308 26.35 40.99 1.19
C TRP B 308 27.23 42.16 1.63
N GLY B 309 28.39 41.85 2.20
CA GLY B 309 29.35 42.88 2.59
C GLY B 309 30.44 43.02 1.54
N ASP B 310 30.80 44.27 1.24
CA ASP B 310 31.80 44.56 0.23
C ASP B 310 32.82 45.49 0.85
N GLU B 311 34.07 45.03 0.93
CA GLU B 311 35.10 45.86 1.56
C GLU B 311 35.85 46.76 0.59
N THR B 312 35.80 46.47 -0.70
CA THR B 312 36.45 47.30 -1.69
C THR B 312 35.80 48.68 -1.71
N ALA B 313 34.60 48.79 -2.27
CA ALA B 313 33.74 49.89 -1.86
C ALA B 313 33.28 49.55 -0.47
N ASN B 314 33.12 50.55 0.39
CA ASN B 314 32.88 50.28 1.81
C ASN B 314 31.38 50.19 2.10
N VAL B 315 30.75 49.10 1.62
CA VAL B 315 29.30 49.08 1.42
C VAL B 315 28.72 47.72 1.80
N LEU B 316 27.54 47.75 2.41
CA LEU B 316 26.69 46.58 2.58
C LEU B 316 25.48 46.67 1.65
N TYR B 317 25.17 45.56 0.98
CA TYR B 317 23.96 45.42 0.16
C TYR B 317 23.01 44.43 0.81
N PHE B 318 21.71 44.67 0.71
CA PHE B 318 20.82 43.65 1.24
C PHE B 318 19.53 43.55 0.44
N LEU B 319 18.90 42.40 0.60
CA LEU B 319 17.66 42.03 -0.08
C LEU B 319 16.53 41.96 0.94
N ARG B 320 15.33 42.33 0.54
CA ARG B 320 14.17 42.15 1.39
C ARG B 320 12.90 42.19 0.54
N ARG B 321 11.77 41.91 1.19
CA ARG B 321 10.46 41.97 0.54
C ARG B 321 9.67 43.17 1.05
N GLU B 322 9.06 43.93 0.14
CA GLU B 322 8.37 45.13 0.56
C GLU B 322 7.22 45.45 -0.38
N GLY B 323 6.53 46.53 -0.07
CA GLY B 323 5.38 46.96 -0.83
C GLY B 323 4.11 46.41 -0.22
N TRP B 324 3.01 46.63 -0.94
CA TRP B 324 1.71 46.13 -0.50
C TRP B 324 1.77 44.62 -0.37
N ALA B 325 1.40 44.12 0.82
CA ALA B 325 1.39 42.69 1.13
C ALA B 325 2.75 42.05 0.83
N SER B 326 3.81 42.84 1.02
CA SER B 326 5.19 42.46 0.74
C SER B 326 5.36 41.89 -0.66
N ASN B 327 4.61 42.40 -1.64
CA ASN B 327 4.61 41.72 -2.94
C ASN B 327 5.89 41.92 -3.74
N GLU B 328 6.74 42.87 -3.40
CA GLU B 328 7.91 43.16 -4.22
C GLU B 328 9.20 42.72 -3.54
N MET B 329 10.22 42.55 -4.36
CA MET B 329 11.62 42.41 -3.98
C MET B 329 12.28 43.77 -4.13
N ALA B 330 13.22 44.07 -3.25
CA ALA B 330 13.96 45.33 -3.34
C ALA B 330 15.39 45.13 -2.89
N LEU B 331 16.32 45.77 -3.60
CA LEU B 331 17.74 45.68 -3.31
C LEU B 331 18.22 47.05 -2.81
N TYR B 332 18.92 47.04 -1.68
CA TYR B 332 19.39 48.26 -1.03
C TYR B 332 20.92 48.31 -0.98
N ARG B 333 21.45 49.54 -1.11
CA ARG B 333 22.88 49.83 -1.02
C ARG B 333 23.12 50.77 0.16
N MET B 334 23.99 50.37 1.08
CA MET B 334 24.19 51.13 2.33
C MET B 334 25.66 51.36 2.64
N PRO B 335 26.15 52.59 2.51
CA PRO B 335 27.51 52.91 2.98
C PRO B 335 27.76 52.38 4.39
N ALA B 336 28.83 51.60 4.54
CA ALA B 336 28.98 50.79 5.74
C ALA B 336 29.28 51.60 7.00
N ASP B 337 29.83 52.81 6.88
CA ASP B 337 30.16 53.57 8.08
C ASP B 337 28.98 54.34 8.65
N ALA B 338 27.81 54.26 8.02
CA ALA B 338 26.58 54.77 8.64
C ALA B 338 25.48 53.73 8.44
N LEU B 339 24.25 54.10 8.80
CA LEU B 339 23.08 53.24 8.70
C LEU B 339 22.00 53.96 7.89
N LYS B 340 22.35 54.31 6.64
CA LYS B 340 21.46 55.02 5.73
C LYS B 340 21.33 54.23 4.44
N PRO B 341 20.59 53.12 4.46
CA PRO B 341 20.42 52.35 3.23
C PRO B 341 19.58 53.13 2.21
N VAL B 342 19.98 53.01 0.94
CA VAL B 342 19.26 53.63 -0.17
C VAL B 342 18.86 52.54 -1.15
N ARG B 343 17.58 52.55 -1.55
CA ARG B 343 17.07 51.54 -2.48
C ARG B 343 17.57 51.79 -3.88
N ILE B 344 18.15 50.76 -4.50
CA ILE B 344 18.63 50.87 -5.86
C ILE B 344 17.76 50.12 -6.87
N TRP B 345 16.98 49.12 -6.43
CA TRP B 345 16.16 48.37 -7.36
C TRP B 345 14.95 47.77 -6.65
N HIS B 346 13.84 47.66 -7.37
CA HIS B 346 12.68 46.92 -6.87
C HIS B 346 11.85 46.42 -8.03
N ALA B 347 11.24 45.23 -7.86
CA ALA B 347 10.37 44.64 -8.87
C ALA B 347 9.53 43.55 -8.23
N THR B 348 8.51 43.12 -8.97
CA THR B 348 7.77 41.93 -8.62
C THR B 348 8.55 40.72 -9.07
N GLY B 349 8.20 39.57 -8.55
CA GLY B 349 8.95 38.38 -8.86
C GLY B 349 9.89 38.02 -7.73
N LEU B 350 10.95 37.32 -8.10
CA LEU B 350 11.90 36.79 -7.14
C LEU B 350 13.31 36.90 -7.68
N LEU B 351 14.26 37.09 -6.77
CA LEU B 351 15.69 36.91 -7.00
C LEU B 351 16.15 35.74 -6.13
N GLN B 352 16.82 34.76 -6.73
CA GLN B 352 17.21 33.55 -6.03
C GLN B 352 18.69 33.28 -6.16
N GLY B 353 19.29 32.80 -5.07
CA GLY B 353 20.67 32.32 -5.07
C GLY B 353 21.74 33.34 -5.44
N CYS B 354 21.44 34.64 -5.29
CA CYS B 354 22.37 35.71 -5.69
C CYS B 354 23.74 35.58 -5.03
N GLU B 355 24.78 35.83 -5.82
CA GLU B 355 26.15 35.94 -5.32
C GLU B 355 26.82 37.14 -5.97
N ARG B 356 27.74 37.76 -5.22
CA ARG B 356 28.39 39.00 -5.65
C ARG B 356 29.70 38.69 -6.36
N GLN B 357 29.95 39.41 -7.45
CA GLN B 357 31.24 39.33 -8.14
C GLN B 357 32.05 40.57 -7.81
N ALA B 358 31.61 41.73 -8.27
CA ALA B 358 32.29 42.97 -7.90
C ALA B 358 31.19 43.92 -7.45
N LYS B 359 30.90 44.92 -8.29
CA LYS B 359 29.73 45.75 -8.12
C LYS B 359 28.52 45.16 -8.85
N ARG B 360 28.52 43.82 -9.03
CA ARG B 360 27.47 43.10 -9.73
C ARG B 360 26.97 41.92 -8.93
N LEU B 361 25.65 41.74 -8.97
CA LEU B 361 24.98 40.58 -8.42
C LEU B 361 24.62 39.65 -9.57
N ILE B 362 24.98 38.37 -9.44
CA ILE B 362 24.53 37.33 -10.36
C ILE B 362 23.46 36.50 -9.66
N CYS B 363 22.26 36.49 -10.23
CA CYS B 363 21.07 35.93 -9.60
C CYS B 363 20.31 35.03 -10.58
N ALA B 364 19.55 34.10 -10.02
CA ALA B 364 18.39 33.58 -10.73
C ALA B 364 17.23 34.56 -10.55
N GLN B 365 16.47 34.77 -11.61
CA GLN B 365 15.42 35.76 -11.55
C GLN B 365 14.19 35.19 -12.25
N GLU B 366 13.02 35.58 -11.75
CA GLU B 366 11.76 34.98 -12.13
C GLU B 366 10.67 36.03 -12.01
N SER B 367 9.69 35.98 -12.90
CA SER B 367 8.68 37.02 -12.93
C SER B 367 7.41 36.48 -13.60
N ALA B 368 6.29 37.22 -13.44
CA ALA B 368 4.97 36.72 -13.82
C ALA B 368 4.95 36.12 -15.21
N LEU B 369 5.59 36.78 -16.19
CA LEU B 369 5.67 36.26 -17.55
C LEU B 369 7.08 35.85 -17.91
N GLN B 370 7.93 35.67 -16.92
CA GLN B 370 9.35 35.38 -17.13
C GLN B 370 9.72 34.14 -16.35
N PRO B 371 9.96 33.02 -17.01
CA PRO B 371 10.43 31.83 -16.31
C PRO B 371 11.82 32.08 -15.75
N ARG B 372 12.24 31.17 -14.87
CA ARG B 372 13.49 31.33 -14.18
C ARG B 372 14.65 31.46 -15.17
N ARG B 373 15.38 32.57 -15.05
CA ARG B 373 16.54 32.80 -15.88
C ARG B 373 17.65 33.35 -14.99
N LEU B 374 18.87 33.33 -15.52
CA LEU B 374 20.00 33.94 -14.84
C LEU B 374 20.09 35.39 -15.29
N VAL B 375 20.50 36.25 -14.36
CA VAL B 375 20.46 37.69 -14.56
C VAL B 375 21.62 38.32 -13.80
N THR B 376 21.93 39.57 -14.15
CA THR B 376 22.92 40.38 -13.44
C THR B 376 22.33 41.71 -13.01
N LEU B 377 22.65 42.13 -11.78
CA LEU B 377 22.29 43.43 -11.25
C LEU B 377 23.54 44.24 -10.92
N ASN B 378 23.62 45.46 -11.47
CA ASN B 378 24.71 46.37 -11.13
C ASN B 378 24.45 46.98 -9.77
N LEU B 379 25.35 46.73 -8.82
CA LEU B 379 25.13 47.14 -7.43
C LEU B 379 25.33 48.62 -7.20
N THR B 380 25.62 49.41 -8.22
CA THR B 380 25.65 50.86 -8.05
C THR B 380 24.47 51.53 -8.72
N SER B 381 24.16 51.19 -9.98
CA SER B 381 22.91 51.61 -10.59
C SER B 381 21.77 50.67 -10.17
N GLY B 382 20.59 50.92 -10.68
CA GLY B 382 19.57 49.92 -10.45
C GLY B 382 19.53 48.80 -11.45
N GLN B 383 20.26 48.91 -12.56
CA GLN B 383 19.91 48.20 -13.78
C GLN B 383 20.10 46.68 -13.63
N MET B 384 19.04 45.95 -13.98
CA MET B 384 19.08 44.50 -14.14
C MET B 384 19.31 44.17 -15.62
N SER B 385 20.18 43.19 -15.88
CA SER B 385 20.46 42.84 -17.26
C SER B 385 20.46 41.33 -17.46
N PRO B 386 19.92 40.87 -18.59
CA PRO B 386 19.88 39.43 -18.86
C PRO B 386 21.27 38.83 -18.98
N LEU B 387 21.43 37.62 -18.45
CA LEU B 387 22.64 36.83 -18.61
C LEU B 387 22.38 35.51 -19.33
N TYR B 388 21.51 34.66 -18.80
CA TYR B 388 21.25 33.33 -19.37
C TYR B 388 19.77 32.98 -19.20
N ASP B 389 19.15 32.57 -20.30
CA ASP B 389 17.75 32.16 -20.31
C ASP B 389 17.66 30.81 -21.00
N PRO B 390 17.38 29.73 -20.28
CA PRO B 390 17.37 28.40 -20.92
C PRO B 390 16.12 28.12 -21.72
N ASN B 391 15.16 29.02 -21.72
CA ASN B 391 13.97 28.90 -22.52
C ASN B 391 13.96 29.96 -23.61
N PRO B 392 13.25 29.71 -24.71
CA PRO B 392 13.07 30.77 -25.71
C PRO B 392 12.45 32.00 -25.04
N ASP B 393 12.52 33.11 -25.74
CA ASP B 393 11.79 34.28 -25.26
C ASP B 393 10.29 33.99 -25.28
N LEU B 394 9.68 34.09 -24.11
CA LEU B 394 8.25 33.84 -24.01
C LEU B 394 7.41 34.90 -24.71
N SER B 395 8.01 36.04 -25.07
CA SER B 395 7.28 37.01 -25.87
C SER B 395 7.03 36.52 -27.30
N ARG B 396 7.72 35.45 -27.72
CA ARG B 396 7.45 34.82 -29.01
C ARG B 396 6.12 34.05 -29.03
N TYR B 397 5.51 33.79 -27.88
CA TYR B 397 4.16 33.26 -27.80
C TYR B 397 3.18 34.40 -27.56
N ARG B 398 1.92 34.15 -27.89
CA ARG B 398 0.87 35.11 -27.57
C ARG B 398 0.56 35.02 -26.09
N LEU B 399 0.89 36.03 -25.35
CA LEU B 399 0.75 35.85 -23.91
C LEU B 399 -0.52 36.52 -23.39
N PRO B 400 -1.13 35.95 -22.36
CA PRO B 400 -2.23 36.64 -21.66
C PRO B 400 -1.80 37.96 -21.03
N LYS B 401 -2.82 38.74 -20.66
CA LYS B 401 -2.64 40.01 -19.97
C LYS B 401 -2.68 39.79 -18.46
N VAL B 402 -1.72 40.39 -17.75
CA VAL B 402 -1.57 40.20 -16.31
C VAL B 402 -1.78 41.53 -15.59
N GLU B 403 -2.54 41.49 -14.51
CA GLU B 403 -2.84 42.65 -13.68
C GLU B 403 -2.66 42.23 -12.23
N ARG B 404 -1.83 42.96 -11.49
CA ARG B 404 -1.62 42.62 -10.09
C ARG B 404 -2.71 43.31 -9.26
N LEU B 405 -3.46 42.52 -8.51
CA LEU B 405 -4.53 43.05 -7.70
C LEU B 405 -4.02 43.25 -6.29
N THR B 406 -4.51 44.32 -5.66
CA THR B 406 -4.15 44.62 -4.29
C THR B 406 -5.45 44.97 -3.58
N LEU B 407 -5.59 44.47 -2.37
CA LEU B 407 -6.79 44.67 -1.59
C LEU B 407 -6.41 44.51 -0.14
N ARG B 408 -7.27 44.96 0.74
CA ARG B 408 -7.18 44.69 2.17
C ARG B 408 -8.37 43.81 2.55
N ASN B 409 -8.14 42.74 3.31
CA ASN B 409 -9.25 41.88 3.61
C ASN B 409 -9.96 42.38 4.88
N ARG B 410 -11.08 41.72 5.23
CA ARG B 410 -11.92 42.20 6.31
C ARG B 410 -11.22 42.22 7.67
N ASN B 411 -10.14 41.47 7.83
CA ASN B 411 -9.38 41.56 9.07
C ASN B 411 -8.38 42.70 9.07
N GLY B 412 -8.39 43.52 8.03
CA GLY B 412 -7.43 44.60 7.88
C GLY B 412 -6.12 44.20 7.27
N ILE B 413 -6.02 43.00 6.71
CA ILE B 413 -4.74 42.44 6.28
C ILE B 413 -4.55 42.69 4.79
N GLU B 414 -3.37 43.19 4.42
CA GLU B 414 -3.09 43.47 3.01
C GLU B 414 -2.97 42.18 2.23
N VAL B 415 -3.53 42.18 1.01
CA VAL B 415 -3.56 41.02 0.11
C VAL B 415 -3.10 41.46 -1.27
N PHE B 416 -2.35 40.60 -1.95
CA PHE B 416 -2.12 40.73 -3.38
C PHE B 416 -2.41 39.40 -4.07
N SER B 417 -2.58 39.47 -5.40
CA SER B 417 -2.81 38.31 -6.28
C SER B 417 -2.69 38.79 -7.71
N ASP B 418 -2.47 37.86 -8.63
CA ASP B 418 -2.33 38.19 -10.03
C ASP B 418 -3.57 37.75 -10.80
N LEU B 419 -4.08 38.65 -11.64
CA LEU B 419 -5.21 38.35 -12.52
C LEU B 419 -4.67 38.15 -13.92
N VAL B 420 -4.99 37.01 -14.51
CA VAL B 420 -4.58 36.68 -15.86
C VAL B 420 -5.82 36.64 -16.73
N LEU B 421 -5.80 37.38 -17.83
CA LEU B 421 -6.95 37.45 -18.69
C LEU B 421 -6.62 36.82 -20.04
N PRO B 422 -7.60 36.22 -20.70
CA PRO B 422 -7.32 35.60 -22.00
C PRO B 422 -6.73 36.63 -22.95
N PRO B 423 -5.84 36.18 -23.86
CA PRO B 423 -5.32 37.12 -24.87
C PRO B 423 -6.41 37.92 -25.57
N ASP B 424 -7.48 37.25 -25.99
CA ASP B 424 -8.58 37.87 -26.72
C ASP B 424 -9.73 38.30 -25.80
N TYR B 425 -9.40 39.14 -24.81
CA TYR B 425 -10.38 39.59 -23.83
C TYR B 425 -11.05 40.88 -24.29
N GLN B 426 -12.37 40.95 -24.10
CA GLN B 426 -13.17 42.14 -24.39
C GLN B 426 -13.70 42.72 -23.08
N LEU B 427 -13.23 43.91 -22.71
CA LEU B 427 -13.77 44.61 -21.56
C LEU B 427 -15.28 44.68 -21.60
N GLY B 428 -15.94 44.20 -20.54
CA GLY B 428 -17.38 44.21 -20.42
C GLY B 428 -18.00 42.83 -20.35
N THR B 429 -17.37 41.84 -20.95
CA THR B 429 -17.85 40.47 -20.90
C THR B 429 -17.40 39.79 -19.61
N ARG B 430 -18.34 39.14 -18.93
CA ARG B 430 -18.04 38.41 -17.70
C ARG B 430 -17.51 37.02 -18.03
N LEU B 431 -16.33 36.69 -17.53
CA LEU B 431 -15.68 35.43 -17.87
C LEU B 431 -15.84 34.41 -16.77
N PRO B 432 -15.75 33.12 -17.08
CA PRO B 432 -15.60 32.10 -16.03
C PRO B 432 -14.21 32.20 -15.42
N LEU B 433 -14.10 31.89 -14.13
CA LEU B 433 -12.87 32.10 -13.37
C LEU B 433 -12.36 30.82 -12.75
N VAL B 434 -11.06 30.57 -12.90
CA VAL B 434 -10.35 29.51 -12.17
C VAL B 434 -9.32 30.15 -11.25
N ILE B 435 -9.26 29.69 -10.00
CA ILE B 435 -8.35 30.22 -8.97
C ILE B 435 -7.25 29.21 -8.73
N VAL B 436 -6.00 29.63 -8.95
CA VAL B 436 -4.84 28.80 -8.73
C VAL B 436 -4.08 29.35 -7.53
N GLN B 437 -3.80 28.51 -6.55
CA GLN B 437 -3.15 28.97 -5.34
C GLN B 437 -1.65 28.70 -5.40
N TYR B 438 -0.85 29.73 -5.08
CA TYR B 438 0.61 29.69 -5.14
C TYR B 438 1.18 30.24 -3.83
N SER B 439 2.02 29.44 -3.16
CA SER B 439 2.65 29.86 -1.93
C SER B 439 4.10 30.29 -2.11
N SER B 440 4.56 30.47 -3.34
CA SER B 440 5.89 30.99 -3.59
C SER B 440 5.73 32.16 -4.56
N ARG B 441 6.79 32.55 -5.24
CA ARG B 441 6.67 33.74 -6.07
C ARG B 441 7.36 33.56 -7.41
N GLY B 442 6.98 34.42 -8.36
CA GLY B 442 7.60 34.43 -9.67
C GLY B 442 6.70 34.07 -10.84
N PHE B 443 7.12 33.09 -11.62
CA PHE B 443 6.52 32.82 -12.92
C PHE B 443 5.13 32.20 -12.78
N LEU B 444 4.20 32.66 -13.61
CA LEU B 444 2.87 32.04 -13.65
C LEU B 444 2.95 30.67 -14.31
N ARG B 445 3.17 29.62 -13.52
CA ARG B 445 3.39 28.29 -14.03
C ARG B 445 2.20 27.43 -13.65
N GLY B 446 2.23 26.71 -12.52
CA GLY B 446 1.15 25.84 -12.13
C GLY B 446 0.68 25.97 -10.70
N GLY B 447 0.94 27.11 -10.07
CA GLY B 447 0.64 27.29 -8.67
C GLY B 447 1.55 26.38 -7.87
N THR B 448 1.19 26.19 -6.60
CA THR B 448 2.00 25.35 -5.73
C THR B 448 2.02 23.95 -6.33
N GLY B 449 3.19 23.33 -6.32
CA GLY B 449 3.35 21.98 -6.83
C GLY B 449 3.29 21.83 -8.33
N ASP B 450 3.29 22.93 -9.09
CA ASP B 450 3.16 22.95 -10.54
C ASP B 450 2.11 21.96 -11.02
N GLU B 451 0.85 22.29 -10.77
CA GLU B 451 -0.23 21.33 -10.90
C GLU B 451 -1.41 21.90 -11.67
N ASN B 452 -1.54 23.22 -11.75
CA ASN B 452 -2.70 23.87 -12.35
C ASN B 452 -2.21 24.90 -13.35
N PRO B 453 -2.36 24.65 -14.66
CA PRO B 453 -1.64 25.42 -15.68
C PRO B 453 -2.22 26.82 -15.92
N ILE B 454 -1.59 27.87 -15.37
CA ILE B 454 -2.21 29.19 -15.34
C ILE B 454 -2.42 29.76 -16.76
N LEU B 455 -1.35 29.78 -17.57
CA LEU B 455 -1.46 30.44 -18.88
C LEU B 455 -2.32 29.63 -19.85
N PRO B 456 -2.16 28.30 -19.91
CA PRO B 456 -3.11 27.52 -20.73
C PRO B 456 -4.56 27.76 -20.35
N LEU B 457 -4.86 27.88 -19.06
CA LEU B 457 -6.25 28.09 -18.66
C LEU B 457 -6.81 29.40 -19.21
N ALA B 458 -6.04 30.51 -19.08
CA ALA B 458 -6.45 31.77 -19.69
C ALA B 458 -6.52 31.65 -21.21
N THR B 459 -5.58 30.90 -21.81
CA THR B 459 -5.65 30.60 -23.23
C THR B 459 -6.97 29.93 -23.58
N ALA B 460 -7.45 29.03 -22.73
CA ALA B 460 -8.73 28.38 -22.99
C ALA B 460 -9.92 29.31 -22.76
N GLY B 461 -9.70 30.54 -22.32
CA GLY B 461 -10.77 31.49 -22.18
C GLY B 461 -11.22 31.73 -20.76
N PHE B 462 -10.52 31.20 -19.77
CA PHE B 462 -10.80 31.51 -18.39
C PHE B 462 -10.05 32.75 -17.97
N ALA B 463 -10.70 33.57 -17.15
CA ALA B 463 -9.98 34.42 -16.24
C ALA B 463 -9.34 33.53 -15.19
N VAL B 464 -8.10 33.86 -14.81
CA VAL B 464 -7.36 33.08 -13.82
C VAL B 464 -6.87 34.03 -12.73
N LEU B 465 -7.21 33.72 -11.48
CA LEU B 465 -6.66 34.42 -10.32
C LEU B 465 -5.54 33.57 -9.78
N SER B 466 -4.33 34.13 -9.75
CA SER B 466 -3.19 33.51 -9.10
C SER B 466 -3.11 34.06 -7.69
N PHE B 467 -3.50 33.24 -6.72
CA PHE B 467 -3.84 33.68 -5.38
C PHE B 467 -2.69 33.43 -4.41
N HIS B 468 -2.39 34.44 -3.60
CA HIS B 468 -1.34 34.37 -2.58
C HIS B 468 -1.97 34.51 -1.21
N SER B 469 -1.89 33.48 -0.39
CA SER B 469 -2.54 33.54 0.90
C SER B 469 -1.99 34.73 1.69
N PRO B 470 -2.83 35.53 2.31
CA PRO B 470 -2.33 36.65 3.11
C PRO B 470 -1.81 36.13 4.44
N ARG B 471 -1.11 37.02 5.14
CA ARG B 471 -0.69 36.72 6.51
C ARG B 471 -1.90 36.38 7.37
N SER B 472 -1.70 35.49 8.33
CA SER B 472 -2.72 35.14 9.30
C SER B 472 -2.83 36.22 10.37
N GLU B 473 -4.00 36.30 11.00
CA GLU B 473 -4.13 37.14 12.18
C GLU B 473 -3.10 36.77 13.24
N ALA B 474 -2.96 35.46 13.51
CA ALA B 474 -2.03 35.00 14.53
C ALA B 474 -0.61 35.48 14.27
N SER B 475 -0.25 35.75 13.01
CA SER B 475 1.11 36.19 12.71
C SER B 475 1.41 37.61 13.18
N TYR B 476 0.40 38.38 13.60
CA TYR B 476 0.62 39.70 14.18
C TYR B 476 0.68 39.69 15.72
N GLN B 477 0.27 38.61 16.38
CA GLN B 477 0.32 38.44 17.82
C GLN B 477 1.67 37.85 18.24
N ARG B 478 1.96 37.87 19.55
CA ARG B 478 3.24 37.40 20.07
C ARG B 478 3.20 35.89 20.30
N PHE B 479 4.15 35.16 19.69
CA PHE B 479 4.28 33.72 19.86
C PHE B 479 5.76 33.37 19.99
N THR B 480 6.08 32.48 20.93
CA THR B 480 7.47 32.05 21.10
C THR B 480 7.83 30.84 20.25
N SER B 481 6.83 30.19 19.65
CA SER B 481 6.98 28.95 18.92
C SER B 481 6.03 28.97 17.73
N PRO B 482 6.50 28.54 16.56
CA PRO B 482 5.57 28.45 15.42
C PRO B 482 4.48 27.42 15.64
N ILE B 483 4.71 26.45 16.52
CA ILE B 483 3.70 25.45 16.85
C ILE B 483 2.57 26.07 17.66
N ALA B 484 2.88 26.96 18.60
CA ALA B 484 1.84 27.64 19.36
C ALA B 484 1.06 28.62 18.49
N GLN B 485 1.73 29.26 17.53
CA GLN B 485 1.04 30.11 16.58
C GLN B 485 0.11 29.29 15.70
N SER B 486 0.62 28.15 15.19
CA SER B 486 -0.19 27.26 14.39
C SER B 486 -1.42 26.80 15.16
N LYS B 487 -1.25 26.50 16.44
CA LYS B 487 -2.38 26.13 17.28
C LYS B 487 -3.43 27.24 17.27
N ALA B 488 -2.99 28.49 17.42
CA ALA B 488 -3.92 29.62 17.40
C ALA B 488 -4.59 29.79 16.05
N GLU B 489 -3.90 29.42 14.96
CA GLU B 489 -4.50 29.54 13.62
C GLU B 489 -5.58 28.48 13.40
N TYR B 490 -5.39 27.28 13.95
CA TYR B 490 -6.33 26.18 13.78
C TYR B 490 -7.49 26.22 14.77
N SER B 491 -7.42 27.06 15.80
CA SER B 491 -8.53 27.16 16.75
C SER B 491 -9.80 27.65 16.06
N ASN B 492 -10.81 26.77 15.98
CA ASN B 492 -12.06 27.04 15.24
C ASN B 492 -11.81 27.33 13.77
N TRP B 493 -10.71 26.84 13.21
CA TRP B 493 -10.36 27.12 11.81
C TRP B 493 -10.36 28.63 11.52
N ARG B 494 -9.84 29.43 12.48
CA ARG B 494 -9.91 30.88 12.31
C ARG B 494 -9.15 31.34 11.06
N ASN B 495 -7.91 30.88 10.89
CA ASN B 495 -7.17 31.28 9.71
C ASN B 495 -7.82 30.76 8.44
N ARG B 496 -8.36 29.52 8.49
CA ARG B 496 -9.04 28.98 7.32
C ARG B 496 -10.20 29.86 6.89
N TRP B 497 -11.02 30.31 7.86
CA TRP B 497 -12.10 31.23 7.53
C TRP B 497 -11.55 32.53 6.94
N ASN B 498 -10.43 33.02 7.45
CA ASN B 498 -9.83 34.23 6.90
C ASN B 498 -9.38 34.04 5.46
N ILE B 499 -8.81 32.88 5.16
CA ILE B 499 -8.38 32.61 3.79
C ILE B 499 -9.57 32.52 2.86
N LEU B 500 -10.61 31.80 3.28
CA LEU B 500 -11.81 31.70 2.48
C LEU B 500 -12.43 33.08 2.27
N HIS B 501 -12.55 33.85 3.36
CA HIS B 501 -13.13 35.18 3.23
C HIS B 501 -12.32 36.04 2.29
N THR B 502 -10.99 35.85 2.28
CA THR B 502 -10.14 36.58 1.34
C THR B 502 -10.43 36.20 -0.10
N LEU B 503 -10.60 34.90 -0.36
CA LEU B 503 -10.99 34.43 -1.69
C LEU B 503 -12.32 35.03 -2.13
N GLU B 504 -13.30 35.03 -1.22
CA GLU B 504 -14.59 35.66 -1.52
C GLU B 504 -14.42 37.15 -1.77
N ASP B 505 -13.56 37.84 -0.99
CA ASP B 505 -13.28 39.25 -1.22
C ASP B 505 -12.77 39.48 -2.63
N LEU B 506 -11.93 38.59 -3.14
CA LEU B 506 -11.41 38.76 -4.48
C LEU B 506 -12.46 38.42 -5.55
N ILE B 507 -13.21 37.33 -5.35
CA ILE B 507 -14.30 37.03 -6.28
C ILE B 507 -15.25 38.21 -6.36
N ASP B 508 -15.72 38.70 -5.20
CA ASP B 508 -16.57 39.89 -5.15
C ASP B 508 -15.95 41.05 -5.91
N ASP B 509 -14.65 41.24 -5.76
CA ASP B 509 -13.98 42.36 -6.43
C ASP B 509 -14.09 42.22 -7.94
N LEU B 510 -13.80 41.03 -8.47
CA LEU B 510 -13.89 40.82 -9.91
C LEU B 510 -15.32 40.75 -10.41
N ASP B 511 -16.27 40.41 -9.53
CA ASP B 511 -17.69 40.46 -9.84
C ASP B 511 -18.20 41.91 -9.89
N ARG B 512 -17.88 42.69 -8.87
CA ARG B 512 -18.23 44.10 -8.83
C ARG B 512 -17.61 44.88 -9.98
N ARG B 513 -16.42 44.50 -10.44
CA ARG B 513 -15.84 45.10 -11.65
C ARG B 513 -16.39 44.49 -12.93
N GLY B 514 -17.28 43.51 -12.84
CA GLY B 514 -17.83 42.87 -14.04
C GLY B 514 -16.84 42.12 -14.91
N VAL B 515 -15.79 41.56 -14.31
CA VAL B 515 -14.80 40.80 -15.09
C VAL B 515 -15.19 39.33 -15.15
N ILE B 516 -15.85 38.80 -14.11
CA ILE B 516 -16.12 37.38 -13.98
C ILE B 516 -17.61 37.16 -13.81
N ASP B 517 -18.03 35.94 -14.13
CA ASP B 517 -19.36 35.44 -13.83
C ASP B 517 -19.27 34.70 -12.49
N PRO B 518 -19.81 35.24 -11.40
CA PRO B 518 -19.58 34.63 -10.08
C PRO B 518 -20.26 33.27 -9.90
N ALA B 519 -21.24 32.93 -10.73
CA ALA B 519 -21.79 31.59 -10.65
C ALA B 519 -20.93 30.56 -11.38
N ARG B 520 -19.80 30.96 -11.97
CA ARG B 520 -18.93 30.05 -12.71
C ARG B 520 -17.46 30.20 -12.25
N VAL B 521 -17.24 29.98 -10.95
CA VAL B 521 -15.91 30.11 -10.34
C VAL B 521 -15.40 28.73 -9.95
N GLY B 522 -14.29 28.33 -10.54
CA GLY B 522 -13.59 27.11 -10.18
C GLY B 522 -12.42 27.38 -9.25
N LEU B 523 -12.10 26.37 -8.43
CA LEU B 523 -11.07 26.47 -7.41
C LEU B 523 -10.14 25.26 -7.48
N THR B 524 -8.83 25.51 -7.37
CA THR B 524 -7.83 24.45 -7.34
C THR B 524 -6.94 24.61 -6.12
N GLY B 525 -6.20 23.56 -5.80
CA GLY B 525 -5.32 23.58 -4.66
C GLY B 525 -4.46 22.34 -4.41
N LEU B 526 -3.25 22.58 -3.89
CA LEU B 526 -2.30 21.55 -3.50
C LEU B 526 -1.59 22.01 -2.22
N SER B 527 -1.17 21.06 -1.39
CA SER B 527 -0.56 21.35 -0.08
C SER B 527 -1.60 22.16 0.70
N ASP B 528 -1.24 23.31 1.25
CA ASP B 528 -2.18 24.13 2.01
C ASP B 528 -3.36 24.58 1.15
N GLY B 529 -3.15 24.80 -0.15
CA GLY B 529 -4.26 25.10 -1.03
C GLY B 529 -5.29 23.98 -1.12
N ALA B 530 -4.87 22.73 -0.95
CA ALA B 530 -5.83 21.64 -0.96
C ALA B 530 -6.75 21.70 0.24
N THR B 531 -6.19 22.01 1.41
CA THR B 531 -7.00 22.19 2.60
C THR B 531 -8.00 23.33 2.40
N THR B 532 -7.57 24.40 1.72
CA THR B 532 -8.51 25.48 1.43
C THR B 532 -9.62 24.98 0.51
N VAL B 533 -9.28 24.16 -0.48
CA VAL B 533 -10.31 23.56 -1.34
C VAL B 533 -11.34 22.80 -0.52
N HIS B 534 -10.88 21.88 0.35
CA HIS B 534 -11.82 21.07 1.12
C HIS B 534 -12.66 21.94 2.05
N PHE B 535 -12.01 22.90 2.72
CA PHE B 535 -12.72 23.82 3.59
C PHE B 535 -13.72 24.66 2.79
N GLY B 536 -13.28 25.19 1.65
CA GLY B 536 -14.12 26.06 0.83
C GLY B 536 -15.32 25.37 0.23
N LEU B 537 -15.19 24.10 -0.17
CA LEU B 537 -16.33 23.37 -0.72
C LEU B 537 -17.40 23.10 0.33
N ILE B 538 -17.01 22.91 1.59
CA ILE B 538 -17.96 22.61 2.65
C ILE B 538 -18.61 23.88 3.21
N ASN B 539 -17.83 24.94 3.37
CA ASN B 539 -18.26 26.09 4.16
C ASN B 539 -18.64 27.28 3.28
N SER B 540 -18.86 27.03 2.00
CA SER B 540 -19.44 28.04 1.12
C SER B 540 -20.02 27.32 -0.09
N HIS B 541 -20.85 28.05 -0.83
CA HIS B 541 -21.38 27.59 -2.10
C HIS B 541 -20.90 28.48 -3.23
N ARG B 542 -19.68 29.02 -3.07
CA ARG B 542 -19.12 29.97 -4.01
C ARG B 542 -18.52 29.33 -5.25
N PHE B 543 -18.27 28.02 -5.24
CA PHE B 543 -17.44 27.39 -6.25
C PHE B 543 -18.27 26.41 -7.06
N ALA B 544 -18.14 26.49 -8.37
CA ALA B 544 -18.95 25.68 -9.27
C ALA B 544 -18.22 24.43 -9.76
N ALA B 545 -16.92 24.34 -9.50
CA ALA B 545 -16.12 23.18 -9.83
C ALA B 545 -14.80 23.30 -9.08
N ALA B 546 -14.12 22.19 -8.90
CA ALA B 546 -12.91 22.17 -8.10
C ALA B 546 -12.00 21.03 -8.52
N VAL B 547 -10.70 21.24 -8.34
CA VAL B 547 -9.66 20.22 -8.56
C VAL B 547 -8.74 20.25 -7.36
N THR B 548 -8.35 19.09 -6.86
CA THR B 548 -7.39 19.07 -5.76
C THR B 548 -6.46 17.89 -5.97
N SER B 549 -5.23 18.01 -5.49
CA SER B 549 -4.26 16.95 -5.73
C SER B 549 -4.24 15.93 -4.62
N SER B 550 -4.84 16.23 -3.49
CA SER B 550 -4.84 15.24 -2.43
C SER B 550 -6.13 15.35 -1.67
N CYS B 551 -6.60 14.24 -1.13
CA CYS B 551 -7.72 14.41 -0.27
C CYS B 551 -7.58 13.82 1.10
N CYS B 552 -7.91 14.75 1.98
CA CYS B 552 -8.99 14.72 2.93
C CYS B 552 -8.45 15.19 4.25
N THR B 553 -9.01 16.33 4.62
CA THR B 553 -8.78 16.94 5.92
C THR B 553 -9.77 16.29 6.89
N ASP B 554 -9.42 15.09 7.33
CA ASP B 554 -10.25 14.35 8.25
C ASP B 554 -9.33 13.54 9.16
N SER B 555 -9.93 12.92 10.18
CA SER B 555 -9.14 12.18 11.17
C SER B 555 -8.48 10.95 10.56
N PHE B 556 -9.16 10.31 9.61
CA PHE B 556 -8.56 9.17 8.93
C PHE B 556 -7.20 9.54 8.33
N THR B 557 -7.15 10.63 7.59
CA THR B 557 -5.88 11.01 6.96
C THR B 557 -4.90 11.62 7.95
N ALA B 558 -5.36 12.53 8.81
CA ALA B 558 -4.40 13.22 9.66
C ALA B 558 -3.90 12.34 10.79
N SER B 559 -4.72 11.39 11.25
CA SER B 559 -4.38 10.58 12.41
C SER B 559 -4.12 9.11 12.06
N VAL B 560 -5.10 8.41 11.46
CA VAL B 560 -4.93 6.99 11.19
C VAL B 560 -3.77 6.75 10.21
N MET B 561 -3.83 7.41 9.03
CA MET B 561 -2.86 7.15 7.97
C MET B 561 -1.48 7.73 8.28
N ASN B 562 -1.39 8.69 9.19
CA ASN B 562 -0.10 9.28 9.52
C ASN B 562 0.70 8.44 10.51
N GLY B 563 0.10 7.43 11.13
CA GLY B 563 0.78 6.66 12.15
C GLY B 563 0.76 7.37 13.49
N PRO B 564 0.91 6.62 14.60
CA PRO B 564 0.68 7.22 15.93
C PRO B 564 1.69 8.30 16.30
N ARG B 565 2.90 8.27 15.74
CA ARG B 565 3.90 9.28 16.08
C ARG B 565 3.56 10.64 15.49
N ILE B 566 3.44 10.71 14.16
CA ILE B 566 3.03 11.96 13.51
C ILE B 566 1.66 12.39 14.03
N SER B 567 0.76 11.42 14.27
CA SER B 567 -0.54 11.76 14.86
C SER B 567 -0.37 12.43 16.23
N GLY B 568 0.44 11.82 17.10
CA GLY B 568 0.70 12.42 18.39
C GLY B 568 1.31 13.81 18.28
N ALA B 569 2.17 14.01 17.27
CA ALA B 569 2.87 15.30 17.18
C ALA B 569 1.98 16.41 16.60
N LEU B 570 1.00 16.08 15.76
CA LEU B 570 0.19 17.12 15.13
C LEU B 570 -0.70 17.84 16.15
N LYS B 571 -1.05 17.17 17.25
CA LYS B 571 -1.92 17.75 18.26
C LYS B 571 -1.43 19.12 18.73
N ALA B 572 -0.12 19.27 18.94
CA ALA B 572 0.44 20.53 19.42
C ALA B 572 0.32 21.63 18.37
N TYR B 573 0.27 21.28 17.08
CA TYR B 573 0.07 22.26 16.01
C TYR B 573 -1.39 22.69 15.86
N GLY B 574 -2.30 22.13 16.66
CA GLY B 574 -3.71 22.44 16.58
C GLY B 574 -4.54 21.50 15.74
N ILE B 575 -3.92 20.46 15.17
CA ILE B 575 -4.66 19.41 14.48
C ILE B 575 -5.16 18.42 15.52
N GLU B 576 -6.49 18.31 15.67
CA GLU B 576 -7.07 17.50 16.76
C GLU B 576 -7.09 16.03 16.36
N THR B 577 -5.90 15.41 16.35
CA THR B 577 -5.79 14.00 16.00
C THR B 577 -6.33 13.08 17.10
N ASP B 578 -6.72 13.64 18.25
CA ASP B 578 -7.36 12.87 19.31
C ASP B 578 -8.87 12.79 19.16
N GLN B 579 -9.47 13.57 18.25
CA GLN B 579 -10.89 13.47 17.95
C GLN B 579 -11.10 12.50 16.79
N ALA B 580 -12.19 11.74 16.86
CA ALA B 580 -12.66 10.94 15.74
C ALA B 580 -13.38 11.86 14.75
N ASP B 581 -13.63 11.33 13.55
CA ASP B 581 -14.20 12.17 12.49
C ASP B 581 -15.48 12.88 12.91
N ASP B 582 -16.25 12.31 13.84
CA ASP B 582 -17.48 12.97 14.27
C ASP B 582 -17.24 14.00 15.37
N GLY B 583 -16.01 14.43 15.59
CA GLY B 583 -15.75 15.47 16.57
C GLY B 583 -15.95 16.85 16.01
N PRO B 584 -15.99 17.84 16.91
CA PRO B 584 -16.24 19.22 16.48
C PRO B 584 -15.17 19.80 15.56
N PHE B 585 -13.92 19.39 15.73
CA PHE B 585 -12.84 19.91 14.91
C PHE B 585 -13.02 19.52 13.45
N TRP B 586 -13.21 18.23 13.18
CA TRP B 586 -13.24 17.71 11.83
C TRP B 586 -14.52 18.07 11.10
N ALA B 587 -15.56 18.52 11.81
CA ALA B 587 -16.85 18.75 11.15
C ALA B 587 -16.77 19.79 10.06
N ALA B 588 -15.81 20.72 10.12
CA ALA B 588 -15.68 21.73 9.09
C ALA B 588 -15.01 21.23 7.83
N THR B 589 -14.34 20.08 7.86
CA THR B 589 -13.52 19.72 6.72
C THR B 589 -13.72 18.29 6.24
N SER B 590 -14.34 17.41 7.02
CA SER B 590 -14.38 15.99 6.65
C SER B 590 -15.33 15.76 5.49
N PHE B 591 -14.85 15.06 4.46
CA PHE B 591 -15.78 14.69 3.40
C PHE B 591 -16.63 13.50 3.80
N VAL B 592 -16.15 12.67 4.73
CA VAL B 592 -17.01 11.62 5.26
C VAL B 592 -18.21 12.23 5.97
N VAL B 593 -17.95 13.19 6.87
CA VAL B 593 -19.03 13.79 7.64
C VAL B 593 -19.96 14.60 6.72
N ASN B 594 -19.40 15.33 5.75
CA ASN B 594 -20.16 16.30 4.97
C ASN B 594 -20.48 15.80 3.57
N ALA B 595 -20.18 14.53 3.26
CA ALA B 595 -20.41 13.98 1.92
C ALA B 595 -21.75 14.39 1.32
N SER B 596 -22.82 14.28 2.10
CA SER B 596 -24.13 14.42 1.47
C SER B 596 -24.49 15.87 1.15
N ARG B 597 -23.81 16.86 1.69
CA ARG B 597 -24.08 18.24 1.32
C ARG B 597 -23.05 18.84 0.36
N LEU B 598 -22.08 18.05 -0.10
CA LEU B 598 -20.97 18.55 -0.92
C LEU B 598 -21.32 18.35 -2.37
N ASP B 599 -21.95 19.36 -2.97
CA ASP B 599 -22.51 19.25 -4.31
C ASP B 599 -21.65 19.84 -5.43
N THR B 600 -20.50 20.45 -5.12
CA THR B 600 -19.56 20.94 -6.14
C THR B 600 -18.80 19.83 -6.86
N PRO B 601 -18.85 19.73 -8.19
CA PRO B 601 -18.00 18.74 -8.89
C PRO B 601 -16.54 18.86 -8.46
N LEU B 602 -15.96 17.73 -8.10
CA LEU B 602 -14.62 17.67 -7.56
C LEU B 602 -13.80 16.61 -8.27
N LEU B 603 -12.65 17.01 -8.80
CA LEU B 603 -11.68 16.10 -9.35
C LEU B 603 -10.46 16.03 -8.43
N ILE B 604 -10.02 14.82 -8.10
CA ILE B 604 -8.86 14.58 -7.25
C ILE B 604 -7.81 13.87 -8.09
N GLN B 605 -6.67 14.53 -8.30
CA GLN B 605 -5.58 13.98 -9.10
C GLN B 605 -4.46 13.63 -8.13
N SER B 606 -4.43 12.37 -7.71
CA SER B 606 -3.72 11.99 -6.51
C SER B 606 -2.55 11.07 -6.83
N ALA B 607 -1.44 11.33 -6.16
CA ALA B 607 -0.36 10.36 -6.10
C ALA B 607 -0.87 9.09 -5.42
N ASP B 608 -0.40 7.94 -5.91
CA ASP B 608 -0.74 6.67 -5.24
C ASP B 608 -0.25 6.68 -3.80
N GLU B 609 0.83 7.41 -3.53
CA GLU B 609 1.37 7.51 -2.18
C GLU B 609 0.43 8.26 -1.23
N GLU B 610 -0.59 8.94 -1.73
CA GLU B 610 -1.51 9.70 -0.88
C GLU B 610 -2.96 9.29 -1.04
N TYR B 611 -3.27 8.35 -1.93
CA TYR B 611 -4.66 8.13 -2.30
C TYR B 611 -5.46 7.39 -1.23
N LEU B 612 -4.80 6.58 -0.42
CA LEU B 612 -5.52 5.86 0.63
C LEU B 612 -6.28 6.82 1.53
N GLY B 613 -5.66 7.96 1.87
CA GLY B 613 -6.31 8.97 2.70
C GLY B 613 -7.59 9.54 2.11
N ALA B 614 -7.75 9.48 0.79
CA ALA B 614 -8.94 9.97 0.14
C ALA B 614 -10.07 8.96 0.10
N LEU B 615 -9.78 7.68 0.31
CA LEU B 615 -10.78 6.64 0.09
C LEU B 615 -12.02 6.80 0.96
N PRO B 616 -11.94 6.99 2.29
CA PRO B 616 -13.19 7.16 3.04
C PRO B 616 -14.04 8.29 2.52
N GLY B 617 -13.46 9.48 2.39
CA GLY B 617 -14.20 10.61 1.83
C GLY B 617 -14.69 10.36 0.42
N PHE B 618 -13.86 9.73 -0.41
CA PHE B 618 -14.29 9.48 -1.78
C PHE B 618 -15.44 8.47 -1.78
N THR B 619 -15.35 7.45 -0.93
CA THR B 619 -16.39 6.41 -0.88
C THR B 619 -17.71 6.98 -0.37
N ALA B 620 -17.65 7.86 0.62
CA ALA B 620 -18.86 8.52 1.09
C ALA B 620 -19.47 9.41 0.00
N LEU B 621 -18.63 10.08 -0.81
CA LEU B 621 -19.13 10.95 -1.86
C LEU B 621 -19.85 10.16 -2.94
N GLN B 622 -19.23 9.05 -3.39
CA GLN B 622 -19.88 8.19 -4.39
C GLN B 622 -21.17 7.59 -3.83
N GLN B 623 -21.11 7.04 -2.61
CA GLN B 623 -22.30 6.59 -1.91
C GLN B 623 -23.42 7.63 -1.93
N ALA B 624 -23.09 8.91 -1.80
CA ALA B 624 -24.10 9.96 -1.78
C ALA B 624 -24.41 10.49 -3.17
N ARG B 625 -23.89 9.85 -4.22
CA ARG B 625 -24.23 10.23 -5.59
C ARG B 625 -23.80 11.65 -5.93
N LYS B 626 -22.51 12.06 -5.50
CA LYS B 626 -21.99 13.38 -5.81
C LYS B 626 -21.08 13.32 -7.04
N PRO B 627 -20.98 14.43 -7.79
CA PRO B 627 -20.10 14.43 -8.96
C PRO B 627 -18.62 14.50 -8.60
N VAL B 628 -18.01 13.36 -8.28
CA VAL B 628 -16.61 13.30 -7.91
C VAL B 628 -15.88 12.30 -8.79
N GLU B 629 -14.58 12.54 -8.95
CA GLU B 629 -13.74 11.61 -9.66
C GLU B 629 -12.37 11.64 -9.01
N LEU B 630 -11.79 10.46 -8.85
CA LEU B 630 -10.46 10.27 -8.29
C LEU B 630 -9.58 9.63 -9.35
N ILE B 631 -8.41 10.25 -9.58
CA ILE B 631 -7.41 9.74 -10.50
C ILE B 631 -6.18 9.37 -9.69
N ILE B 632 -5.59 8.22 -9.98
CA ILE B 632 -4.43 7.74 -9.24
C ILE B 632 -3.23 7.66 -10.18
N TYR B 633 -2.13 8.26 -9.77
CA TYR B 633 -0.89 8.21 -10.52
C TYR B 633 0.11 7.31 -9.81
N PRO B 634 0.74 6.36 -10.52
CA PRO B 634 1.65 5.42 -9.85
C PRO B 634 3.02 6.03 -9.56
N ASN B 635 3.60 5.57 -8.46
CA ASN B 635 4.96 5.90 -8.08
C ASN B 635 5.17 7.42 -8.03
N GLU B 636 4.21 8.13 -7.43
CA GLU B 636 4.24 9.57 -7.39
C GLU B 636 4.34 10.06 -5.95
N HIS B 637 4.51 11.36 -5.79
CA HIS B 637 4.66 11.94 -4.45
C HIS B 637 3.75 13.15 -4.29
N HIS B 638 3.76 13.69 -3.08
CA HIS B 638 3.03 14.90 -2.75
C HIS B 638 3.16 15.93 -3.85
N VAL B 639 4.38 16.23 -4.26
CA VAL B 639 4.64 16.99 -5.48
C VAL B 639 5.02 15.99 -6.57
N LYS B 640 4.36 16.08 -7.72
CA LYS B 640 4.59 15.09 -8.76
C LYS B 640 5.83 15.44 -9.57
N TRP B 641 6.57 14.40 -9.91
CA TRP B 641 7.87 14.56 -10.53
C TRP B 641 7.97 13.98 -11.94
N GLN B 642 7.01 13.16 -12.38
CA GLN B 642 7.11 12.54 -13.70
C GLN B 642 6.47 13.42 -14.77
N PRO B 643 7.23 13.81 -15.81
CA PRO B 643 6.69 14.77 -16.79
C PRO B 643 5.40 14.32 -17.47
N ALA B 644 5.29 13.04 -17.83
CA ALA B 644 4.03 12.60 -18.46
C ALA B 644 2.87 12.75 -17.49
N HIS B 645 3.09 12.42 -16.21
CA HIS B 645 2.03 12.65 -15.24
C HIS B 645 1.62 14.12 -15.20
N ARG B 646 2.59 15.02 -15.04
CA ARG B 646 2.27 16.45 -14.98
C ARG B 646 1.45 16.90 -16.17
N LEU B 647 1.84 16.45 -17.37
CA LEU B 647 1.13 16.90 -18.56
C LEU B 647 -0.33 16.44 -18.55
N ALA B 648 -0.58 15.21 -18.06
CA ALA B 648 -1.95 14.71 -18.00
C ALA B 648 -2.76 15.39 -16.91
N VAL B 649 -2.12 15.68 -15.77
CA VAL B 649 -2.76 16.51 -14.76
C VAL B 649 -3.20 17.82 -15.40
N TYR B 650 -2.28 18.48 -16.12
CA TYR B 650 -2.61 19.72 -16.84
C TYR B 650 -3.84 19.54 -17.73
N ASN B 651 -3.87 18.46 -18.52
CA ASN B 651 -4.89 18.33 -19.55
C ASN B 651 -6.25 17.98 -18.98
N ARG B 652 -6.30 17.05 -18.03
CA ARG B 652 -7.56 16.68 -17.41
C ARG B 652 -8.18 17.88 -16.67
N THR B 653 -7.34 18.71 -16.03
CA THR B 653 -7.83 19.85 -15.25
C THR B 653 -8.44 20.92 -16.15
N ILE B 654 -7.80 21.18 -17.30
CA ILE B 654 -8.40 22.09 -18.29
C ILE B 654 -9.71 21.50 -18.83
N ASP B 655 -9.68 20.20 -19.19
CA ASP B 655 -10.91 19.56 -19.65
C ASP B 655 -12.01 19.68 -18.60
N TRP B 656 -11.64 19.46 -17.33
CA TRP B 656 -12.60 19.47 -16.23
C TRP B 656 -13.33 20.81 -16.17
N PHE B 657 -12.57 21.90 -16.09
CA PHE B 657 -13.23 23.20 -16.00
C PHE B 657 -13.93 23.59 -17.29
N ARG B 658 -13.37 23.23 -18.45
CA ARG B 658 -14.08 23.47 -19.70
C ARG B 658 -15.43 22.77 -19.70
N PHE B 659 -15.47 21.53 -19.21
CA PHE B 659 -16.71 20.79 -19.15
C PHE B 659 -17.71 21.45 -18.19
N TRP B 660 -17.31 21.69 -16.95
CA TRP B 660 -18.30 22.15 -15.97
C TRP B 660 -18.60 23.64 -16.10
N LEU B 661 -17.63 24.44 -16.53
CA LEU B 661 -17.82 25.89 -16.47
C LEU B 661 -18.11 26.53 -17.82
N MET B 662 -17.87 25.81 -18.93
CA MET B 662 -18.20 26.27 -20.27
C MET B 662 -19.16 25.37 -21.04
N ASP B 663 -19.57 24.22 -20.49
CA ASP B 663 -20.38 23.22 -21.22
C ASP B 663 -19.70 22.78 -22.52
N GLN B 664 -18.37 22.79 -22.53
CA GLN B 664 -17.59 22.47 -23.71
C GLN B 664 -16.82 21.18 -23.49
N SER B 665 -16.72 20.35 -24.52
CA SER B 665 -15.92 19.14 -24.46
C SER B 665 -14.98 19.09 -25.65
N ASP B 666 -13.88 18.40 -25.48
CA ASP B 666 -12.93 18.19 -26.57
C ASP B 666 -13.39 16.98 -27.38
N PRO B 667 -13.59 17.12 -28.70
CA PRO B 667 -14.14 16.01 -29.49
C PRO B 667 -13.18 14.85 -29.72
N ALA B 668 -11.90 14.98 -29.34
CA ALA B 668 -10.87 13.96 -29.53
C ALA B 668 -11.38 12.56 -29.17
N PRO B 669 -11.27 11.59 -30.10
CA PRO B 669 -11.88 10.28 -29.86
C PRO B 669 -11.38 9.57 -28.62
N ASP B 670 -10.09 9.69 -28.30
CA ASP B 670 -9.50 8.98 -27.17
C ASP B 670 -9.84 9.62 -25.82
N LYS B 671 -10.70 10.63 -25.81
CA LYS B 671 -11.23 11.24 -24.60
C LYS B 671 -12.70 10.95 -24.41
N ALA B 672 -13.33 10.24 -25.36
CA ALA B 672 -14.78 10.01 -25.32
C ALA B 672 -15.18 9.24 -24.07
N ALA B 673 -14.38 8.24 -23.70
CA ALA B 673 -14.65 7.51 -22.47
C ALA B 673 -14.66 8.46 -21.27
N GLN B 674 -13.72 9.41 -21.24
CA GLN B 674 -13.67 10.39 -20.16
C GLN B 674 -14.95 11.20 -20.11
N TYR B 675 -15.41 11.68 -21.27
CA TYR B 675 -16.61 12.52 -21.28
C TYR B 675 -17.90 11.71 -21.08
N ASP B 676 -17.89 10.40 -21.38
CA ASP B 676 -19.02 9.57 -20.95
C ASP B 676 -19.11 9.55 -19.43
N ARG B 677 -17.97 9.33 -18.76
CA ARG B 677 -17.88 9.42 -17.32
C ARG B 677 -18.39 10.76 -16.79
N TRP B 678 -17.93 11.86 -17.38
CA TRP B 678 -18.31 13.16 -16.81
C TRP B 678 -19.77 13.51 -17.15
N ARG B 679 -20.27 13.09 -18.31
CA ARG B 679 -21.70 13.27 -18.57
C ARG B 679 -22.54 12.49 -17.56
N ALA B 680 -22.04 11.34 -17.12
CA ALA B 680 -22.74 10.57 -16.08
C ALA B 680 -22.72 11.29 -14.74
N LEU B 681 -21.59 11.95 -14.42
CA LEU B 681 -21.52 12.76 -13.20
C LEU B 681 -22.51 13.90 -13.26
N ARG B 682 -22.61 14.55 -14.42
CA ARG B 682 -23.59 15.62 -14.57
C ARG B 682 -24.99 15.10 -14.39
N ALA B 683 -25.24 13.85 -14.78
CA ALA B 683 -26.58 13.29 -14.67
C ALA B 683 -26.94 13.01 -13.23
N LEU B 684 -25.96 12.67 -12.40
CA LEU B 684 -26.27 12.44 -10.99
C LEU B 684 -26.83 13.68 -10.31
N ARG B 685 -26.55 14.87 -10.83
CA ARG B 685 -26.88 16.09 -10.13
C ARG B 685 -28.36 16.46 -10.19
N GLN B 686 -29.18 15.65 -10.84
CA GLN B 686 -30.62 15.92 -10.92
C GLN B 686 -31.42 15.02 -9.98
#